data_1AZ8
# 
_entry.id   1AZ8 
# 
_audit_conform.dict_name       mmcif_pdbx.dic 
_audit_conform.dict_version    5.397 
_audit_conform.dict_location   http://mmcif.pdb.org/dictionaries/ascii/mmcif_pdbx.dic 
# 
loop_
_database_2.database_id 
_database_2.database_code 
_database_2.pdbx_database_accession 
_database_2.pdbx_DOI 
PDB   1AZ8         pdb_00001az8 10.2210/pdb1az8/pdb 
WWPDB D_1000171435 ?            ?                   
# 
loop_
_pdbx_audit_revision_history.ordinal 
_pdbx_audit_revision_history.data_content_type 
_pdbx_audit_revision_history.major_revision 
_pdbx_audit_revision_history.minor_revision 
_pdbx_audit_revision_history.revision_date 
1 'Structure model' 1 0 1999-01-13 
2 'Structure model' 1 1 2008-03-24 
3 'Structure model' 1 2 2011-07-13 
4 'Structure model' 1 3 2024-06-05 
5 'Structure model' 1 4 2024-10-23 
# 
_pdbx_audit_revision_details.ordinal             1 
_pdbx_audit_revision_details.revision_ordinal    1 
_pdbx_audit_revision_details.data_content_type   'Structure model' 
_pdbx_audit_revision_details.provider            repository 
_pdbx_audit_revision_details.type                'Initial release' 
_pdbx_audit_revision_details.description         ? 
_pdbx_audit_revision_details.details             ? 
# 
loop_
_pdbx_audit_revision_group.ordinal 
_pdbx_audit_revision_group.revision_ordinal 
_pdbx_audit_revision_group.data_content_type 
_pdbx_audit_revision_group.group 
1 2 'Structure model' 'Version format compliance' 
2 3 'Structure model' 'Version format compliance' 
3 4 'Structure model' 'Data collection'           
4 4 'Structure model' 'Database references'       
5 4 'Structure model' 'Derived calculations'      
6 4 'Structure model' Other                       
7 5 'Structure model' 'Structure summary'         
# 
loop_
_pdbx_audit_revision_category.ordinal 
_pdbx_audit_revision_category.revision_ordinal 
_pdbx_audit_revision_category.data_content_type 
_pdbx_audit_revision_category.category 
1 4 'Structure model' chem_comp_atom            
2 4 'Structure model' chem_comp_bond            
3 4 'Structure model' database_2                
4 4 'Structure model' pdbx_database_status      
5 4 'Structure model' struct_site               
6 5 'Structure model' pdbx_entry_details        
7 5 'Structure model' pdbx_modification_feature 
# 
loop_
_pdbx_audit_revision_item.ordinal 
_pdbx_audit_revision_item.revision_ordinal 
_pdbx_audit_revision_item.data_content_type 
_pdbx_audit_revision_item.item 
1 4 'Structure model' '_database_2.pdbx_DOI'                
2 4 'Structure model' '_database_2.pdbx_database_accession' 
3 4 'Structure model' '_pdbx_database_status.process_site'  
4 4 'Structure model' '_struct_site.pdbx_auth_asym_id'      
5 4 'Structure model' '_struct_site.pdbx_auth_comp_id'      
6 4 'Structure model' '_struct_site.pdbx_auth_seq_id'       
# 
_pdbx_database_status.status_code                     REL 
_pdbx_database_status.entry_id                        1AZ8 
_pdbx_database_status.recvd_initial_deposition_date   1997-11-26 
_pdbx_database_status.deposit_site                    ? 
_pdbx_database_status.process_site                    BNL 
_pdbx_database_status.SG_entry                        . 
_pdbx_database_status.pdb_format_compatible           Y 
_pdbx_database_status.status_code_mr                  ? 
_pdbx_database_status.status_code_sf                  ? 
_pdbx_database_status.status_code_cs                  ? 
_pdbx_database_status.status_code_nmr_data            ? 
_pdbx_database_status.methods_development_category    ? 
# 
loop_
_audit_author.name 
_audit_author.pdbx_ordinal 
'Alexander, R.' 1 
'Smallwood, A.' 2 
# 
loop_
_citation.id 
_citation.title 
_citation.journal_abbrev 
_citation.journal_volume 
_citation.page_first 
_citation.page_last 
_citation.year 
_citation.journal_id_ASTM 
_citation.country 
_citation.journal_id_ISSN 
_citation.journal_id_CSD 
_citation.book_publisher 
_citation.pdbx_database_id_PubMed 
_citation.pdbx_database_id_DOI 
primary 'Unexpected Binding Mode of a Bis-Phenylamidine Factor Xa Inhibitor Complexed to Bovine Trypsin' 'To be Published' ?   ?   
? ?    ?      ?  ?         0353 ? ? ? 
1       
;Crystal Structures of Factor Xa Specific Inhibitors in Complex with Trypsin: Structural Grounds for Inhibition of Factor Xa and Selectivity Against Thrombin
;
'FEBS Lett.'      375 103 ? 1995 FEBLAL NE 0014-5793 0165 ? ? ? 
2       'The Single Calcium-Binding Site of Crystallin Bovin Beta-Trypsin' 'FEBS Lett.'      56  139 ? 1975 FEBLAL NE 0014-5793 
0165 ? ? ? 
3       
;The Refined Crystal Structure of Bovine Beta-Trypsin at 1.8 A Resolution. I. Crystallization, Data Collection and Application of Patterson Search Technique
;
J.Mol.Biol.       98  683 ? 1975 JMOBAK UK 0022-2836 0070 ? ? ? 
# 
loop_
_citation_author.citation_id 
_citation_author.name 
_citation_author.ordinal 
_citation_author.identifier_ORCID 
primary 'Alexander, R.'  1  ? 
primary 'Maduskuie, T.'  2  ? 
primary 'Mcnamara, K.'   3  ? 
primary 'Smallwood, A.'  4  ? 
primary 'Wei, A.'        5  ? 
primary 'Stouten, P.'    6  ? 
1       'Stubbs, M.T.'   7  ? 
1       'Huber, R.'      8  ? 
1       'Bode, W.'       9  ? 
2       'Bode, W.'       10 ? 
2       'Schwager, P.'   11 ? 
3       'Fehlhammer, H.' 12 ? 
3       'Bode, W.'       13 ? 
# 
loop_
_entity.id 
_entity.type 
_entity.src_method 
_entity.pdbx_description 
_entity.formula_weight 
_entity.pdbx_number_of_molecules 
_entity.pdbx_ec 
_entity.pdbx_mutation 
_entity.pdbx_fragment 
_entity.details 
1 polymer     nat TRYPSIN                                                                             23324.287 1  3.4.21.4 ? ? ? 
2 non-polymer syn '+/-METHYL 4-(AMINOIMINOMETHYL)-BETA-[3- INH (AMINOIMINO)PHENYL]BENZENE PENTANOATE' 352.430   1  ?        ? ? ? 
3 water       nat water                                                                               18.015    69 ?        ? ? ? 
# 
_entity_poly.entity_id                      1 
_entity_poly.type                           'polypeptide(L)' 
_entity_poly.nstd_linkage                   no 
_entity_poly.nstd_monomer                   no 
_entity_poly.pdbx_seq_one_letter_code       
;IVGGYTCGANTVPYQVSLNSGYHFCGGSLINSQWVVSAAHCYKSGIQVRLGEDNINVVEGNEQFISASKSIVHPSYNSNT
LNNDIMLIKLKSAASLNSRVASISLPTSCASAGTQCLISGWGNTKSSGTSYPDVLKCLKAPILSDSSCKSAYPGQITSNM
FCAGYLEGGKDSCQGDSGGPVVCSGKLQGIVSWGSGCAQKNKPGVYTKVCNYVSWIKQTIASN
;
_entity_poly.pdbx_seq_one_letter_code_can   
;IVGGYTCGANTVPYQVSLNSGYHFCGGSLINSQWVVSAAHCYKSGIQVRLGEDNINVVEGNEQFISASKSIVHPSYNSNT
LNNDIMLIKLKSAASLNSRVASISLPTSCASAGTQCLISGWGNTKSSGTSYPDVLKCLKAPILSDSSCKSAYPGQITSNM
FCAGYLEGGKDSCQGDSGGPVVCSGKLQGIVSWGSGCAQKNKPGVYTKVCNYVSWIKQTIASN
;
_entity_poly.pdbx_strand_id                 A 
_entity_poly.pdbx_target_identifier         ? 
# 
loop_
_pdbx_entity_nonpoly.entity_id 
_pdbx_entity_nonpoly.name 
_pdbx_entity_nonpoly.comp_id 
2 '+/-METHYL 4-(AMINOIMINOMETHYL)-BETA-[3- INH (AMINOIMINO)PHENYL]BENZENE PENTANOATE' IN4 
3 water                                                                               HOH 
# 
loop_
_entity_poly_seq.entity_id 
_entity_poly_seq.num 
_entity_poly_seq.mon_id 
_entity_poly_seq.hetero 
1 1   ILE n 
1 2   VAL n 
1 3   GLY n 
1 4   GLY n 
1 5   TYR n 
1 6   THR n 
1 7   CYS n 
1 8   GLY n 
1 9   ALA n 
1 10  ASN n 
1 11  THR n 
1 12  VAL n 
1 13  PRO n 
1 14  TYR n 
1 15  GLN n 
1 16  VAL n 
1 17  SER n 
1 18  LEU n 
1 19  ASN n 
1 20  SER n 
1 21  GLY n 
1 22  TYR n 
1 23  HIS n 
1 24  PHE n 
1 25  CYS n 
1 26  GLY n 
1 27  GLY n 
1 28  SER n 
1 29  LEU n 
1 30  ILE n 
1 31  ASN n 
1 32  SER n 
1 33  GLN n 
1 34  TRP n 
1 35  VAL n 
1 36  VAL n 
1 37  SER n 
1 38  ALA n 
1 39  ALA n 
1 40  HIS n 
1 41  CYS n 
1 42  TYR n 
1 43  LYS n 
1 44  SER n 
1 45  GLY n 
1 46  ILE n 
1 47  GLN n 
1 48  VAL n 
1 49  ARG n 
1 50  LEU n 
1 51  GLY n 
1 52  GLU n 
1 53  ASP n 
1 54  ASN n 
1 55  ILE n 
1 56  ASN n 
1 57  VAL n 
1 58  VAL n 
1 59  GLU n 
1 60  GLY n 
1 61  ASN n 
1 62  GLU n 
1 63  GLN n 
1 64  PHE n 
1 65  ILE n 
1 66  SER n 
1 67  ALA n 
1 68  SER n 
1 69  LYS n 
1 70  SER n 
1 71  ILE n 
1 72  VAL n 
1 73  HIS n 
1 74  PRO n 
1 75  SER n 
1 76  TYR n 
1 77  ASN n 
1 78  SER n 
1 79  ASN n 
1 80  THR n 
1 81  LEU n 
1 82  ASN n 
1 83  ASN n 
1 84  ASP n 
1 85  ILE n 
1 86  MET n 
1 87  LEU n 
1 88  ILE n 
1 89  LYS n 
1 90  LEU n 
1 91  LYS n 
1 92  SER n 
1 93  ALA n 
1 94  ALA n 
1 95  SER n 
1 96  LEU n 
1 97  ASN n 
1 98  SER n 
1 99  ARG n 
1 100 VAL n 
1 101 ALA n 
1 102 SER n 
1 103 ILE n 
1 104 SER n 
1 105 LEU n 
1 106 PRO n 
1 107 THR n 
1 108 SER n 
1 109 CYS n 
1 110 ALA n 
1 111 SER n 
1 112 ALA n 
1 113 GLY n 
1 114 THR n 
1 115 GLN n 
1 116 CYS n 
1 117 LEU n 
1 118 ILE n 
1 119 SER n 
1 120 GLY n 
1 121 TRP n 
1 122 GLY n 
1 123 ASN n 
1 124 THR n 
1 125 LYS n 
1 126 SER n 
1 127 SER n 
1 128 GLY n 
1 129 THR n 
1 130 SER n 
1 131 TYR n 
1 132 PRO n 
1 133 ASP n 
1 134 VAL n 
1 135 LEU n 
1 136 LYS n 
1 137 CYS n 
1 138 LEU n 
1 139 LYS n 
1 140 ALA n 
1 141 PRO n 
1 142 ILE n 
1 143 LEU n 
1 144 SER n 
1 145 ASP n 
1 146 SER n 
1 147 SER n 
1 148 CYS n 
1 149 LYS n 
1 150 SER n 
1 151 ALA n 
1 152 TYR n 
1 153 PRO n 
1 154 GLY n 
1 155 GLN n 
1 156 ILE n 
1 157 THR n 
1 158 SER n 
1 159 ASN n 
1 160 MET n 
1 161 PHE n 
1 162 CYS n 
1 163 ALA n 
1 164 GLY n 
1 165 TYR n 
1 166 LEU n 
1 167 GLU n 
1 168 GLY n 
1 169 GLY n 
1 170 LYS n 
1 171 ASP n 
1 172 SER n 
1 173 CYS n 
1 174 GLN n 
1 175 GLY n 
1 176 ASP n 
1 177 SER n 
1 178 GLY n 
1 179 GLY n 
1 180 PRO n 
1 181 VAL n 
1 182 VAL n 
1 183 CYS n 
1 184 SER n 
1 185 GLY n 
1 186 LYS n 
1 187 LEU n 
1 188 GLN n 
1 189 GLY n 
1 190 ILE n 
1 191 VAL n 
1 192 SER n 
1 193 TRP n 
1 194 GLY n 
1 195 SER n 
1 196 GLY n 
1 197 CYS n 
1 198 ALA n 
1 199 GLN n 
1 200 LYS n 
1 201 ASN n 
1 202 LYS n 
1 203 PRO n 
1 204 GLY n 
1 205 VAL n 
1 206 TYR n 
1 207 THR n 
1 208 LYS n 
1 209 VAL n 
1 210 CYS n 
1 211 ASN n 
1 212 TYR n 
1 213 VAL n 
1 214 SER n 
1 215 TRP n 
1 216 ILE n 
1 217 LYS n 
1 218 GLN n 
1 219 THR n 
1 220 ILE n 
1 221 ALA n 
1 222 SER n 
1 223 ASN n 
# 
_entity_src_nat.entity_id                  1 
_entity_src_nat.pdbx_src_id                1 
_entity_src_nat.pdbx_alt_source_flag       sample 
_entity_src_nat.pdbx_beg_seq_num           ? 
_entity_src_nat.pdbx_end_seq_num           ? 
_entity_src_nat.common_name                cattle 
_entity_src_nat.pdbx_organism_scientific   'Bos taurus' 
_entity_src_nat.pdbx_ncbi_taxonomy_id      9913 
_entity_src_nat.genus                      Bos 
_entity_src_nat.species                    ? 
_entity_src_nat.strain                     ? 
_entity_src_nat.tissue                     ? 
_entity_src_nat.tissue_fraction            ? 
_entity_src_nat.pdbx_secretion             ? 
_entity_src_nat.pdbx_fragment              ? 
_entity_src_nat.pdbx_variant               ? 
_entity_src_nat.pdbx_cell_line             ? 
_entity_src_nat.pdbx_atcc                  ? 
_entity_src_nat.pdbx_cellular_location     ? 
_entity_src_nat.pdbx_organ                 PANCREAS 
_entity_src_nat.pdbx_organelle             ? 
_entity_src_nat.pdbx_cell                  ? 
_entity_src_nat.pdbx_plasmid_name          ? 
_entity_src_nat.pdbx_plasmid_details       ? 
_entity_src_nat.details                    ? 
# 
loop_
_chem_comp.id 
_chem_comp.type 
_chem_comp.mon_nstd_flag 
_chem_comp.name 
_chem_comp.pdbx_synonyms 
_chem_comp.formula 
_chem_comp.formula_weight 
ALA 'L-peptide linking' y ALANINE                                                                             ? 'C3 H7 N O2'     
89.093  
ARG 'L-peptide linking' y ARGININE                                                                            ? 'C6 H15 N4 O2 1' 
175.209 
ASN 'L-peptide linking' y ASPARAGINE                                                                          ? 'C4 H8 N2 O3'    
132.118 
ASP 'L-peptide linking' y 'ASPARTIC ACID'                                                                     ? 'C4 H7 N O4'     
133.103 
CYS 'L-peptide linking' y CYSTEINE                                                                            ? 'C3 H7 N O2 S'   
121.158 
GLN 'L-peptide linking' y GLUTAMINE                                                                           ? 'C5 H10 N2 O3'   
146.144 
GLU 'L-peptide linking' y 'GLUTAMIC ACID'                                                                     ? 'C5 H9 N O4'     
147.129 
GLY 'peptide linking'   y GLYCINE                                                                             ? 'C2 H5 N O2'     
75.067  
HIS 'L-peptide linking' y HISTIDINE                                                                           ? 'C6 H10 N3 O2 1' 
156.162 
HOH non-polymer         . WATER                                                                               ? 'H2 O'           
18.015  
ILE 'L-peptide linking' y ISOLEUCINE                                                                          ? 'C6 H13 N O2'    
131.173 
IN4 non-polymer         . '+/-METHYL 4-(AMINOIMINOMETHYL)-BETA-[3- INH (AMINOIMINO)PHENYL]BENZENE PENTANOATE' ? 'C20 H24 N4 O2'  
352.430 
LEU 'L-peptide linking' y LEUCINE                                                                             ? 'C6 H13 N O2'    
131.173 
LYS 'L-peptide linking' y LYSINE                                                                              ? 'C6 H15 N2 O2 1' 
147.195 
MET 'L-peptide linking' y METHIONINE                                                                          ? 'C5 H11 N O2 S'  
149.211 
PHE 'L-peptide linking' y PHENYLALANINE                                                                       ? 'C9 H11 N O2'    
165.189 
PRO 'L-peptide linking' y PROLINE                                                                             ? 'C5 H9 N O2'     
115.130 
SER 'L-peptide linking' y SERINE                                                                              ? 'C3 H7 N O3'     
105.093 
THR 'L-peptide linking' y THREONINE                                                                           ? 'C4 H9 N O3'     
119.119 
TRP 'L-peptide linking' y TRYPTOPHAN                                                                          ? 'C11 H12 N2 O2'  
204.225 
TYR 'L-peptide linking' y TYROSINE                                                                            ? 'C9 H11 N O3'    
181.189 
VAL 'L-peptide linking' y VALINE                                                                              ? 'C5 H11 N O2'    
117.146 
# 
loop_
_pdbx_poly_seq_scheme.asym_id 
_pdbx_poly_seq_scheme.entity_id 
_pdbx_poly_seq_scheme.seq_id 
_pdbx_poly_seq_scheme.mon_id 
_pdbx_poly_seq_scheme.ndb_seq_num 
_pdbx_poly_seq_scheme.pdb_seq_num 
_pdbx_poly_seq_scheme.auth_seq_num 
_pdbx_poly_seq_scheme.pdb_mon_id 
_pdbx_poly_seq_scheme.auth_mon_id 
_pdbx_poly_seq_scheme.pdb_strand_id 
_pdbx_poly_seq_scheme.pdb_ins_code 
_pdbx_poly_seq_scheme.hetero 
A 1 1   ILE 1   16  16  ILE ILE A . n 
A 1 2   VAL 2   17  17  VAL VAL A . n 
A 1 3   GLY 3   18  18  GLY GLY A . n 
A 1 4   GLY 4   19  19  GLY GLY A . n 
A 1 5   TYR 5   20  20  TYR TYR A . n 
A 1 6   THR 6   21  21  THR THR A . n 
A 1 7   CYS 7   22  22  CYS CYS A . n 
A 1 8   GLY 8   23  23  GLY GLY A . n 
A 1 9   ALA 9   24  24  ALA ALA A . n 
A 1 10  ASN 10  25  25  ASN ASN A . n 
A 1 11  THR 11  26  26  THR THR A . n 
A 1 12  VAL 12  27  27  VAL VAL A . n 
A 1 13  PRO 13  28  28  PRO PRO A . n 
A 1 14  TYR 14  29  29  TYR TYR A . n 
A 1 15  GLN 15  30  30  GLN GLN A . n 
A 1 16  VAL 16  31  31  VAL VAL A . n 
A 1 17  SER 17  32  32  SER SER A . n 
A 1 18  LEU 18  33  33  LEU LEU A . n 
A 1 19  ASN 19  34  34  ASN ASN A . n 
A 1 20  SER 20  37  37  SER SER A . n 
A 1 21  GLY 21  38  38  GLY GLY A . n 
A 1 22  TYR 22  39  39  TYR TYR A . n 
A 1 23  HIS 23  40  40  HIS HIS A . n 
A 1 24  PHE 24  41  41  PHE PHE A . n 
A 1 25  CYS 25  42  42  CYS CYS A . n 
A 1 26  GLY 26  43  43  GLY GLY A . n 
A 1 27  GLY 27  44  44  GLY GLY A . n 
A 1 28  SER 28  45  45  SER SER A . n 
A 1 29  LEU 29  46  46  LEU LEU A . n 
A 1 30  ILE 30  47  47  ILE ILE A . n 
A 1 31  ASN 31  48  48  ASN ASN A . n 
A 1 32  SER 32  49  49  SER SER A . n 
A 1 33  GLN 33  50  50  GLN GLN A . n 
A 1 34  TRP 34  51  51  TRP TRP A . n 
A 1 35  VAL 35  52  52  VAL VAL A . n 
A 1 36  VAL 36  53  53  VAL VAL A . n 
A 1 37  SER 37  54  54  SER SER A . n 
A 1 38  ALA 38  55  55  ALA ALA A . n 
A 1 39  ALA 39  56  56  ALA ALA A . n 
A 1 40  HIS 40  57  57  HIS HIS A . n 
A 1 41  CYS 41  58  58  CYS CYS A . n 
A 1 42  TYR 42  59  59  TYR TYR A . n 
A 1 43  LYS 43  60  60  LYS LYS A . n 
A 1 44  SER 44  61  61  SER SER A . n 
A 1 45  GLY 45  62  62  GLY GLY A . n 
A 1 46  ILE 46  63  63  ILE ILE A . n 
A 1 47  GLN 47  64  64  GLN GLN A . n 
A 1 48  VAL 48  65  65  VAL VAL A . n 
A 1 49  ARG 49  65  65  ARG ARG A A n 
A 1 50  LEU 50  66  66  LEU LEU A . n 
A 1 51  GLY 51  69  69  GLY GLY A . n 
A 1 52  GLU 52  70  70  GLU GLU A . n 
A 1 53  ASP 53  71  71  ASP ASP A . n 
A 1 54  ASN 54  72  72  ASN ASN A . n 
A 1 55  ILE 55  73  73  ILE ILE A . n 
A 1 56  ASN 56  74  74  ASN ASN A . n 
A 1 57  VAL 57  75  75  VAL VAL A . n 
A 1 58  VAL 58  76  76  VAL VAL A . n 
A 1 59  GLU 59  77  77  GLU GLU A . n 
A 1 60  GLY 60  78  78  GLY GLY A . n 
A 1 61  ASN 61  79  79  ASN ASN A . n 
A 1 62  GLU 62  80  80  GLU GLU A . n 
A 1 63  GLN 63  81  81  GLN GLN A . n 
A 1 64  PHE 64  82  82  PHE PHE A . n 
A 1 65  ILE 65  83  83  ILE ILE A . n 
A 1 66  SER 66  84  84  SER SER A . n 
A 1 67  ALA 67  85  85  ALA ALA A . n 
A 1 68  SER 68  86  86  SER SER A . n 
A 1 69  LYS 69  87  87  LYS LYS A . n 
A 1 70  SER 70  88  88  SER SER A . n 
A 1 71  ILE 71  89  89  ILE ILE A . n 
A 1 72  VAL 72  90  90  VAL VAL A . n 
A 1 73  HIS 73  91  91  HIS HIS A . n 
A 1 74  PRO 74  92  92  PRO PRO A . n 
A 1 75  SER 75  93  93  SER SER A . n 
A 1 76  TYR 76  94  94  TYR TYR A . n 
A 1 77  ASN 77  95  95  ASN ASN A . n 
A 1 78  SER 78  96  96  SER SER A . n 
A 1 79  ASN 79  97  97  ASN ASN A . n 
A 1 80  THR 80  98  98  THR THR A . n 
A 1 81  LEU 81  99  99  LEU LEU A . n 
A 1 82  ASN 82  100 100 ASN ASN A . n 
A 1 83  ASN 83  101 101 ASN ASN A . n 
A 1 84  ASP 84  102 102 ASP ASP A . n 
A 1 85  ILE 85  103 103 ILE ILE A . n 
A 1 86  MET 86  104 104 MET MET A . n 
A 1 87  LEU 87  105 105 LEU LEU A . n 
A 1 88  ILE 88  106 106 ILE ILE A . n 
A 1 89  LYS 89  107 107 LYS LYS A . n 
A 1 90  LEU 90  108 108 LEU LEU A . n 
A 1 91  LYS 91  109 109 LYS LYS A . n 
A 1 92  SER 92  110 110 SER SER A . n 
A 1 93  ALA 93  111 111 ALA ALA A . n 
A 1 94  ALA 94  112 112 ALA ALA A . n 
A 1 95  SER 95  113 113 SER SER A . n 
A 1 96  LEU 96  114 114 LEU LEU A . n 
A 1 97  ASN 97  115 115 ASN ASN A . n 
A 1 98  SER 98  116 116 SER SER A . n 
A 1 99  ARG 99  117 117 ARG ARG A . n 
A 1 100 VAL 100 118 118 VAL VAL A . n 
A 1 101 ALA 101 119 119 ALA ALA A . n 
A 1 102 SER 102 120 120 SER SER A . n 
A 1 103 ILE 103 121 121 ILE ILE A . n 
A 1 104 SER 104 122 122 SER SER A . n 
A 1 105 LEU 105 123 123 LEU LEU A . n 
A 1 106 PRO 106 124 124 PRO PRO A . n 
A 1 107 THR 107 125 125 THR THR A . n 
A 1 108 SER 108 127 127 SER SER A . n 
A 1 109 CYS 109 128 128 CYS CYS A . n 
A 1 110 ALA 110 129 129 ALA ALA A . n 
A 1 111 SER 111 130 130 SER SER A . n 
A 1 112 ALA 112 132 132 ALA ALA A . n 
A 1 113 GLY 113 133 133 GLY GLY A . n 
A 1 114 THR 114 134 134 THR THR A . n 
A 1 115 GLN 115 135 135 GLN GLN A . n 
A 1 116 CYS 116 136 136 CYS CYS A . n 
A 1 117 LEU 117 137 137 LEU LEU A . n 
A 1 118 ILE 118 138 138 ILE ILE A . n 
A 1 119 SER 119 139 139 SER SER A . n 
A 1 120 GLY 120 140 140 GLY GLY A . n 
A 1 121 TRP 121 141 141 TRP TRP A . n 
A 1 122 GLY 122 142 142 GLY GLY A . n 
A 1 123 ASN 123 143 143 ASN ASN A . n 
A 1 124 THR 124 144 144 THR THR A . n 
A 1 125 LYS 125 145 145 LYS LYS A . n 
A 1 126 SER 126 146 146 SER SER A . n 
A 1 127 SER 127 147 147 SER SER A . n 
A 1 128 GLY 128 148 148 GLY GLY A . n 
A 1 129 THR 129 149 149 THR THR A . n 
A 1 130 SER 130 150 150 SER SER A . n 
A 1 131 TYR 131 151 151 TYR TYR A . n 
A 1 132 PRO 132 152 152 PRO PRO A . n 
A 1 133 ASP 133 153 153 ASP ASP A . n 
A 1 134 VAL 134 154 154 VAL VAL A . n 
A 1 135 LEU 135 155 155 LEU LEU A . n 
A 1 136 LYS 136 156 156 LYS LYS A . n 
A 1 137 CYS 137 157 157 CYS CYS A . n 
A 1 138 LEU 138 158 158 LEU LEU A . n 
A 1 139 LYS 139 159 159 LYS LYS A . n 
A 1 140 ALA 140 160 160 ALA ALA A . n 
A 1 141 PRO 141 161 161 PRO PRO A . n 
A 1 142 ILE 142 162 162 ILE ILE A . n 
A 1 143 LEU 143 163 163 LEU LEU A . n 
A 1 144 SER 144 164 164 SER SER A . n 
A 1 145 ASP 145 165 165 ASP ASP A . n 
A 1 146 SER 146 166 166 SER SER A . n 
A 1 147 SER 147 167 167 SER SER A . n 
A 1 148 CYS 148 168 168 CYS CYS A . n 
A 1 149 LYS 149 169 169 LYS LYS A . n 
A 1 150 SER 150 170 170 SER SER A . n 
A 1 151 ALA 151 171 171 ALA ALA A . n 
A 1 152 TYR 152 172 172 TYR TYR A . n 
A 1 153 PRO 153 173 173 PRO PRO A . n 
A 1 154 GLY 154 174 174 GLY GLY A . n 
A 1 155 GLN 155 175 175 GLN GLN A . n 
A 1 156 ILE 156 176 176 ILE ILE A . n 
A 1 157 THR 157 177 177 THR THR A . n 
A 1 158 SER 158 178 178 SER SER A . n 
A 1 159 ASN 159 179 179 ASN ASN A . n 
A 1 160 MET 160 180 180 MET MET A . n 
A 1 161 PHE 161 181 181 PHE PHE A . n 
A 1 162 CYS 162 182 182 CYS CYS A . n 
A 1 163 ALA 163 183 183 ALA ALA A . n 
A 1 164 GLY 164 184 184 GLY GLY A . n 
A 1 165 TYR 165 184 184 TYR TYR A A n 
A 1 166 LEU 166 185 185 LEU LEU A . n 
A 1 167 GLU 167 186 186 GLU GLU A . n 
A 1 168 GLY 168 187 187 GLY GLY A . n 
A 1 169 GLY 169 188 188 GLY GLY A . n 
A 1 170 LYS 170 188 188 LYS LYS A A n 
A 1 171 ASP 171 189 189 ASP ASP A . n 
A 1 172 SER 172 190 190 SER SER A . n 
A 1 173 CYS 173 191 191 CYS CYS A . n 
A 1 174 GLN 174 192 192 GLN GLN A . n 
A 1 175 GLY 175 193 193 GLY GLY A . n 
A 1 176 ASP 176 194 194 ASP ASP A . n 
A 1 177 SER 177 195 195 SER SER A . n 
A 1 178 GLY 178 196 196 GLY GLY A . n 
A 1 179 GLY 179 197 197 GLY GLY A . n 
A 1 180 PRO 180 198 198 PRO PRO A . n 
A 1 181 VAL 181 199 199 VAL VAL A . n 
A 1 182 VAL 182 200 200 VAL VAL A . n 
A 1 183 CYS 183 201 201 CYS CYS A . n 
A 1 184 SER 184 202 202 SER SER A . n 
A 1 185 GLY 185 203 203 GLY GLY A . n 
A 1 186 LYS 186 204 204 LYS LYS A . n 
A 1 187 LEU 187 209 209 LEU LEU A . n 
A 1 188 GLN 188 210 210 GLN GLN A . n 
A 1 189 GLY 189 211 211 GLY GLY A . n 
A 1 190 ILE 190 212 212 ILE ILE A . n 
A 1 191 VAL 191 213 213 VAL VAL A . n 
A 1 192 SER 192 214 214 SER SER A . n 
A 1 193 TRP 193 215 215 TRP TRP A . n 
A 1 194 GLY 194 216 216 GLY GLY A . n 
A 1 195 SER 195 217 217 SER SER A . n 
A 1 196 GLY 196 219 219 GLY GLY A . n 
A 1 197 CYS 197 220 220 CYS CYS A . n 
A 1 198 ALA 198 221 221 ALA ALA A . n 
A 1 199 GLN 199 221 221 GLN GLN A A n 
A 1 200 LYS 200 222 222 LYS LYS A . n 
A 1 201 ASN 201 223 223 ASN ASN A . n 
A 1 202 LYS 202 224 224 LYS LYS A . n 
A 1 203 PRO 203 225 225 PRO PRO A . n 
A 1 204 GLY 204 226 226 GLY GLY A . n 
A 1 205 VAL 205 227 227 VAL VAL A . n 
A 1 206 TYR 206 228 228 TYR TYR A . n 
A 1 207 THR 207 229 229 THR THR A . n 
A 1 208 LYS 208 230 230 LYS LYS A . n 
A 1 209 VAL 209 231 231 VAL VAL A . n 
A 1 210 CYS 210 232 232 CYS CYS A . n 
A 1 211 ASN 211 233 233 ASN ASN A . n 
A 1 212 TYR 212 234 234 TYR TYR A . n 
A 1 213 VAL 213 235 235 VAL VAL A . n 
A 1 214 SER 214 236 236 SER SER A . n 
A 1 215 TRP 215 237 237 TRP TRP A . n 
A 1 216 ILE 216 238 238 ILE ILE A . n 
A 1 217 LYS 217 239 239 LYS LYS A . n 
A 1 218 GLN 218 240 240 GLN GLN A . n 
A 1 219 THR 219 241 241 THR THR A . n 
A 1 220 ILE 220 242 242 ILE ILE A . n 
A 1 221 ALA 221 243 243 ALA ALA A . n 
A 1 222 SER 222 244 244 SER SER A . n 
A 1 223 ASN 223 245 245 ASN ASN A . n 
# 
loop_
_pdbx_nonpoly_scheme.asym_id 
_pdbx_nonpoly_scheme.entity_id 
_pdbx_nonpoly_scheme.mon_id 
_pdbx_nonpoly_scheme.ndb_seq_num 
_pdbx_nonpoly_scheme.pdb_seq_num 
_pdbx_nonpoly_scheme.auth_seq_num 
_pdbx_nonpoly_scheme.pdb_mon_id 
_pdbx_nonpoly_scheme.auth_mon_id 
_pdbx_nonpoly_scheme.pdb_strand_id 
_pdbx_nonpoly_scheme.pdb_ins_code 
B 2 IN4 1  1   1   IN4 IN4 A . 
C 3 HOH 1  601 601 HOH HOH A . 
C 3 HOH 2  602 602 HOH HOH A . 
C 3 HOH 3  603 603 HOH HOH A . 
C 3 HOH 4  604 604 HOH HOH A . 
C 3 HOH 5  605 605 HOH HOH A . 
C 3 HOH 6  606 606 HOH HOH A . 
C 3 HOH 7  607 607 HOH HOH A . 
C 3 HOH 8  608 608 HOH HOH A . 
C 3 HOH 9  609 609 HOH HOH A . 
C 3 HOH 10 610 610 HOH HOH A . 
C 3 HOH 11 611 611 HOH HOH A . 
C 3 HOH 12 612 612 HOH HOH A . 
C 3 HOH 13 613 613 HOH HOH A . 
C 3 HOH 14 614 614 HOH HOH A . 
C 3 HOH 15 615 615 HOH HOH A . 
C 3 HOH 16 616 616 HOH HOH A . 
C 3 HOH 17 617 617 HOH HOH A . 
C 3 HOH 18 618 618 HOH HOH A . 
C 3 HOH 19 619 619 HOH HOH A . 
C 3 HOH 20 620 620 HOH HOH A . 
C 3 HOH 21 621 621 HOH HOH A . 
C 3 HOH 22 622 622 HOH HOH A . 
C 3 HOH 23 623 623 HOH HOH A . 
C 3 HOH 24 624 624 HOH HOH A . 
C 3 HOH 25 625 625 HOH HOH A . 
C 3 HOH 26 626 626 HOH HOH A . 
C 3 HOH 27 627 627 HOH HOH A . 
C 3 HOH 28 628 628 HOH HOH A . 
C 3 HOH 29 629 629 HOH HOH A . 
C 3 HOH 30 630 630 HOH HOH A . 
C 3 HOH 31 631 631 HOH HOH A . 
C 3 HOH 32 632 632 HOH HOH A . 
C 3 HOH 33 633 633 HOH HOH A . 
C 3 HOH 34 634 634 HOH HOH A . 
C 3 HOH 35 635 635 HOH HOH A . 
C 3 HOH 36 636 636 HOH HOH A . 
C 3 HOH 37 637 637 HOH HOH A . 
C 3 HOH 38 638 638 HOH HOH A . 
C 3 HOH 39 639 639 HOH HOH A . 
C 3 HOH 40 640 640 HOH HOH A . 
C 3 HOH 41 641 641 HOH HOH A . 
C 3 HOH 42 642 642 HOH HOH A . 
C 3 HOH 43 643 643 HOH HOH A . 
C 3 HOH 44 644 644 HOH HOH A . 
C 3 HOH 45 645 645 HOH HOH A . 
C 3 HOH 46 646 646 HOH HOH A . 
C 3 HOH 47 647 647 HOH HOH A . 
C 3 HOH 48 648 648 HOH HOH A . 
C 3 HOH 49 649 649 HOH HOH A . 
C 3 HOH 50 650 650 HOH HOH A . 
C 3 HOH 51 651 651 HOH HOH A . 
C 3 HOH 52 652 652 HOH HOH A . 
C 3 HOH 53 653 653 HOH HOH A . 
C 3 HOH 54 654 654 HOH HOH A . 
C 3 HOH 55 655 655 HOH HOH A . 
C 3 HOH 56 656 656 HOH HOH A . 
C 3 HOH 57 657 657 HOH HOH A . 
C 3 HOH 58 658 658 HOH HOH A . 
C 3 HOH 59 659 659 HOH HOH A . 
C 3 HOH 60 660 660 HOH HOH A . 
C 3 HOH 61 661 661 HOH HOH A . 
C 3 HOH 62 662 662 HOH HOH A . 
C 3 HOH 63 663 663 HOH HOH A . 
C 3 HOH 64 664 664 HOH HOH A . 
C 3 HOH 65 665 665 HOH HOH A . 
C 3 HOH 66 666 666 HOH HOH A . 
C 3 HOH 67 667 667 HOH HOH A . 
C 3 HOH 68 668 668 HOH HOH A . 
C 3 HOH 69 669 669 HOH HOH A . 
# 
loop_
_software.name 
_software.classification 
_software.version 
_software.citation_id 
_software.pdbx_ordinal 
R-AXIS 'data collection' .   ? 1 
R-AXIS 'data reduction'  .   ? 2 
X-PLOR 'model building'  3.1 ? 3 
X-PLOR refinement        3.1 ? 4 
R-AXIS 'data scaling'    .   ? 5 
X-PLOR phasing           3.1 ? 6 
# 
_cell.entry_id           1AZ8 
_cell.length_a           54.800 
_cell.length_b           58.700 
_cell.length_c           67.500 
_cell.angle_alpha        90.00 
_cell.angle_beta         90.00 
_cell.angle_gamma        90.00 
_cell.Z_PDB              4 
_cell.pdbx_unique_axis   ? 
# 
_symmetry.entry_id                         1AZ8 
_symmetry.space_group_name_H-M             'P 21 21 21' 
_symmetry.pdbx_full_space_group_name_H-M   ? 
_symmetry.cell_setting                     ? 
_symmetry.Int_Tables_number                19 
# 
_exptl.entry_id          1AZ8 
_exptl.method            'X-RAY DIFFRACTION' 
_exptl.crystals_number   1 
# 
_exptl_crystal.id                    1 
_exptl_crystal.density_meas          ? 
_exptl_crystal.density_Matthews      2.33 
_exptl_crystal.density_percent_sol   47.13 
_exptl_crystal.description           ? 
# 
_exptl_crystal_grow.crystal_id      1 
_exptl_crystal_grow.method          ? 
_exptl_crystal_grow.temp            ? 
_exptl_crystal_grow.temp_details    ? 
_exptl_crystal_grow.pH              8.2 
_exptl_crystal_grow.pdbx_pH_range   ? 
_exptl_crystal_grow.pdbx_details    'pH 8.2' 
# 
_diffrn.id                     1 
_diffrn.ambient_temp           273 
_diffrn.ambient_temp_details   ? 
_diffrn.crystal_id             1 
# 
_diffrn_detector.diffrn_id              1 
_diffrn_detector.detector               'IMAGE PLATE' 
_diffrn_detector.type                   'RIGAKU RAXIS' 
_diffrn_detector.pdbx_collection_date   1995-07 
_diffrn_detector.details                ? 
# 
_diffrn_radiation.diffrn_id                        1 
_diffrn_radiation.wavelength_id                    1 
_diffrn_radiation.pdbx_monochromatic_or_laue_m_l   M 
_diffrn_radiation.monochromator                    'NI FILTER' 
_diffrn_radiation.pdbx_diffrn_protocol             ? 
_diffrn_radiation.pdbx_scattering_type             x-ray 
# 
_diffrn_radiation_wavelength.id           1 
_diffrn_radiation_wavelength.wavelength   1.5418 
_diffrn_radiation_wavelength.wt           1.0 
# 
_diffrn_source.diffrn_id                   1 
_diffrn_source.source                      'ROTATING ANODE' 
_diffrn_source.type                        'RIGAKU RUH2R' 
_diffrn_source.pdbx_synchrotron_site       ? 
_diffrn_source.pdbx_synchrotron_beamline   ? 
_diffrn_source.pdbx_wavelength             1.5418 
_diffrn_source.pdbx_wavelength_list        ? 
# 
_reflns.entry_id                     1AZ8 
_reflns.observed_criterion_sigma_I   1 
_reflns.observed_criterion_sigma_F   ? 
_reflns.d_resolution_low             ? 
_reflns.d_resolution_high            1.8 
_reflns.number_obs                   ? 
_reflns.number_all                   ? 
_reflns.percent_possible_obs         90 
_reflns.pdbx_Rmerge_I_obs            ? 
_reflns.pdbx_Rsym_value              0.062 
_reflns.pdbx_netI_over_sigmaI        ? 
_reflns.B_iso_Wilson_estimate        ? 
_reflns.pdbx_redundancy              ? 
_reflns.pdbx_diffrn_id               1 
_reflns.pdbx_ordinal                 1 
# 
_refine.entry_id                                 1AZ8 
_refine.ls_number_reflns_obs                     ? 
_refine.ls_number_reflns_all                     ? 
_refine.pdbx_ls_sigma_I                          ? 
_refine.pdbx_ls_sigma_F                          1 
_refine.pdbx_data_cutoff_high_absF               ? 
_refine.pdbx_data_cutoff_low_absF                ? 
_refine.pdbx_data_cutoff_high_rms_absF           ? 
_refine.ls_d_res_low                             8 
_refine.ls_d_res_high                            1.8 
_refine.ls_percent_reflns_obs                    90 
_refine.ls_R_factor_obs                          0.188 
_refine.ls_R_factor_all                          ? 
_refine.ls_R_factor_R_work                       0.188 
_refine.ls_R_factor_R_free                       ? 
_refine.ls_R_factor_R_free_error                 ? 
_refine.ls_R_factor_R_free_error_details         ? 
_refine.ls_percent_reflns_R_free                 ? 
_refine.ls_number_reflns_R_free                  ? 
_refine.ls_number_parameters                     ? 
_refine.ls_number_restraints                     ? 
_refine.occupancy_min                            ? 
_refine.occupancy_max                            ? 
_refine.B_iso_mean                               ? 
_refine.aniso_B[1][1]                            ? 
_refine.aniso_B[2][2]                            ? 
_refine.aniso_B[3][3]                            ? 
_refine.aniso_B[1][2]                            ? 
_refine.aniso_B[1][3]                            ? 
_refine.aniso_B[2][3]                            ? 
_refine.solvent_model_details                    ? 
_refine.solvent_model_param_ksol                 ? 
_refine.solvent_model_param_bsol                 ? 
_refine.pdbx_ls_cross_valid_method               ? 
_refine.details                                  ? 
_refine.pdbx_starting_model                      ? 
_refine.pdbx_method_to_determine_struct          DIFFERENCE 
_refine.pdbx_isotropic_thermal_model             ? 
_refine.pdbx_stereochemistry_target_values       ? 
_refine.pdbx_stereochem_target_val_spec_case     ? 
_refine.pdbx_R_Free_selection_details            ? 
_refine.pdbx_overall_ESU_R                       ? 
_refine.pdbx_overall_ESU_R_Free                  ? 
_refine.overall_SU_ML                            ? 
_refine.overall_SU_B                             ? 
_refine.pdbx_refine_id                           'X-RAY DIFFRACTION' 
_refine.pdbx_diffrn_id                           1 
_refine.pdbx_TLS_residual_ADP_flag               ? 
_refine.correlation_coeff_Fo_to_Fc               ? 
_refine.correlation_coeff_Fo_to_Fc_free          ? 
_refine.pdbx_solvent_vdw_probe_radii             ? 
_refine.pdbx_solvent_ion_probe_radii             ? 
_refine.pdbx_solvent_shrinkage_radii             ? 
_refine.pdbx_overall_phase_error                 ? 
_refine.overall_SU_R_Cruickshank_DPI             ? 
_refine.pdbx_overall_SU_R_free_Cruickshank_DPI   ? 
_refine.pdbx_overall_SU_R_Blow_DPI               ? 
_refine.pdbx_overall_SU_R_free_Blow_DPI          ? 
# 
_refine_hist.pdbx_refine_id                   'X-RAY DIFFRACTION' 
_refine_hist.cycle_id                         LAST 
_refine_hist.pdbx_number_atoms_protein        1629 
_refine_hist.pdbx_number_atoms_nucleic_acid   0 
_refine_hist.pdbx_number_atoms_ligand         26 
_refine_hist.number_atoms_solvent             69 
_refine_hist.number_atoms_total               1724 
_refine_hist.d_res_high                       1.8 
_refine_hist.d_res_low                        8 
# 
loop_
_refine_ls_restr.type 
_refine_ls_restr.dev_ideal 
_refine_ls_restr.dev_ideal_target 
_refine_ls_restr.weight 
_refine_ls_restr.number 
_refine_ls_restr.pdbx_refine_id 
_refine_ls_restr.pdbx_restraint_function 
x_bond_d                0.014 ? ? ? 'X-RAY DIFFRACTION' ? 
x_bond_d_na             ?     ? ? ? 'X-RAY DIFFRACTION' ? 
x_bond_d_prot           ?     ? ? ? 'X-RAY DIFFRACTION' ? 
x_angle_d               ?     ? ? ? 'X-RAY DIFFRACTION' ? 
x_angle_d_na            ?     ? ? ? 'X-RAY DIFFRACTION' ? 
x_angle_d_prot          ?     ? ? ? 'X-RAY DIFFRACTION' ? 
x_angle_deg             1.6   ? ? ? 'X-RAY DIFFRACTION' ? 
x_angle_deg_na          ?     ? ? ? 'X-RAY DIFFRACTION' ? 
x_angle_deg_prot        ?     ? ? ? 'X-RAY DIFFRACTION' ? 
x_dihedral_angle_d      ?     ? ? ? 'X-RAY DIFFRACTION' ? 
x_dihedral_angle_d_na   ?     ? ? ? 'X-RAY DIFFRACTION' ? 
x_dihedral_angle_d_prot ?     ? ? ? 'X-RAY DIFFRACTION' ? 
x_improper_angle_d      ?     ? ? ? 'X-RAY DIFFRACTION' ? 
x_improper_angle_d_na   ?     ? ? ? 'X-RAY DIFFRACTION' ? 
x_improper_angle_d_prot ?     ? ? ? 'X-RAY DIFFRACTION' ? 
x_mcbond_it             ?     ? ? ? 'X-RAY DIFFRACTION' ? 
x_mcangle_it            ?     ? ? ? 'X-RAY DIFFRACTION' ? 
x_scbond_it             ?     ? ? ? 'X-RAY DIFFRACTION' ? 
x_scangle_it            ?     ? ? ? 'X-RAY DIFFRACTION' ? 
# 
_struct.entry_id                  1AZ8 
_struct.title                     'BOVINE TRYPSIN COMPLEXED TO BIS-PHENYLAMIDINE INHIBITOR' 
_struct.pdbx_model_details        ? 
_struct.pdbx_CASP_flag            ? 
_struct.pdbx_model_type_details   ? 
# 
_struct_keywords.entry_id        1AZ8 
_struct_keywords.pdbx_keywords   'SERINE PROTEASE' 
_struct_keywords.text            'HYDROLASE, SERINE PROTEINASE, SERINE PROTEASE' 
# 
loop_
_struct_asym.id 
_struct_asym.pdbx_blank_PDB_chainid_flag 
_struct_asym.pdbx_modified 
_struct_asym.entity_id 
_struct_asym.details 
A N N 1 ? 
B N N 2 ? 
C N N 3 ? 
# 
_struct_ref.id                         1 
_struct_ref.db_name                    UNP 
_struct_ref.db_code                    TRY1_BOVIN 
_struct_ref.entity_id                  1 
_struct_ref.pdbx_db_accession          P00760 
_struct_ref.pdbx_align_begin           1 
_struct_ref.pdbx_seq_one_letter_code   
;FIFLALLGAAVAFPVDDDDKIVGGYTCGANTVPYQVSLNSGYHFCGGSLINSQWVVSAAHCYKSGIQVRLGEDNINVVEG
NEQFISASKSIVHPSYNSNTLNNDIMLIKLKSAASLNSRVASISLPTSCASAGTQCLISGWGNTKSSGTSYPDVLKCLKA
PILSDSSCKSAYPGQITSNMFCAGYLEGGKDSCQGDSGGPVVCSGKLQGIVSWGSGCAQKNKPGVYTKVCNYVSWIKQTI
ASN
;
_struct_ref.pdbx_db_isoform            ? 
# 
_struct_ref_seq.align_id                      1 
_struct_ref_seq.ref_id                        1 
_struct_ref_seq.pdbx_PDB_id_code              1AZ8 
_struct_ref_seq.pdbx_strand_id                A 
_struct_ref_seq.seq_align_beg                 1 
_struct_ref_seq.pdbx_seq_align_beg_ins_code   ? 
_struct_ref_seq.seq_align_end                 223 
_struct_ref_seq.pdbx_seq_align_end_ins_code   ? 
_struct_ref_seq.pdbx_db_accession             P00760 
_struct_ref_seq.db_align_beg                  21 
_struct_ref_seq.pdbx_db_align_beg_ins_code    ? 
_struct_ref_seq.db_align_end                  243 
_struct_ref_seq.pdbx_db_align_end_ins_code    ? 
_struct_ref_seq.pdbx_auth_seq_align_beg       16 
_struct_ref_seq.pdbx_auth_seq_align_end       245 
# 
_pdbx_struct_assembly.id                   1 
_pdbx_struct_assembly.details              author_defined_assembly 
_pdbx_struct_assembly.method_details       ? 
_pdbx_struct_assembly.oligomeric_details   monomeric 
_pdbx_struct_assembly.oligomeric_count     1 
# 
_pdbx_struct_assembly_gen.assembly_id       1 
_pdbx_struct_assembly_gen.oper_expression   1 
_pdbx_struct_assembly_gen.asym_id_list      A,B,C 
# 
_pdbx_struct_oper_list.id                   1 
_pdbx_struct_oper_list.type                 'identity operation' 
_pdbx_struct_oper_list.name                 1_555 
_pdbx_struct_oper_list.symmetry_operation   x,y,z 
_pdbx_struct_oper_list.matrix[1][1]         1.0000000000 
_pdbx_struct_oper_list.matrix[1][2]         0.0000000000 
_pdbx_struct_oper_list.matrix[1][3]         0.0000000000 
_pdbx_struct_oper_list.vector[1]            0.0000000000 
_pdbx_struct_oper_list.matrix[2][1]         0.0000000000 
_pdbx_struct_oper_list.matrix[2][2]         1.0000000000 
_pdbx_struct_oper_list.matrix[2][3]         0.0000000000 
_pdbx_struct_oper_list.vector[2]            0.0000000000 
_pdbx_struct_oper_list.matrix[3][1]         0.0000000000 
_pdbx_struct_oper_list.matrix[3][2]         0.0000000000 
_pdbx_struct_oper_list.matrix[3][3]         1.0000000000 
_pdbx_struct_oper_list.vector[3]            0.0000000000 
# 
_struct_biol.id   1 
# 
loop_
_struct_conf.conf_type_id 
_struct_conf.id 
_struct_conf.pdbx_PDB_helix_id 
_struct_conf.beg_label_comp_id 
_struct_conf.beg_label_asym_id 
_struct_conf.beg_label_seq_id 
_struct_conf.pdbx_beg_PDB_ins_code 
_struct_conf.end_label_comp_id 
_struct_conf.end_label_asym_id 
_struct_conf.end_label_seq_id 
_struct_conf.pdbx_end_PDB_ins_code 
_struct_conf.beg_auth_comp_id 
_struct_conf.beg_auth_asym_id 
_struct_conf.beg_auth_seq_id 
_struct_conf.end_auth_comp_id 
_struct_conf.end_auth_asym_id 
_struct_conf.end_auth_seq_id 
_struct_conf.pdbx_PDB_helix_class 
_struct_conf.details 
_struct_conf.pdbx_PDB_helix_length 
HELX_P HELX_P1 H1 SER A 144 ? ILE A 156 ? SER A 164 ILE A 176 1 ? 13 
HELX_P HELX_P2 H2 LYS A 208 ? VAL A 213 ? LYS A 230 VAL A 235 5 ? 6  
HELX_P HELX_P3 H3 SER A 214 ? ASN A 223 ? SER A 236 ASN A 245 1 ? 10 
# 
_struct_conf_type.id          HELX_P 
_struct_conf_type.criteria    ? 
_struct_conf_type.reference   ? 
# 
loop_
_struct_conn.id 
_struct_conn.conn_type_id 
_struct_conn.pdbx_leaving_atom_flag 
_struct_conn.pdbx_PDB_id 
_struct_conn.ptnr1_label_asym_id 
_struct_conn.ptnr1_label_comp_id 
_struct_conn.ptnr1_label_seq_id 
_struct_conn.ptnr1_label_atom_id 
_struct_conn.pdbx_ptnr1_label_alt_id 
_struct_conn.pdbx_ptnr1_PDB_ins_code 
_struct_conn.pdbx_ptnr1_standard_comp_id 
_struct_conn.ptnr1_symmetry 
_struct_conn.ptnr2_label_asym_id 
_struct_conn.ptnr2_label_comp_id 
_struct_conn.ptnr2_label_seq_id 
_struct_conn.ptnr2_label_atom_id 
_struct_conn.pdbx_ptnr2_label_alt_id 
_struct_conn.pdbx_ptnr2_PDB_ins_code 
_struct_conn.ptnr1_auth_asym_id 
_struct_conn.ptnr1_auth_comp_id 
_struct_conn.ptnr1_auth_seq_id 
_struct_conn.ptnr2_auth_asym_id 
_struct_conn.ptnr2_auth_comp_id 
_struct_conn.ptnr2_auth_seq_id 
_struct_conn.ptnr2_symmetry 
_struct_conn.pdbx_ptnr3_label_atom_id 
_struct_conn.pdbx_ptnr3_label_seq_id 
_struct_conn.pdbx_ptnr3_label_comp_id 
_struct_conn.pdbx_ptnr3_label_asym_id 
_struct_conn.pdbx_ptnr3_label_alt_id 
_struct_conn.pdbx_ptnr3_PDB_ins_code 
_struct_conn.details 
_struct_conn.pdbx_dist_value 
_struct_conn.pdbx_value_order 
_struct_conn.pdbx_role 
disulf1 disulf ? ? A CYS 7   SG ? ? ? 1_555 A CYS 137 SG ? ? A CYS 22  A CYS 157 1_555 ? ? ? ? ? ? ? 2.246 ? ? 
disulf2 disulf ? ? A CYS 25  SG ? ? ? 1_555 A CYS 41  SG ? ? A CYS 42  A CYS 58  1_555 ? ? ? ? ? ? ? 2.234 ? ? 
disulf3 disulf ? ? A CYS 109 SG ? ? ? 1_555 A CYS 210 SG ? ? A CYS 128 A CYS 232 1_555 ? ? ? ? ? ? ? 2.284 ? ? 
disulf4 disulf ? ? A CYS 116 SG ? ? ? 1_555 A CYS 183 SG ? ? A CYS 136 A CYS 201 1_555 ? ? ? ? ? ? ? 2.301 ? ? 
disulf5 disulf ? ? A CYS 148 SG ? ? ? 1_555 A CYS 162 SG ? ? A CYS 168 A CYS 182 1_555 ? ? ? ? ? ? ? 2.305 ? ? 
disulf6 disulf ? ? A CYS 173 SG ? ? ? 1_555 A CYS 197 SG ? ? A CYS 191 A CYS 220 1_555 ? ? ? ? ? ? ? 2.292 ? ? 
# 
_struct_conn_type.id          disulf 
_struct_conn_type.criteria    ? 
_struct_conn_type.reference   ? 
# 
loop_
_pdbx_modification_feature.ordinal 
_pdbx_modification_feature.label_comp_id 
_pdbx_modification_feature.label_asym_id 
_pdbx_modification_feature.label_seq_id 
_pdbx_modification_feature.label_alt_id 
_pdbx_modification_feature.modified_residue_label_comp_id 
_pdbx_modification_feature.modified_residue_label_asym_id 
_pdbx_modification_feature.modified_residue_label_seq_id 
_pdbx_modification_feature.modified_residue_label_alt_id 
_pdbx_modification_feature.auth_comp_id 
_pdbx_modification_feature.auth_asym_id 
_pdbx_modification_feature.auth_seq_id 
_pdbx_modification_feature.PDB_ins_code 
_pdbx_modification_feature.symmetry 
_pdbx_modification_feature.modified_residue_auth_comp_id 
_pdbx_modification_feature.modified_residue_auth_asym_id 
_pdbx_modification_feature.modified_residue_auth_seq_id 
_pdbx_modification_feature.modified_residue_PDB_ins_code 
_pdbx_modification_feature.modified_residue_symmetry 
_pdbx_modification_feature.comp_id_linking_atom 
_pdbx_modification_feature.modified_residue_id_linking_atom 
_pdbx_modification_feature.modified_residue_id 
_pdbx_modification_feature.ref_pcm_id 
_pdbx_modification_feature.ref_comp_id 
_pdbx_modification_feature.type 
_pdbx_modification_feature.category 
1 CYS A 7   ? CYS A 137 ? CYS A 22  ? 1_555 CYS A 157 ? 1_555 SG SG . . . None 'Disulfide bridge' 
2 CYS A 25  ? CYS A 41  ? CYS A 42  ? 1_555 CYS A 58  ? 1_555 SG SG . . . None 'Disulfide bridge' 
3 CYS A 109 ? CYS A 210 ? CYS A 128 ? 1_555 CYS A 232 ? 1_555 SG SG . . . None 'Disulfide bridge' 
4 CYS A 116 ? CYS A 183 ? CYS A 136 ? 1_555 CYS A 201 ? 1_555 SG SG . . . None 'Disulfide bridge' 
5 CYS A 148 ? CYS A 162 ? CYS A 168 ? 1_555 CYS A 182 ? 1_555 SG SG . . . None 'Disulfide bridge' 
6 CYS A 173 ? CYS A 197 ? CYS A 191 ? 1_555 CYS A 220 ? 1_555 SG SG . . . None 'Disulfide bridge' 
# 
loop_
_struct_sheet.id 
_struct_sheet.type 
_struct_sheet.number_strands 
_struct_sheet.details 
A ? 7 ? 
B ? 2 ? 
C ? 4 ? 
# 
loop_
_struct_sheet_order.sheet_id 
_struct_sheet_order.range_id_1 
_struct_sheet_order.range_id_2 
_struct_sheet_order.offset 
_struct_sheet_order.sense 
A 1 2 ? anti-parallel 
A 2 3 ? anti-parallel 
A 3 4 ? anti-parallel 
A 4 5 ? anti-parallel 
A 5 6 ? anti-parallel 
A 6 7 ? anti-parallel 
B 1 2 ? anti-parallel 
C 1 2 ? anti-parallel 
C 2 3 ? anti-parallel 
C 3 4 ? anti-parallel 
# 
loop_
_struct_sheet_range.sheet_id 
_struct_sheet_range.id 
_struct_sheet_range.beg_label_comp_id 
_struct_sheet_range.beg_label_asym_id 
_struct_sheet_range.beg_label_seq_id 
_struct_sheet_range.pdbx_beg_PDB_ins_code 
_struct_sheet_range.end_label_comp_id 
_struct_sheet_range.end_label_asym_id 
_struct_sheet_range.end_label_seq_id 
_struct_sheet_range.pdbx_end_PDB_ins_code 
_struct_sheet_range.beg_auth_comp_id 
_struct_sheet_range.beg_auth_asym_id 
_struct_sheet_range.beg_auth_seq_id 
_struct_sheet_range.end_auth_comp_id 
_struct_sheet_range.end_auth_asym_id 
_struct_sheet_range.end_auth_seq_id 
A 1 GLN A 63  ? SER A 66  ? GLN A 81  SER A 84  
A 2 GLN A 47  ? LEU A 50  ? GLN A 64  LEU A 66  
A 3 GLN A 15  ? ASN A 19  ? GLN A 30  ASN A 34  
A 4 HIS A 23  ? ASN A 31  ? HIS A 40  ASN A 48  
A 5 TRP A 34  ? SER A 37  ? TRP A 51  SER A 54  
A 6 MET A 86  ? LEU A 90  ? MET A 104 LEU A 108 
A 7 ALA A 67  ? VAL A 72  ? ALA A 85  VAL A 90  
B 1 GLN A 115 ? GLY A 120 ? GLN A 135 GLY A 140 
B 2 LYS A 136 ? PRO A 141 ? LYS A 156 PRO A 161 
C 1 MET A 160 ? ALA A 163 ? MET A 180 ALA A 183 
C 2 GLY A 204 ? LYS A 208 ? GLY A 226 LYS A 230 
C 3 LYS A 186 ? TRP A 193 ? LYS A 204 TRP A 215 
C 4 PRO A 180 ? CYS A 183 ? PRO A 198 CYS A 201 
# 
loop_
_pdbx_struct_sheet_hbond.sheet_id 
_pdbx_struct_sheet_hbond.range_id_1 
_pdbx_struct_sheet_hbond.range_id_2 
_pdbx_struct_sheet_hbond.range_1_label_atom_id 
_pdbx_struct_sheet_hbond.range_1_label_comp_id 
_pdbx_struct_sheet_hbond.range_1_label_asym_id 
_pdbx_struct_sheet_hbond.range_1_label_seq_id 
_pdbx_struct_sheet_hbond.range_1_PDB_ins_code 
_pdbx_struct_sheet_hbond.range_1_auth_atom_id 
_pdbx_struct_sheet_hbond.range_1_auth_comp_id 
_pdbx_struct_sheet_hbond.range_1_auth_asym_id 
_pdbx_struct_sheet_hbond.range_1_auth_seq_id 
_pdbx_struct_sheet_hbond.range_2_label_atom_id 
_pdbx_struct_sheet_hbond.range_2_label_comp_id 
_pdbx_struct_sheet_hbond.range_2_label_asym_id 
_pdbx_struct_sheet_hbond.range_2_label_seq_id 
_pdbx_struct_sheet_hbond.range_2_PDB_ins_code 
_pdbx_struct_sheet_hbond.range_2_auth_atom_id 
_pdbx_struct_sheet_hbond.range_2_auth_comp_id 
_pdbx_struct_sheet_hbond.range_2_auth_asym_id 
_pdbx_struct_sheet_hbond.range_2_auth_seq_id 
A 1 2 O GLN A 63  ? O GLN A 81  N LEU A 50  ? N LEU A 66  
A 2 3 O GLN A 47  ? O GLN A 64  N ASN A 19  ? N ASN A 34  
A 3 4 O VAL A 16  ? O VAL A 31  N GLY A 27  ? N GLY A 44  
A 4 5 O SER A 28  ? O SER A 45  N VAL A 36  ? N VAL A 53  
A 5 6 O VAL A 35  ? O VAL A 52  N ILE A 88  ? N ILE A 106 
A 6 7 O LEU A 87  ? O LEU A 105 N ILE A 71  ? N ILE A 89  
B 1 2 O CYS A 116 ? O CYS A 136 N ALA A 140 ? N ALA A 160 
C 1 2 O PHE A 161 ? O PHE A 181 N TYR A 206 ? N TYR A 228 
C 2 3 O VAL A 205 ? O VAL A 227 N TRP A 193 ? N TRP A 215 
C 3 4 O LYS A 186 ? O LYS A 204 N CYS A 183 ? N CYS A 201 
# 
_struct_site.id                   AC1 
_struct_site.pdbx_evidence_code   Software 
_struct_site.pdbx_auth_asym_id    A 
_struct_site.pdbx_auth_comp_id    IN4 
_struct_site.pdbx_auth_seq_id     1 
_struct_site.pdbx_auth_ins_code   ? 
_struct_site.pdbx_num_residues    18 
_struct_site.details              'BINDING SITE FOR RESIDUE IN4 A 1' 
# 
loop_
_struct_site_gen.id 
_struct_site_gen.site_id 
_struct_site_gen.pdbx_num_res 
_struct_site_gen.label_comp_id 
_struct_site_gen.label_asym_id 
_struct_site_gen.label_seq_id 
_struct_site_gen.pdbx_auth_ins_code 
_struct_site_gen.auth_comp_id 
_struct_site_gen.auth_asym_id 
_struct_site_gen.auth_seq_id 
_struct_site_gen.label_atom_id 
_struct_site_gen.label_alt_id 
_struct_site_gen.symmetry 
_struct_site_gen.details 
1  AC1 18 LEU A 81  ? LEU A 99  . ? 1_555 ? 
2  AC1 18 ASN A 123 ? ASN A 143 . ? 1_555 ? 
3  AC1 18 LYS A 125 ? LYS A 145 . ? 1_555 ? 
4  AC1 18 SER A 126 ? SER A 146 . ? 1_555 ? 
5  AC1 18 SER A 127 ? SER A 147 . ? 1_555 ? 
6  AC1 18 GLY A 128 ? GLY A 148 . ? 1_555 ? 
7  AC1 18 THR A 129 ? THR A 149 . ? 1_555 ? 
8  AC1 18 ASP A 171 ? ASP A 189 . ? 1_555 ? 
9  AC1 18 SER A 172 ? SER A 190 . ? 1_555 ? 
10 AC1 18 CYS A 173 ? CYS A 191 . ? 1_555 ? 
11 AC1 18 GLN A 174 ? GLN A 192 . ? 1_555 ? 
12 AC1 18 SER A 184 ? SER A 202 . ? 3_645 ? 
13 AC1 18 SER A 192 ? SER A 214 . ? 1_555 ? 
14 AC1 18 TRP A 193 ? TRP A 215 . ? 1_555 ? 
15 AC1 18 GLY A 194 ? GLY A 216 . ? 1_555 ? 
16 AC1 18 GLY A 196 ? GLY A 219 . ? 1_555 ? 
17 AC1 18 CYS A 197 ? CYS A 220 . ? 1_555 ? 
18 AC1 18 GLY A 204 ? GLY A 226 . ? 1_555 ? 
# 
_pdbx_entry_details.entry_id                   1AZ8 
_pdbx_entry_details.compound_details           ? 
_pdbx_entry_details.source_details             ? 
_pdbx_entry_details.nonpolymer_details         ? 
_pdbx_entry_details.sequence_details           ? 
_pdbx_entry_details.has_ligand_of_interest     ? 
_pdbx_entry_details.has_protein_modification   Y 
# 
_pdbx_validate_torsion.id              1 
_pdbx_validate_torsion.PDB_model_num   1 
_pdbx_validate_torsion.auth_comp_id    ASP 
_pdbx_validate_torsion.auth_asym_id    A 
_pdbx_validate_torsion.auth_seq_id     71 
_pdbx_validate_torsion.PDB_ins_code    ? 
_pdbx_validate_torsion.label_alt_id    ? 
_pdbx_validate_torsion.phi             -117.66 
_pdbx_validate_torsion.psi             -82.65 
# 
_pdbx_validate_planes.id              1 
_pdbx_validate_planes.PDB_model_num   1 
_pdbx_validate_planes.auth_comp_id    TYR 
_pdbx_validate_planes.auth_asym_id    A 
_pdbx_validate_planes.auth_seq_id     59 
_pdbx_validate_planes.PDB_ins_code    ? 
_pdbx_validate_planes.label_alt_id    ? 
_pdbx_validate_planes.rmsd            0.071 
_pdbx_validate_planes.type            'SIDE CHAIN' 
# 
loop_
_chem_comp_atom.comp_id 
_chem_comp_atom.atom_id 
_chem_comp_atom.type_symbol 
_chem_comp_atom.pdbx_aromatic_flag 
_chem_comp_atom.pdbx_stereo_config 
_chem_comp_atom.pdbx_ordinal 
ALA N    N N N 1   
ALA CA   C N S 2   
ALA C    C N N 3   
ALA O    O N N 4   
ALA CB   C N N 5   
ALA OXT  O N N 6   
ALA H    H N N 7   
ALA H2   H N N 8   
ALA HA   H N N 9   
ALA HB1  H N N 10  
ALA HB2  H N N 11  
ALA HB3  H N N 12  
ALA HXT  H N N 13  
ARG N    N N N 14  
ARG CA   C N S 15  
ARG C    C N N 16  
ARG O    O N N 17  
ARG CB   C N N 18  
ARG CG   C N N 19  
ARG CD   C N N 20  
ARG NE   N N N 21  
ARG CZ   C N N 22  
ARG NH1  N N N 23  
ARG NH2  N N N 24  
ARG OXT  O N N 25  
ARG H    H N N 26  
ARG H2   H N N 27  
ARG HA   H N N 28  
ARG HB2  H N N 29  
ARG HB3  H N N 30  
ARG HG2  H N N 31  
ARG HG3  H N N 32  
ARG HD2  H N N 33  
ARG HD3  H N N 34  
ARG HE   H N N 35  
ARG HH11 H N N 36  
ARG HH12 H N N 37  
ARG HH21 H N N 38  
ARG HH22 H N N 39  
ARG HXT  H N N 40  
ASN N    N N N 41  
ASN CA   C N S 42  
ASN C    C N N 43  
ASN O    O N N 44  
ASN CB   C N N 45  
ASN CG   C N N 46  
ASN OD1  O N N 47  
ASN ND2  N N N 48  
ASN OXT  O N N 49  
ASN H    H N N 50  
ASN H2   H N N 51  
ASN HA   H N N 52  
ASN HB2  H N N 53  
ASN HB3  H N N 54  
ASN HD21 H N N 55  
ASN HD22 H N N 56  
ASN HXT  H N N 57  
ASP N    N N N 58  
ASP CA   C N S 59  
ASP C    C N N 60  
ASP O    O N N 61  
ASP CB   C N N 62  
ASP CG   C N N 63  
ASP OD1  O N N 64  
ASP OD2  O N N 65  
ASP OXT  O N N 66  
ASP H    H N N 67  
ASP H2   H N N 68  
ASP HA   H N N 69  
ASP HB2  H N N 70  
ASP HB3  H N N 71  
ASP HD2  H N N 72  
ASP HXT  H N N 73  
CYS N    N N N 74  
CYS CA   C N R 75  
CYS C    C N N 76  
CYS O    O N N 77  
CYS CB   C N N 78  
CYS SG   S N N 79  
CYS OXT  O N N 80  
CYS H    H N N 81  
CYS H2   H N N 82  
CYS HA   H N N 83  
CYS HB2  H N N 84  
CYS HB3  H N N 85  
CYS HG   H N N 86  
CYS HXT  H N N 87  
GLN N    N N N 88  
GLN CA   C N S 89  
GLN C    C N N 90  
GLN O    O N N 91  
GLN CB   C N N 92  
GLN CG   C N N 93  
GLN CD   C N N 94  
GLN OE1  O N N 95  
GLN NE2  N N N 96  
GLN OXT  O N N 97  
GLN H    H N N 98  
GLN H2   H N N 99  
GLN HA   H N N 100 
GLN HB2  H N N 101 
GLN HB3  H N N 102 
GLN HG2  H N N 103 
GLN HG3  H N N 104 
GLN HE21 H N N 105 
GLN HE22 H N N 106 
GLN HXT  H N N 107 
GLU N    N N N 108 
GLU CA   C N S 109 
GLU C    C N N 110 
GLU O    O N N 111 
GLU CB   C N N 112 
GLU CG   C N N 113 
GLU CD   C N N 114 
GLU OE1  O N N 115 
GLU OE2  O N N 116 
GLU OXT  O N N 117 
GLU H    H N N 118 
GLU H2   H N N 119 
GLU HA   H N N 120 
GLU HB2  H N N 121 
GLU HB3  H N N 122 
GLU HG2  H N N 123 
GLU HG3  H N N 124 
GLU HE2  H N N 125 
GLU HXT  H N N 126 
GLY N    N N N 127 
GLY CA   C N N 128 
GLY C    C N N 129 
GLY O    O N N 130 
GLY OXT  O N N 131 
GLY H    H N N 132 
GLY H2   H N N 133 
GLY HA2  H N N 134 
GLY HA3  H N N 135 
GLY HXT  H N N 136 
HIS N    N N N 137 
HIS CA   C N S 138 
HIS C    C N N 139 
HIS O    O N N 140 
HIS CB   C N N 141 
HIS CG   C Y N 142 
HIS ND1  N Y N 143 
HIS CD2  C Y N 144 
HIS CE1  C Y N 145 
HIS NE2  N Y N 146 
HIS OXT  O N N 147 
HIS H    H N N 148 
HIS H2   H N N 149 
HIS HA   H N N 150 
HIS HB2  H N N 151 
HIS HB3  H N N 152 
HIS HD1  H N N 153 
HIS HD2  H N N 154 
HIS HE1  H N N 155 
HIS HE2  H N N 156 
HIS HXT  H N N 157 
HOH O    O N N 158 
HOH H1   H N N 159 
HOH H2   H N N 160 
ILE N    N N N 161 
ILE CA   C N S 162 
ILE C    C N N 163 
ILE O    O N N 164 
ILE CB   C N S 165 
ILE CG1  C N N 166 
ILE CG2  C N N 167 
ILE CD1  C N N 168 
ILE OXT  O N N 169 
ILE H    H N N 170 
ILE H2   H N N 171 
ILE HA   H N N 172 
ILE HB   H N N 173 
ILE HG12 H N N 174 
ILE HG13 H N N 175 
ILE HG21 H N N 176 
ILE HG22 H N N 177 
ILE HG23 H N N 178 
ILE HD11 H N N 179 
ILE HD12 H N N 180 
ILE HD13 H N N 181 
ILE HXT  H N N 182 
IN4 C1   C Y N 183 
IN4 C2   C Y N 184 
IN4 C3   C Y N 185 
IN4 C4   C Y N 186 
IN4 C5   C Y N 187 
IN4 C6   C Y N 188 
IN4 C10  C N S 189 
IN4 C9   C N N 190 
IN4 C11  C N N 191 
IN4 C12  C Y N 192 
IN4 C20  C N N 193 
IN4 N3   N N N 194 
IN4 N4   N N N 195 
IN4 C7   C Y N 196 
IN4 C13  C Y N 197 
IN4 C15  C Y N 198 
IN4 C16  C N N 199 
IN4 C17  C Y N 200 
IN4 C19  C Y N 201 
IN4 N2   N N N 202 
IN4 N1   N N N 203 
IN4 C14  C N N 204 
IN4 C22  C N N 205 
IN4 O3   O N N 206 
IN4 O4   O N N 207 
IN4 C8   C N N 208 
IN4 H1   H N N 209 
IN4 H2   H N N 210 
IN4 H3   H N N 211 
IN4 H5   H N N 212 
IN4 H10  H N N 213 
IN4 H91  H N N 214 
IN4 H92  H N N 215 
IN4 H111 H N N 216 
IN4 H112 H N N 217 
IN4 HN3  H N N 218 
IN4 HN41 H N N 219 
IN4 HN42 H N N 220 
IN4 H7   H N N 221 
IN4 H13  H N N 222 
IN4 H17  H N N 223 
IN4 H19  H N N 224 
IN4 HN2  H N N 225 
IN4 HN11 H N N 226 
IN4 HN12 H N N 227 
IN4 H141 H N N 228 
IN4 H142 H N N 229 
IN4 H81  H N N 230 
IN4 H82  H N N 231 
IN4 H83  H N N 232 
LEU N    N N N 233 
LEU CA   C N S 234 
LEU C    C N N 235 
LEU O    O N N 236 
LEU CB   C N N 237 
LEU CG   C N N 238 
LEU CD1  C N N 239 
LEU CD2  C N N 240 
LEU OXT  O N N 241 
LEU H    H N N 242 
LEU H2   H N N 243 
LEU HA   H N N 244 
LEU HB2  H N N 245 
LEU HB3  H N N 246 
LEU HG   H N N 247 
LEU HD11 H N N 248 
LEU HD12 H N N 249 
LEU HD13 H N N 250 
LEU HD21 H N N 251 
LEU HD22 H N N 252 
LEU HD23 H N N 253 
LEU HXT  H N N 254 
LYS N    N N N 255 
LYS CA   C N S 256 
LYS C    C N N 257 
LYS O    O N N 258 
LYS CB   C N N 259 
LYS CG   C N N 260 
LYS CD   C N N 261 
LYS CE   C N N 262 
LYS NZ   N N N 263 
LYS OXT  O N N 264 
LYS H    H N N 265 
LYS H2   H N N 266 
LYS HA   H N N 267 
LYS HB2  H N N 268 
LYS HB3  H N N 269 
LYS HG2  H N N 270 
LYS HG3  H N N 271 
LYS HD2  H N N 272 
LYS HD3  H N N 273 
LYS HE2  H N N 274 
LYS HE3  H N N 275 
LYS HZ1  H N N 276 
LYS HZ2  H N N 277 
LYS HZ3  H N N 278 
LYS HXT  H N N 279 
MET N    N N N 280 
MET CA   C N S 281 
MET C    C N N 282 
MET O    O N N 283 
MET CB   C N N 284 
MET CG   C N N 285 
MET SD   S N N 286 
MET CE   C N N 287 
MET OXT  O N N 288 
MET H    H N N 289 
MET H2   H N N 290 
MET HA   H N N 291 
MET HB2  H N N 292 
MET HB3  H N N 293 
MET HG2  H N N 294 
MET HG3  H N N 295 
MET HE1  H N N 296 
MET HE2  H N N 297 
MET HE3  H N N 298 
MET HXT  H N N 299 
PHE N    N N N 300 
PHE CA   C N S 301 
PHE C    C N N 302 
PHE O    O N N 303 
PHE CB   C N N 304 
PHE CG   C Y N 305 
PHE CD1  C Y N 306 
PHE CD2  C Y N 307 
PHE CE1  C Y N 308 
PHE CE2  C Y N 309 
PHE CZ   C Y N 310 
PHE OXT  O N N 311 
PHE H    H N N 312 
PHE H2   H N N 313 
PHE HA   H N N 314 
PHE HB2  H N N 315 
PHE HB3  H N N 316 
PHE HD1  H N N 317 
PHE HD2  H N N 318 
PHE HE1  H N N 319 
PHE HE2  H N N 320 
PHE HZ   H N N 321 
PHE HXT  H N N 322 
PRO N    N N N 323 
PRO CA   C N S 324 
PRO C    C N N 325 
PRO O    O N N 326 
PRO CB   C N N 327 
PRO CG   C N N 328 
PRO CD   C N N 329 
PRO OXT  O N N 330 
PRO H    H N N 331 
PRO HA   H N N 332 
PRO HB2  H N N 333 
PRO HB3  H N N 334 
PRO HG2  H N N 335 
PRO HG3  H N N 336 
PRO HD2  H N N 337 
PRO HD3  H N N 338 
PRO HXT  H N N 339 
SER N    N N N 340 
SER CA   C N S 341 
SER C    C N N 342 
SER O    O N N 343 
SER CB   C N N 344 
SER OG   O N N 345 
SER OXT  O N N 346 
SER H    H N N 347 
SER H2   H N N 348 
SER HA   H N N 349 
SER HB2  H N N 350 
SER HB3  H N N 351 
SER HG   H N N 352 
SER HXT  H N N 353 
THR N    N N N 354 
THR CA   C N S 355 
THR C    C N N 356 
THR O    O N N 357 
THR CB   C N R 358 
THR OG1  O N N 359 
THR CG2  C N N 360 
THR OXT  O N N 361 
THR H    H N N 362 
THR H2   H N N 363 
THR HA   H N N 364 
THR HB   H N N 365 
THR HG1  H N N 366 
THR HG21 H N N 367 
THR HG22 H N N 368 
THR HG23 H N N 369 
THR HXT  H N N 370 
TRP N    N N N 371 
TRP CA   C N S 372 
TRP C    C N N 373 
TRP O    O N N 374 
TRP CB   C N N 375 
TRP CG   C Y N 376 
TRP CD1  C Y N 377 
TRP CD2  C Y N 378 
TRP NE1  N Y N 379 
TRP CE2  C Y N 380 
TRP CE3  C Y N 381 
TRP CZ2  C Y N 382 
TRP CZ3  C Y N 383 
TRP CH2  C Y N 384 
TRP OXT  O N N 385 
TRP H    H N N 386 
TRP H2   H N N 387 
TRP HA   H N N 388 
TRP HB2  H N N 389 
TRP HB3  H N N 390 
TRP HD1  H N N 391 
TRP HE1  H N N 392 
TRP HE3  H N N 393 
TRP HZ2  H N N 394 
TRP HZ3  H N N 395 
TRP HH2  H N N 396 
TRP HXT  H N N 397 
TYR N    N N N 398 
TYR CA   C N S 399 
TYR C    C N N 400 
TYR O    O N N 401 
TYR CB   C N N 402 
TYR CG   C Y N 403 
TYR CD1  C Y N 404 
TYR CD2  C Y N 405 
TYR CE1  C Y N 406 
TYR CE2  C Y N 407 
TYR CZ   C Y N 408 
TYR OH   O N N 409 
TYR OXT  O N N 410 
TYR H    H N N 411 
TYR H2   H N N 412 
TYR HA   H N N 413 
TYR HB2  H N N 414 
TYR HB3  H N N 415 
TYR HD1  H N N 416 
TYR HD2  H N N 417 
TYR HE1  H N N 418 
TYR HE2  H N N 419 
TYR HH   H N N 420 
TYR HXT  H N N 421 
VAL N    N N N 422 
VAL CA   C N S 423 
VAL C    C N N 424 
VAL O    O N N 425 
VAL CB   C N N 426 
VAL CG1  C N N 427 
VAL CG2  C N N 428 
VAL OXT  O N N 429 
VAL H    H N N 430 
VAL H2   H N N 431 
VAL HA   H N N 432 
VAL HB   H N N 433 
VAL HG11 H N N 434 
VAL HG12 H N N 435 
VAL HG13 H N N 436 
VAL HG21 H N N 437 
VAL HG22 H N N 438 
VAL HG23 H N N 439 
VAL HXT  H N N 440 
# 
loop_
_chem_comp_bond.comp_id 
_chem_comp_bond.atom_id_1 
_chem_comp_bond.atom_id_2 
_chem_comp_bond.value_order 
_chem_comp_bond.pdbx_aromatic_flag 
_chem_comp_bond.pdbx_stereo_config 
_chem_comp_bond.pdbx_ordinal 
ALA N   CA   sing N N 1   
ALA N   H    sing N N 2   
ALA N   H2   sing N N 3   
ALA CA  C    sing N N 4   
ALA CA  CB   sing N N 5   
ALA CA  HA   sing N N 6   
ALA C   O    doub N N 7   
ALA C   OXT  sing N N 8   
ALA CB  HB1  sing N N 9   
ALA CB  HB2  sing N N 10  
ALA CB  HB3  sing N N 11  
ALA OXT HXT  sing N N 12  
ARG N   CA   sing N N 13  
ARG N   H    sing N N 14  
ARG N   H2   sing N N 15  
ARG CA  C    sing N N 16  
ARG CA  CB   sing N N 17  
ARG CA  HA   sing N N 18  
ARG C   O    doub N N 19  
ARG C   OXT  sing N N 20  
ARG CB  CG   sing N N 21  
ARG CB  HB2  sing N N 22  
ARG CB  HB3  sing N N 23  
ARG CG  CD   sing N N 24  
ARG CG  HG2  sing N N 25  
ARG CG  HG3  sing N N 26  
ARG CD  NE   sing N N 27  
ARG CD  HD2  sing N N 28  
ARG CD  HD3  sing N N 29  
ARG NE  CZ   sing N N 30  
ARG NE  HE   sing N N 31  
ARG CZ  NH1  sing N N 32  
ARG CZ  NH2  doub N N 33  
ARG NH1 HH11 sing N N 34  
ARG NH1 HH12 sing N N 35  
ARG NH2 HH21 sing N N 36  
ARG NH2 HH22 sing N N 37  
ARG OXT HXT  sing N N 38  
ASN N   CA   sing N N 39  
ASN N   H    sing N N 40  
ASN N   H2   sing N N 41  
ASN CA  C    sing N N 42  
ASN CA  CB   sing N N 43  
ASN CA  HA   sing N N 44  
ASN C   O    doub N N 45  
ASN C   OXT  sing N N 46  
ASN CB  CG   sing N N 47  
ASN CB  HB2  sing N N 48  
ASN CB  HB3  sing N N 49  
ASN CG  OD1  doub N N 50  
ASN CG  ND2  sing N N 51  
ASN ND2 HD21 sing N N 52  
ASN ND2 HD22 sing N N 53  
ASN OXT HXT  sing N N 54  
ASP N   CA   sing N N 55  
ASP N   H    sing N N 56  
ASP N   H2   sing N N 57  
ASP CA  C    sing N N 58  
ASP CA  CB   sing N N 59  
ASP CA  HA   sing N N 60  
ASP C   O    doub N N 61  
ASP C   OXT  sing N N 62  
ASP CB  CG   sing N N 63  
ASP CB  HB2  sing N N 64  
ASP CB  HB3  sing N N 65  
ASP CG  OD1  doub N N 66  
ASP CG  OD2  sing N N 67  
ASP OD2 HD2  sing N N 68  
ASP OXT HXT  sing N N 69  
CYS N   CA   sing N N 70  
CYS N   H    sing N N 71  
CYS N   H2   sing N N 72  
CYS CA  C    sing N N 73  
CYS CA  CB   sing N N 74  
CYS CA  HA   sing N N 75  
CYS C   O    doub N N 76  
CYS C   OXT  sing N N 77  
CYS CB  SG   sing N N 78  
CYS CB  HB2  sing N N 79  
CYS CB  HB3  sing N N 80  
CYS SG  HG   sing N N 81  
CYS OXT HXT  sing N N 82  
GLN N   CA   sing N N 83  
GLN N   H    sing N N 84  
GLN N   H2   sing N N 85  
GLN CA  C    sing N N 86  
GLN CA  CB   sing N N 87  
GLN CA  HA   sing N N 88  
GLN C   O    doub N N 89  
GLN C   OXT  sing N N 90  
GLN CB  CG   sing N N 91  
GLN CB  HB2  sing N N 92  
GLN CB  HB3  sing N N 93  
GLN CG  CD   sing N N 94  
GLN CG  HG2  sing N N 95  
GLN CG  HG3  sing N N 96  
GLN CD  OE1  doub N N 97  
GLN CD  NE2  sing N N 98  
GLN NE2 HE21 sing N N 99  
GLN NE2 HE22 sing N N 100 
GLN OXT HXT  sing N N 101 
GLU N   CA   sing N N 102 
GLU N   H    sing N N 103 
GLU N   H2   sing N N 104 
GLU CA  C    sing N N 105 
GLU CA  CB   sing N N 106 
GLU CA  HA   sing N N 107 
GLU C   O    doub N N 108 
GLU C   OXT  sing N N 109 
GLU CB  CG   sing N N 110 
GLU CB  HB2  sing N N 111 
GLU CB  HB3  sing N N 112 
GLU CG  CD   sing N N 113 
GLU CG  HG2  sing N N 114 
GLU CG  HG3  sing N N 115 
GLU CD  OE1  doub N N 116 
GLU CD  OE2  sing N N 117 
GLU OE2 HE2  sing N N 118 
GLU OXT HXT  sing N N 119 
GLY N   CA   sing N N 120 
GLY N   H    sing N N 121 
GLY N   H2   sing N N 122 
GLY CA  C    sing N N 123 
GLY CA  HA2  sing N N 124 
GLY CA  HA3  sing N N 125 
GLY C   O    doub N N 126 
GLY C   OXT  sing N N 127 
GLY OXT HXT  sing N N 128 
HIS N   CA   sing N N 129 
HIS N   H    sing N N 130 
HIS N   H2   sing N N 131 
HIS CA  C    sing N N 132 
HIS CA  CB   sing N N 133 
HIS CA  HA   sing N N 134 
HIS C   O    doub N N 135 
HIS C   OXT  sing N N 136 
HIS CB  CG   sing N N 137 
HIS CB  HB2  sing N N 138 
HIS CB  HB3  sing N N 139 
HIS CG  ND1  sing Y N 140 
HIS CG  CD2  doub Y N 141 
HIS ND1 CE1  doub Y N 142 
HIS ND1 HD1  sing N N 143 
HIS CD2 NE2  sing Y N 144 
HIS CD2 HD2  sing N N 145 
HIS CE1 NE2  sing Y N 146 
HIS CE1 HE1  sing N N 147 
HIS NE2 HE2  sing N N 148 
HIS OXT HXT  sing N N 149 
HOH O   H1   sing N N 150 
HOH O   H2   sing N N 151 
ILE N   CA   sing N N 152 
ILE N   H    sing N N 153 
ILE N   H2   sing N N 154 
ILE CA  C    sing N N 155 
ILE CA  CB   sing N N 156 
ILE CA  HA   sing N N 157 
ILE C   O    doub N N 158 
ILE C   OXT  sing N N 159 
ILE CB  CG1  sing N N 160 
ILE CB  CG2  sing N N 161 
ILE CB  HB   sing N N 162 
ILE CG1 CD1  sing N N 163 
ILE CG1 HG12 sing N N 164 
ILE CG1 HG13 sing N N 165 
ILE CG2 HG21 sing N N 166 
ILE CG2 HG22 sing N N 167 
ILE CG2 HG23 sing N N 168 
ILE CD1 HD11 sing N N 169 
ILE CD1 HD12 sing N N 170 
ILE CD1 HD13 sing N N 171 
ILE OXT HXT  sing N N 172 
IN4 C1  C2   doub Y N 173 
IN4 C1  C6   sing Y N 174 
IN4 C1  H1   sing N N 175 
IN4 C2  C3   sing Y N 176 
IN4 C2  H2   sing N N 177 
IN4 C3  C4   doub Y N 178 
IN4 C3  H3   sing N N 179 
IN4 C4  C5   sing Y N 180 
IN4 C4  C10  sing N N 181 
IN4 C5  C6   doub Y N 182 
IN4 C5  H5   sing N N 183 
IN4 C6  C20  sing N N 184 
IN4 C10 C9   sing N N 185 
IN4 C10 C14  sing N N 186 
IN4 C10 H10  sing N N 187 
IN4 C9  C11  sing N N 188 
IN4 C9  H91  sing N N 189 
IN4 C9  H92  sing N N 190 
IN4 C11 C12  sing N N 191 
IN4 C11 H111 sing N N 192 
IN4 C11 H112 sing N N 193 
IN4 C12 C7   doub Y N 194 
IN4 C12 C19  sing Y N 195 
IN4 C20 N3   doub N E 196 
IN4 C20 N4   sing N N 197 
IN4 N3  HN3  sing N N 198 
IN4 N4  HN41 sing N N 199 
IN4 N4  HN42 sing N N 200 
IN4 C7  C13  sing Y N 201 
IN4 C7  H7   sing N N 202 
IN4 C13 C15  doub Y N 203 
IN4 C13 H13  sing N N 204 
IN4 C15 C16  sing N N 205 
IN4 C15 C17  sing Y N 206 
IN4 C16 N2   doub N N 207 
IN4 C16 N1   sing N N 208 
IN4 C17 C19  doub Y N 209 
IN4 C17 H17  sing N N 210 
IN4 C19 H19  sing N N 211 
IN4 N2  HN2  sing N N 212 
IN4 N1  HN11 sing N N 213 
IN4 N1  HN12 sing N N 214 
IN4 C14 C22  sing N N 215 
IN4 C14 H141 sing N N 216 
IN4 C14 H142 sing N N 217 
IN4 C22 O3   doub N N 218 
IN4 C22 O4   sing N N 219 
IN4 O4  C8   sing N N 220 
IN4 C8  H81  sing N N 221 
IN4 C8  H82  sing N N 222 
IN4 C8  H83  sing N N 223 
LEU N   CA   sing N N 224 
LEU N   H    sing N N 225 
LEU N   H2   sing N N 226 
LEU CA  C    sing N N 227 
LEU CA  CB   sing N N 228 
LEU CA  HA   sing N N 229 
LEU C   O    doub N N 230 
LEU C   OXT  sing N N 231 
LEU CB  CG   sing N N 232 
LEU CB  HB2  sing N N 233 
LEU CB  HB3  sing N N 234 
LEU CG  CD1  sing N N 235 
LEU CG  CD2  sing N N 236 
LEU CG  HG   sing N N 237 
LEU CD1 HD11 sing N N 238 
LEU CD1 HD12 sing N N 239 
LEU CD1 HD13 sing N N 240 
LEU CD2 HD21 sing N N 241 
LEU CD2 HD22 sing N N 242 
LEU CD2 HD23 sing N N 243 
LEU OXT HXT  sing N N 244 
LYS N   CA   sing N N 245 
LYS N   H    sing N N 246 
LYS N   H2   sing N N 247 
LYS CA  C    sing N N 248 
LYS CA  CB   sing N N 249 
LYS CA  HA   sing N N 250 
LYS C   O    doub N N 251 
LYS C   OXT  sing N N 252 
LYS CB  CG   sing N N 253 
LYS CB  HB2  sing N N 254 
LYS CB  HB3  sing N N 255 
LYS CG  CD   sing N N 256 
LYS CG  HG2  sing N N 257 
LYS CG  HG3  sing N N 258 
LYS CD  CE   sing N N 259 
LYS CD  HD2  sing N N 260 
LYS CD  HD3  sing N N 261 
LYS CE  NZ   sing N N 262 
LYS CE  HE2  sing N N 263 
LYS CE  HE3  sing N N 264 
LYS NZ  HZ1  sing N N 265 
LYS NZ  HZ2  sing N N 266 
LYS NZ  HZ3  sing N N 267 
LYS OXT HXT  sing N N 268 
MET N   CA   sing N N 269 
MET N   H    sing N N 270 
MET N   H2   sing N N 271 
MET CA  C    sing N N 272 
MET CA  CB   sing N N 273 
MET CA  HA   sing N N 274 
MET C   O    doub N N 275 
MET C   OXT  sing N N 276 
MET CB  CG   sing N N 277 
MET CB  HB2  sing N N 278 
MET CB  HB3  sing N N 279 
MET CG  SD   sing N N 280 
MET CG  HG2  sing N N 281 
MET CG  HG3  sing N N 282 
MET SD  CE   sing N N 283 
MET CE  HE1  sing N N 284 
MET CE  HE2  sing N N 285 
MET CE  HE3  sing N N 286 
MET OXT HXT  sing N N 287 
PHE N   CA   sing N N 288 
PHE N   H    sing N N 289 
PHE N   H2   sing N N 290 
PHE CA  C    sing N N 291 
PHE CA  CB   sing N N 292 
PHE CA  HA   sing N N 293 
PHE C   O    doub N N 294 
PHE C   OXT  sing N N 295 
PHE CB  CG   sing N N 296 
PHE CB  HB2  sing N N 297 
PHE CB  HB3  sing N N 298 
PHE CG  CD1  doub Y N 299 
PHE CG  CD2  sing Y N 300 
PHE CD1 CE1  sing Y N 301 
PHE CD1 HD1  sing N N 302 
PHE CD2 CE2  doub Y N 303 
PHE CD2 HD2  sing N N 304 
PHE CE1 CZ   doub Y N 305 
PHE CE1 HE1  sing N N 306 
PHE CE2 CZ   sing Y N 307 
PHE CE2 HE2  sing N N 308 
PHE CZ  HZ   sing N N 309 
PHE OXT HXT  sing N N 310 
PRO N   CA   sing N N 311 
PRO N   CD   sing N N 312 
PRO N   H    sing N N 313 
PRO CA  C    sing N N 314 
PRO CA  CB   sing N N 315 
PRO CA  HA   sing N N 316 
PRO C   O    doub N N 317 
PRO C   OXT  sing N N 318 
PRO CB  CG   sing N N 319 
PRO CB  HB2  sing N N 320 
PRO CB  HB3  sing N N 321 
PRO CG  CD   sing N N 322 
PRO CG  HG2  sing N N 323 
PRO CG  HG3  sing N N 324 
PRO CD  HD2  sing N N 325 
PRO CD  HD3  sing N N 326 
PRO OXT HXT  sing N N 327 
SER N   CA   sing N N 328 
SER N   H    sing N N 329 
SER N   H2   sing N N 330 
SER CA  C    sing N N 331 
SER CA  CB   sing N N 332 
SER CA  HA   sing N N 333 
SER C   O    doub N N 334 
SER C   OXT  sing N N 335 
SER CB  OG   sing N N 336 
SER CB  HB2  sing N N 337 
SER CB  HB3  sing N N 338 
SER OG  HG   sing N N 339 
SER OXT HXT  sing N N 340 
THR N   CA   sing N N 341 
THR N   H    sing N N 342 
THR N   H2   sing N N 343 
THR CA  C    sing N N 344 
THR CA  CB   sing N N 345 
THR CA  HA   sing N N 346 
THR C   O    doub N N 347 
THR C   OXT  sing N N 348 
THR CB  OG1  sing N N 349 
THR CB  CG2  sing N N 350 
THR CB  HB   sing N N 351 
THR OG1 HG1  sing N N 352 
THR CG2 HG21 sing N N 353 
THR CG2 HG22 sing N N 354 
THR CG2 HG23 sing N N 355 
THR OXT HXT  sing N N 356 
TRP N   CA   sing N N 357 
TRP N   H    sing N N 358 
TRP N   H2   sing N N 359 
TRP CA  C    sing N N 360 
TRP CA  CB   sing N N 361 
TRP CA  HA   sing N N 362 
TRP C   O    doub N N 363 
TRP C   OXT  sing N N 364 
TRP CB  CG   sing N N 365 
TRP CB  HB2  sing N N 366 
TRP CB  HB3  sing N N 367 
TRP CG  CD1  doub Y N 368 
TRP CG  CD2  sing Y N 369 
TRP CD1 NE1  sing Y N 370 
TRP CD1 HD1  sing N N 371 
TRP CD2 CE2  doub Y N 372 
TRP CD2 CE3  sing Y N 373 
TRP NE1 CE2  sing Y N 374 
TRP NE1 HE1  sing N N 375 
TRP CE2 CZ2  sing Y N 376 
TRP CE3 CZ3  doub Y N 377 
TRP CE3 HE3  sing N N 378 
TRP CZ2 CH2  doub Y N 379 
TRP CZ2 HZ2  sing N N 380 
TRP CZ3 CH2  sing Y N 381 
TRP CZ3 HZ3  sing N N 382 
TRP CH2 HH2  sing N N 383 
TRP OXT HXT  sing N N 384 
TYR N   CA   sing N N 385 
TYR N   H    sing N N 386 
TYR N   H2   sing N N 387 
TYR CA  C    sing N N 388 
TYR CA  CB   sing N N 389 
TYR CA  HA   sing N N 390 
TYR C   O    doub N N 391 
TYR C   OXT  sing N N 392 
TYR CB  CG   sing N N 393 
TYR CB  HB2  sing N N 394 
TYR CB  HB3  sing N N 395 
TYR CG  CD1  doub Y N 396 
TYR CG  CD2  sing Y N 397 
TYR CD1 CE1  sing Y N 398 
TYR CD1 HD1  sing N N 399 
TYR CD2 CE2  doub Y N 400 
TYR CD2 HD2  sing N N 401 
TYR CE1 CZ   doub Y N 402 
TYR CE1 HE1  sing N N 403 
TYR CE2 CZ   sing Y N 404 
TYR CE2 HE2  sing N N 405 
TYR CZ  OH   sing N N 406 
TYR OH  HH   sing N N 407 
TYR OXT HXT  sing N N 408 
VAL N   CA   sing N N 409 
VAL N   H    sing N N 410 
VAL N   H2   sing N N 411 
VAL CA  C    sing N N 412 
VAL CA  CB   sing N N 413 
VAL CA  HA   sing N N 414 
VAL C   O    doub N N 415 
VAL C   OXT  sing N N 416 
VAL CB  CG1  sing N N 417 
VAL CB  CG2  sing N N 418 
VAL CB  HB   sing N N 419 
VAL CG1 HG11 sing N N 420 
VAL CG1 HG12 sing N N 421 
VAL CG1 HG13 sing N N 422 
VAL CG2 HG21 sing N N 423 
VAL CG2 HG22 sing N N 424 
VAL CG2 HG23 sing N N 425 
VAL OXT HXT  sing N N 426 
# 
_atom_sites.entry_id                    1AZ8 
_atom_sites.fract_transf_matrix[1][1]   0.00722284 
_atom_sites.fract_transf_matrix[1][2]   0.01673733 
_atom_sites.fract_transf_matrix[1][3]   0.00082580 
_atom_sites.fract_transf_matrix[2][1]   0.01518469 
_atom_sites.fract_transf_matrix[2][2]   -0.00673898 
_atom_sites.fract_transf_matrix[2][3]   0.00377315 
_atom_sites.fract_transf_matrix[3][1]   0.00327481 
_atom_sites.fract_transf_matrix[3][2]   -0.00070118 
_atom_sites.fract_transf_matrix[3][3]   -0.01443150 
_atom_sites.fract_transf_vector[1]      0.456658 
_atom_sites.fract_transf_vector[2]      0.373426 
_atom_sites.fract_transf_vector[3]      0.347008 
# 
loop_
_atom_type.symbol 
C 
N 
O 
S 
# 
loop_
_atom_site.group_PDB 
_atom_site.id 
_atom_site.type_symbol 
_atom_site.label_atom_id 
_atom_site.label_alt_id 
_atom_site.label_comp_id 
_atom_site.label_asym_id 
_atom_site.label_entity_id 
_atom_site.label_seq_id 
_atom_site.pdbx_PDB_ins_code 
_atom_site.Cartn_x 
_atom_site.Cartn_y 
_atom_site.Cartn_z 
_atom_site.occupancy 
_atom_site.B_iso_or_equiv 
_atom_site.pdbx_formal_charge 
_atom_site.auth_seq_id 
_atom_site.auth_comp_id 
_atom_site.auth_asym_id 
_atom_site.auth_atom_id 
_atom_site.pdbx_PDB_model_num 
ATOM   1    N N   . ILE A 1 1   ? 1.531   10.720  3.084   1.00 13.41 ? 16  ILE A N   1 
ATOM   2    C CA  . ILE A 1 1   ? 2.084   10.370  4.426   1.00 13.40 ? 16  ILE A CA  1 
ATOM   3    C C   . ILE A 1 1   ? 2.183   11.636  5.226   1.00 13.62 ? 16  ILE A C   1 
ATOM   4    O O   . ILE A 1 1   ? 2.782   12.608  4.781   1.00 13.71 ? 16  ILE A O   1 
ATOM   5    C CB  . ILE A 1 1   ? 3.506   9.746   4.313   1.00 13.12 ? 16  ILE A CB  1 
ATOM   6    C CG1 . ILE A 1 1   ? 3.470   8.462   3.398   1.00 14.86 ? 16  ILE A CG1 1 
ATOM   7    C CG2 . ILE A 1 1   ? 4.074   9.445   5.733   1.00 13.33 ? 16  ILE A CG2 1 
ATOM   8    C CD1 . ILE A 1 1   ? 2.865   7.207   4.042   1.00 13.96 ? 16  ILE A CD1 1 
ATOM   9    N N   . VAL A 1 2   ? 1.481   11.670  6.351   1.00 13.41 ? 17  VAL A N   1 
ATOM   10   C CA  . VAL A 1 2   ? 1.521   12.797  7.272   1.00 12.61 ? 17  VAL A CA  1 
ATOM   11   C C   . VAL A 1 2   ? 2.513   12.468  8.378   1.00 12.59 ? 17  VAL A C   1 
ATOM   12   O O   . VAL A 1 2   ? 2.491   11.366  8.942   1.00 10.58 ? 17  VAL A O   1 
ATOM   13   C CB  . VAL A 1 2   ? 0.125   13.036  7.906   1.00 13.98 ? 17  VAL A CB  1 
ATOM   14   C CG1 . VAL A 1 2   ? 0.188   14.203  8.863   1.00 12.06 ? 17  VAL A CG1 1 
ATOM   15   C CG2 . VAL A 1 2   ? -0.951  13.269  6.786   1.00 12.54 ? 17  VAL A CG2 1 
ATOM   16   N N   . GLY A 1 3   ? 3.430   13.396  8.632   1.00 12.26 ? 18  GLY A N   1 
ATOM   17   C CA  . GLY A 1 3   ? 4.344   13.238  9.746   1.00 14.63 ? 18  GLY A CA  1 
ATOM   18   C C   . GLY A 1 3   ? 5.447   12.223  9.497   1.00 17.48 ? 18  GLY A C   1 
ATOM   19   O O   . GLY A 1 3   ? 5.985   11.638  10.442  1.00 17.10 ? 18  GLY A O   1 
ATOM   20   N N   . GLY A 1 4   ? 5.800   12.023  8.231   1.00 16.69 ? 19  GLY A N   1 
ATOM   21   C CA  . GLY A 1 4   ? 6.841   11.068  7.909   1.00 16.54 ? 19  GLY A CA  1 
ATOM   22   C C   . GLY A 1 4   ? 8.132   11.751  7.500   1.00 17.35 ? 19  GLY A C   1 
ATOM   23   O O   . GLY A 1 4   ? 8.358   12.922  7.808   1.00 18.64 ? 19  GLY A O   1 
ATOM   24   N N   . TYR A 1 5   ? 8.977   11.020  6.788   1.00 16.34 ? 20  TYR A N   1 
ATOM   25   C CA  . TYR A 1 5   ? 10.260  11.534  6.348   1.00 14.25 ? 20  TYR A CA  1 
ATOM   26   C C   . TYR A 1 5   ? 10.461  11.127  4.928   1.00 13.16 ? 20  TYR A C   1 
ATOM   27   O O   . TYR A 1 5   ? 9.778   10.244  4.426   1.00 12.35 ? 20  TYR A O   1 
ATOM   28   C CB  . TYR A 1 5   ? 11.410  11.009  7.298   1.00 11.69 ? 20  TYR A CB  1 
ATOM   29   C CG  . TYR A 1 5   ? 11.553  9.503   7.345   1.00 12.56 ? 20  TYR A CG  1 
ATOM   30   C CD1 . TYR A 1 5   ? 10.671  8.727   8.086   1.00 14.11 ? 20  TYR A CD1 1 
ATOM   31   C CD2 . TYR A 1 5   ? 12.562  8.853   6.630   1.00 12.27 ? 20  TYR A CD2 1 
ATOM   32   C CE1 . TYR A 1 5   ? 10.775  7.344   8.109   1.00 14.88 ? 20  TYR A CE1 1 
ATOM   33   C CE2 . TYR A 1 5   ? 12.684  7.475   6.654   1.00 13.27 ? 20  TYR A CE2 1 
ATOM   34   C CZ  . TYR A 1 5   ? 11.783  6.725   7.392   1.00 15.03 ? 20  TYR A CZ  1 
ATOM   35   O OH  . TYR A 1 5   ? 11.875  5.356   7.421   1.00 20.53 ? 20  TYR A OH  1 
ATOM   36   N N   . THR A 1 6   ? 11.350  11.823  4.238   1.00 14.58 ? 21  THR A N   1 
ATOM   37   C CA  . THR A 1 6   ? 11.723  11.478  2.873   1.00 14.27 ? 21  THR A CA  1 
ATOM   38   C C   . THR A 1 6   ? 12.494  10.188  2.861   1.00 13.35 ? 21  THR A C   1 
ATOM   39   O O   . THR A 1 6   ? 13.504  10.055  3.560   1.00 15.35 ? 21  THR A O   1 
ATOM   40   C CB  . THR A 1 6   ? 12.578  12.607  2.249   1.00 15.68 ? 21  THR A CB  1 
ATOM   41   O OG1 . THR A 1 6   ? 11.781  13.792  2.159   1.00 16.65 ? 21  THR A OG1 1 
ATOM   42   C CG2 . THR A 1 6   ? 13.119  12.257  0.866   1.00 14.82 ? 21  THR A CG2 1 
ATOM   43   N N   . CYS A 1 7   ? 12.011  9.219   2.092   1.00 12.47 ? 22  CYS A N   1 
ATOM   44   C CA  . CYS A 1 7   ? 12.592  7.885   2.076   1.00 12.83 ? 22  CYS A CA  1 
ATOM   45   C C   . CYS A 1 7   ? 13.994  7.906   1.621   1.00 14.75 ? 22  CYS A C   1 
ATOM   46   O O   . CYS A 1 7   ? 14.869  7.303   2.237   1.00 14.03 ? 22  CYS A O   1 
ATOM   47   C CB  . CYS A 1 7   ? 11.856  6.985   1.118   1.00 12.28 ? 22  CYS A CB  1 
ATOM   48   S SG  . CYS A 1 7   ? 10.140  6.747   1.557   1.00 13.69 ? 22  CYS A SG  1 
ATOM   49   N N   . GLY A 1 8   ? 14.237  8.644   0.550   1.00 15.65 ? 23  GLY A N   1 
ATOM   50   C CA  . GLY A 1 8   ? 15.505  8.541   -0.139  1.00 15.02 ? 23  GLY A CA  1 
ATOM   51   C C   . GLY A 1 8   ? 15.252  7.758   -1.405  1.00 14.41 ? 23  GLY A C   1 
ATOM   52   O O   . GLY A 1 8   ? 14.482  6.797   -1.390  1.00 15.04 ? 23  GLY A O   1 
ATOM   53   N N   . ALA A 1 9   ? 15.828  8.206   -2.514  1.00 15.84 ? 24  ALA A N   1 
ATOM   54   C CA  . ALA A 1 9   ? 15.512  7.630   -3.812  1.00 17.27 ? 24  ALA A CA  1 
ATOM   55   C C   . ALA A 1 9   ? 15.881  6.148   -3.871  1.00 18.98 ? 24  ALA A C   1 
ATOM   56   O O   . ALA A 1 9   ? 17.011  5.760   -3.551  1.00 18.71 ? 24  ALA A O   1 
ATOM   57   C CB  . ALA A 1 9   ? 16.231  8.414   -4.937  1.00 16.64 ? 24  ALA A CB  1 
ATOM   58   N N   . ASN A 1 10  ? 14.879  5.325   -4.178  1.00 19.86 ? 25  ASN A N   1 
ATOM   59   C CA  . ASN A 1 10  ? 15.055  3.902   -4.463  1.00 18.31 ? 25  ASN A CA  1 
ATOM   60   C C   . ASN A 1 10  ? 15.420  3.100   -3.239  1.00 17.16 ? 25  ASN A C   1 
ATOM   61   O O   . ASN A 1 10  ? 15.978  2.009   -3.355  1.00 17.19 ? 25  ASN A O   1 
ATOM   62   C CB  . ASN A 1 10  ? 16.107  3.704   -5.593  1.00 17.56 ? 25  ASN A CB  1 
ATOM   63   C CG  . ASN A 1 10  ? 15.666  4.496   -6.831  1.00 21.60 ? 25  ASN A CG  1 
ATOM   64   O OD1 . ASN A 1 10  ? 14.549  4.329   -7.333  1.00 24.36 ? 25  ASN A OD1 1 
ATOM   65   N ND2 . ASN A 1 10  ? 16.519  5.399   -7.285  1.00 20.46 ? 25  ASN A ND2 1 
ATOM   66   N N   . THR A 1 11  ? 15.070  3.611   -2.061  1.00 15.43 ? 26  THR A N   1 
ATOM   67   C CA  . THR A 1 11  ? 15.317  2.876   -0.825  1.00 14.65 ? 26  THR A CA  1 
ATOM   68   C C   . THR A 1 11  ? 14.138  1.973   -0.466  1.00 15.04 ? 26  THR A C   1 
ATOM   69   O O   . THR A 1 11  ? 14.246  1.121   0.420   1.00 14.62 ? 26  THR A O   1 
ATOM   70   C CB  . THR A 1 11  ? 15.612  3.821   0.365   1.00 13.62 ? 26  THR A CB  1 
ATOM   71   O OG1 . THR A 1 11  ? 14.484  4.678   0.598   1.00 12.27 ? 26  THR A OG1 1 
ATOM   72   C CG2 . THR A 1 11  ? 16.867  4.654   0.065   1.00 11.29 ? 26  THR A CG2 1 
ATOM   73   N N   . VAL A 1 12  ? 13.045  2.101   -1.215  1.00 14.24 ? 27  VAL A N   1 
ATOM   74   C CA  . VAL A 1 12  ? 11.881  1.244   -1.029  1.00 13.08 ? 27  VAL A CA  1 
ATOM   75   C C   . VAL A 1 12  ? 11.556  0.608   -2.366  1.00 12.71 ? 27  VAL A C   1 
ATOM   76   O O   . VAL A 1 12  ? 10.683  1.066   -3.099  1.00 13.15 ? 27  VAL A O   1 
ATOM   77   C CB  . VAL A 1 12  ? 10.648  2.063   -0.488  1.00 12.12 ? 27  VAL A CB  1 
ATOM   78   C CG1 . VAL A 1 12  ? 9.553   1.106   -0.069  1.00 11.00 ? 27  VAL A CG1 1 
ATOM   79   C CG2 . VAL A 1 12  ? 11.042  2.943   0.706   1.00 13.30 ? 27  VAL A CG2 1 
ATOM   80   N N   . PRO A 1 13  ? 12.329  -0.411  -2.766  1.00 14.62 ? 28  PRO A N   1 
ATOM   81   C CA  . PRO A 1 13  ? 12.434  -0.800  -4.182  1.00 14.31 ? 28  PRO A CA  1 
ATOM   82   C C   . PRO A 1 13  ? 11.187  -1.512  -4.732  1.00 14.88 ? 28  PRO A C   1 
ATOM   83   O O   . PRO A 1 13  ? 11.017  -1.619  -5.945  1.00 14.28 ? 28  PRO A O   1 
ATOM   84   C CB  . PRO A 1 13  ? 13.722  -1.642  -4.225  1.00 13.73 ? 28  PRO A CB  1 
ATOM   85   C CG  . PRO A 1 13  ? 13.859  -2.188  -2.846  1.00 15.04 ? 28  PRO A CG  1 
ATOM   86   C CD  . PRO A 1 13  ? 13.295  -1.137  -1.916  1.00 13.47 ? 28  PRO A CD  1 
ATOM   87   N N   . TYR A 1 14  ? 10.310  -1.960  -3.836  1.00 14.22 ? 29  TYR A N   1 
ATOM   88   C CA  . TYR A 1 14  ? 9.091   -2.670  -4.218  1.00 15.21 ? 29  TYR A CA  1 
ATOM   89   C C   . TYR A 1 14  ? 7.885   -1.711  -4.363  1.00 14.61 ? 29  TYR A C   1 
ATOM   90   O O   . TYR A 1 14  ? 6.784   -2.131  -4.734  1.00 14.89 ? 29  TYR A O   1 
ATOM   91   C CB  . TYR A 1 14  ? 8.758   -3.756  -3.165  1.00 15.40 ? 29  TYR A CB  1 
ATOM   92   C CG  . TYR A 1 14  ? 8.802   -3.236  -1.745  1.00 16.20 ? 29  TYR A CG  1 
ATOM   93   C CD1 . TYR A 1 14  ? 7.704   -2.564  -1.192  1.00 15.65 ? 29  TYR A CD1 1 
ATOM   94   C CD2 . TYR A 1 14  ? 9.974   -3.323  -0.986  1.00 15.73 ? 29  TYR A CD2 1 
ATOM   95   C CE1 . TYR A 1 14  ? 7.775   -1.977  0.078   1.00 15.17 ? 29  TYR A CE1 1 
ATOM   96   C CE2 . TYR A 1 14  ? 10.056  -2.746  0.294   1.00 17.54 ? 29  TYR A CE2 1 
ATOM   97   C CZ  . TYR A 1 14  ? 8.950   -2.076  0.819   1.00 18.43 ? 29  TYR A CZ  1 
ATOM   98   O OH  . TYR A 1 14  ? 9.007   -1.533  2.084   1.00 14.73 ? 29  TYR A OH  1 
ATOM   99   N N   . GLN A 1 15  ? 8.090   -0.439  -4.046  1.00 13.83 ? 30  GLN A N   1 
ATOM   100  C CA  . GLN A 1 15  ? 7.012   0.536   -4.137  1.00 11.76 ? 30  GLN A CA  1 
ATOM   101  C C   . GLN A 1 15  ? 6.730   0.867   -5.579  1.00 11.58 ? 30  GLN A C   1 
ATOM   102  O O   . GLN A 1 15  ? 7.634   1.255   -6.330  1.00 10.94 ? 30  GLN A O   1 
ATOM   103  C CB  . GLN A 1 15  ? 7.397   1.825   -3.350  1.00 11.39 ? 30  GLN A CB  1 
ATOM   104  C CG  . GLN A 1 15  ? 6.488   3.017   -3.586  1.00 10.77 ? 30  GLN A CG  1 
ATOM   105  C CD  . GLN A 1 15  ? 5.241   2.983   -2.733  1.00 13.01 ? 30  GLN A CD  1 
ATOM   106  O OE1 . GLN A 1 15  ? 4.127   3.178   -3.220  1.00 14.92 ? 30  GLN A OE1 1 
ATOM   107  N NE2 . GLN A 1 15  ? 5.423   2.777   -1.444  1.00 10.08 ? 30  GLN A NE2 1 
ATOM   108  N N   . VAL A 1 16  ? 5.469   0.765   -5.977  1.00 11.27 ? 31  VAL A N   1 
ATOM   109  C CA  . VAL A 1 16  ? 5.083   1.255   -7.298  1.00 13.42 ? 31  VAL A CA  1 
ATOM   110  C C   . VAL A 1 16  ? 4.114   2.408   -7.221  1.00 12.48 ? 31  VAL A C   1 
ATOM   111  O O   . VAL A 1 16  ? 3.394   2.569   -6.234  1.00 12.49 ? 31  VAL A O   1 
ATOM   112  C CB  . VAL A 1 16  ? 4.483   0.098   -8.229  1.00 16.06 ? 31  VAL A CB  1 
ATOM   113  C CG1 . VAL A 1 16  ? 5.393   -1.129  -8.172  1.00 16.30 ? 31  VAL A CG1 1 
ATOM   114  C CG2 . VAL A 1 16  ? 3.066   -0.266  -7.898  1.00 14.57 ? 31  VAL A CG2 1 
ATOM   115  N N   . SER A 1 17  ? 4.123   3.245   -8.248  1.00 11.75 ? 32  SER A N   1 
ATOM   116  C CA  . SER A 1 17  ? 3.082   4.243   -8.423  1.00 11.72 ? 32  SER A CA  1 
ATOM   117  C C   . SER A 1 17  ? 2.158   3.736   -9.542  1.00 13.83 ? 32  SER A C   1 
ATOM   118  O O   . SER A 1 17  ? 2.638   3.185   -10.540 1.00 12.37 ? 32  SER A O   1 
ATOM   119  C CB  . SER A 1 17  ? 3.706   5.590   -8.802  1.00 12.25 ? 32  SER A CB  1 
ATOM   120  O OG  . SER A 1 17  ? 2.746   6.476   -9.357  1.00 12.70 ? 32  SER A OG  1 
ATOM   121  N N   . LEU A 1 18  ? 0.847   3.789   -9.297  1.00 11.59 ? 33  LEU A N   1 
ATOM   122  C CA  . LEU A 1 18  ? -0.146  3.507   -10.323 1.00 12.32 ? 33  LEU A CA  1 
ATOM   123  C C   . LEU A 1 18  ? -0.530  4.810   -10.979 1.00 12.63 ? 33  LEU A C   1 
ATOM   124  O O   . LEU A 1 18  ? -0.921  5.771   -10.305 1.00 12.43 ? 33  LEU A O   1 
ATOM   125  C CB  . LEU A 1 18  ? -1.400  2.832   -9.714  1.00 11.13 ? 33  LEU A CB  1 
ATOM   126  C CG  . LEU A 1 18  ? -1.182  1.521   -8.952  1.00 12.33 ? 33  LEU A CG  1 
ATOM   127  C CD1 . LEU A 1 18  ? -2.540  0.937   -8.581  1.00 13.16 ? 33  LEU A CD1 1 
ATOM   128  C CD2 . LEU A 1 18  ? -0.350  0.516   -9.800  1.00 10.71 ? 33  LEU A CD2 1 
ATOM   129  N N   . ASN A 1 19  ? -0.380  4.852   -12.297 1.00 14.32 ? 34  ASN A N   1 
ATOM   130  C CA  . ASN A 1 19  ? -0.567  6.072   -13.061 1.00 13.19 ? 34  ASN A CA  1 
ATOM   131  C C   . ASN A 1 19  ? -1.662  5.870   -14.131 1.00 14.52 ? 34  ASN A C   1 
ATOM   132  O O   . ASN A 1 19  ? -1.584  4.940   -14.945 1.00 13.98 ? 34  ASN A O   1 
ATOM   133  C CB  . ASN A 1 19  ? 0.779   6.472   -13.733 1.00 12.29 ? 34  ASN A CB  1 
ATOM   134  C CG  . ASN A 1 19  ? 0.802   7.828   -14.379 1.00 13.03 ? 34  ASN A CG  1 
ATOM   135  O OD1 . ASN A 1 19  ? 1.367   8.781   -13.831 1.00 16.12 ? 34  ASN A OD1 1 
ATOM   136  N ND2 . ASN A 1 19  ? 0.235   7.927   -15.576 1.00 10.03 ? 34  ASN A ND2 1 
ATOM   137  N N   . SER A 1 20  ? -2.635  6.779   -14.156 1.00 13.62 ? 37  SER A N   1 
ATOM   138  C CA  . SER A 1 20  ? -3.628  6.816   -15.227 1.00 15.40 ? 37  SER A CA  1 
ATOM   139  C C   . SER A 1 20  ? -3.633  8.206   -15.904 1.00 14.07 ? 37  SER A C   1 
ATOM   140  O O   . SER A 1 20  ? -4.687  8.814   -16.095 1.00 15.17 ? 37  SER A O   1 
ATOM   141  C CB  . SER A 1 20  ? -5.015  6.485   -14.648 1.00 16.90 ? 37  SER A CB  1 
ATOM   142  O OG  . SER A 1 20  ? -5.315  7.346   -13.557 1.00 19.84 ? 37  SER A OG  1 
ATOM   143  N N   . GLY A 1 21  ? -2.445  8.715   -16.219 1.00 15.10 ? 38  GLY A N   1 
ATOM   144  C CA  . GLY A 1 21  ? -2.306  10.109  -16.628 1.00 14.47 ? 38  GLY A CA  1 
ATOM   145  C C   . GLY A 1 21  ? -1.731  10.951  -15.497 1.00 14.27 ? 38  GLY A C   1 
ATOM   146  O O   . GLY A 1 21  ? -1.242  12.071  -15.702 1.00 13.77 ? 38  GLY A O   1 
ATOM   147  N N   . TYR A 1 22  ? -1.758  10.366  -14.303 1.00 13.19 ? 39  TYR A N   1 
ATOM   148  C CA  . TYR A 1 22  ? -1.295  10.991  -13.069 1.00 12.63 ? 39  TYR A CA  1 
ATOM   149  C C   . TYR A 1 22  ? -1.223  9.833   -12.021 1.00 13.00 ? 39  TYR A C   1 
ATOM   150  O O   . TYR A 1 22  ? -1.869  8.797   -12.189 1.00 11.94 ? 39  TYR A O   1 
ATOM   151  C CB  . TYR A 1 22  ? -2.330  12.043  -12.567 1.00 14.63 ? 39  TYR A CB  1 
ATOM   152  C CG  . TYR A 1 22  ? -3.762  11.533  -12.585 1.00 16.64 ? 39  TYR A CG  1 
ATOM   153  C CD1 . TYR A 1 22  ? -4.290  10.823  -11.498 1.00 17.17 ? 39  TYR A CD1 1 
ATOM   154  C CD2 . TYR A 1 22  ? -4.540  11.647  -13.740 1.00 16.60 ? 39  TYR A CD2 1 
ATOM   155  C CE1 . TYR A 1 22  ? -5.542  10.226  -11.574 1.00 17.27 ? 39  TYR A CE1 1 
ATOM   156  C CE2 . TYR A 1 22  ? -5.782  11.053  -13.825 1.00 18.20 ? 39  TYR A CE2 1 
ATOM   157  C CZ  . TYR A 1 22  ? -6.275  10.338  -12.745 1.00 20.01 ? 39  TYR A CZ  1 
ATOM   158  O OH  . TYR A 1 22  ? -7.494  9.702   -12.869 1.00 23.96 ? 39  TYR A OH  1 
ATOM   159  N N   . HIS A 1 23  ? -0.459  10.032  -10.953 1.00 12.48 ? 40  HIS A N   1 
ATOM   160  C CA  . HIS A 1 23  ? -0.418  9.070   -9.856  1.00 11.29 ? 40  HIS A CA  1 
ATOM   161  C C   . HIS A 1 23  ? -1.763  9.076   -9.164  1.00 13.02 ? 40  HIS A C   1 
ATOM   162  O O   . HIS A 1 23  ? -2.251  10.137  -8.772  1.00 13.75 ? 40  HIS A O   1 
ATOM   163  C CB  . HIS A 1 23  ? 0.663   9.488   -8.818  1.00 11.74 ? 40  HIS A CB  1 
ATOM   164  C CG  . HIS A 1 23  ? 0.604   8.710   -7.536  1.00 12.24 ? 40  HIS A CG  1 
ATOM   165  N ND1 . HIS A 1 23  ? 1.237   7.502   -7.368  1.00 12.59 ? 40  HIS A ND1 1 
ATOM   166  C CD2 . HIS A 1 23  ? -0.038  8.968   -6.368  1.00 12.29 ? 40  HIS A CD2 1 
ATOM   167  C CE1 . HIS A 1 23  ? 1.009   7.051   -6.150  1.00 12.89 ? 40  HIS A CE1 1 
ATOM   168  N NE2 . HIS A 1 23  ? 0.234   7.914   -5.525  1.00 13.37 ? 40  HIS A NE2 1 
ATOM   169  N N   . PHE A 1 24  ? -2.346  7.902   -8.948  1.00 12.05 ? 41  PHE A N   1 
ATOM   170  C CA  . PHE A 1 24  ? -3.595  7.840   -8.210  1.00 11.41 ? 41  PHE A CA  1 
ATOM   171  C C   . PHE A 1 24  ? -3.572  6.845   -7.017  1.00 14.23 ? 41  PHE A C   1 
ATOM   172  O O   . PHE A 1 24  ? -4.346  7.001   -6.078  1.00 15.39 ? 41  PHE A O   1 
ATOM   173  C CB  . PHE A 1 24  ? -4.771  7.580   -9.196  1.00 13.44 ? 41  PHE A CB  1 
ATOM   174  C CG  . PHE A 1 24  ? -4.788  6.195   -9.779  1.00 15.05 ? 41  PHE A CG  1 
ATOM   175  C CD1 . PHE A 1 24  ? -4.060  5.900   -10.918 1.00 14.84 ? 41  PHE A CD1 1 
ATOM   176  C CD2 . PHE A 1 24  ? -5.532  5.182   -9.182  1.00 16.05 ? 41  PHE A CD2 1 
ATOM   177  C CE1 . PHE A 1 24  ? -4.063  4.613   -11.452 1.00 15.84 ? 41  PHE A CE1 1 
ATOM   178  C CE2 . PHE A 1 24  ? -5.540  3.884   -9.712  1.00 15.39 ? 41  PHE A CE2 1 
ATOM   179  C CZ  . PHE A 1 24  ? -4.804  3.604   -10.847 1.00 15.14 ? 41  PHE A CZ  1 
ATOM   180  N N   . CYS A 1 25  ? -2.585  5.952   -6.988  1.00 11.14 ? 42  CYS A N   1 
ATOM   181  C CA  . CYS A 1 25  ? -2.481  4.960   -5.922  1.00 12.06 ? 42  CYS A CA  1 
ATOM   182  C C   . CYS A 1 25  ? -1.150  4.366   -5.919  1.00 11.81 ? 42  CYS A C   1 
ATOM   183  O O   . CYS A 1 25  ? -0.417  4.514   -6.899  1.00 13.30 ? 42  CYS A O   1 
ATOM   184  C CB  . CYS A 1 25  ? -3.471  3.833   -6.132  1.00 10.06 ? 42  CYS A CB  1 
ATOM   185  S SG  . CYS A 1 25  ? -5.088  4.153   -5.440  1.00 13.03 ? 42  CYS A SG  1 
ATOM   186  N N   . GLY A 1 26  ? -0.758  3.794   -4.782  1.00 11.13 ? 43  GLY A N   1 
ATOM   187  C CA  . GLY A 1 26  ? 0.482   3.043   -4.698  1.00 10.58 ? 43  GLY A CA  1 
ATOM   188  C C   . GLY A 1 26  ? 0.231   1.559   -4.912  1.00 11.93 ? 43  GLY A C   1 
ATOM   189  O O   . GLY A 1 26  ? -0.912  1.136   -5.109  1.00 12.93 ? 43  GLY A O   1 
ATOM   190  N N   . GLY A 1 27  ? 1.289   0.761   -4.840  1.00 11.14 ? 44  GLY A N   1 
ATOM   191  C CA  . GLY A 1 27  ? 1.162   -0.667  -5.041  1.00 11.03 ? 44  GLY A CA  1 
ATOM   192  C C   . GLY A 1 27  ? 2.463   -1.297  -4.614  1.00 12.80 ? 44  GLY A C   1 
ATOM   193  O O   . GLY A 1 27  ? 3.398   -0.571  -4.251  1.00 13.92 ? 44  GLY A O   1 
ATOM   194  N N   . SER A 1 28  ? 2.528   -2.628  -4.650  1.00 13.00 ? 45  SER A N   1 
ATOM   195  C CA  . SER A 1 28  ? 3.731   -3.357  -4.239  1.00 14.97 ? 45  SER A CA  1 
ATOM   196  C C   . SER A 1 28  ? 4.051   -4.431  -5.205  1.00 14.50 ? 45  SER A C   1 
ATOM   197  O O   . SER A 1 28  ? 3.182   -5.235  -5.546  1.00 14.85 ? 45  SER A O   1 
ATOM   198  C CB  . SER A 1 28  ? 3.534   -4.061  -2.882  1.00 12.74 ? 45  SER A CB  1 
ATOM   199  O OG  . SER A 1 28  ? 3.104   -3.147  -1.892  1.00 15.48 ? 45  SER A OG  1 
ATOM   200  N N   . LEU A 1 29  ? 5.278   -4.406  -5.722  1.00 14.22 ? 46  LEU A N   1 
ATOM   201  C CA  . LEU A 1 29  ? 5.763   -5.437  -6.629  1.00 13.13 ? 46  LEU A CA  1 
ATOM   202  C C   . LEU A 1 29  ? 5.999   -6.697  -5.846  1.00 13.65 ? 46  LEU A C   1 
ATOM   203  O O   . LEU A 1 29  ? 6.822   -6.708  -4.922  1.00 14.53 ? 46  LEU A O   1 
ATOM   204  C CB  . LEU A 1 29  ? 7.090   -5.013  -7.241  1.00 11.68 ? 46  LEU A CB  1 
ATOM   205  C CG  . LEU A 1 29  ? 7.548   -5.818  -8.430  1.00 11.73 ? 46  LEU A CG  1 
ATOM   206  C CD1 . LEU A 1 29  ? 6.520   -5.699  -9.557  1.00 12.22 ? 46  LEU A CD1 1 
ATOM   207  C CD2 . LEU A 1 29  ? 8.902   -5.304  -8.898  1.00 12.62 ? 46  LEU A CD2 1 
ATOM   208  N N   . ILE A 1 30  ? 5.270   -7.760  -6.171  1.00 14.63 ? 47  ILE A N   1 
ATOM   209  C CA  . ILE A 1 30  ? 5.446   -9.027  -5.463  1.00 14.49 ? 47  ILE A CA  1 
ATOM   210  C C   . ILE A 1 30  ? 6.163   -10.072 -6.265  1.00 15.62 ? 47  ILE A C   1 
ATOM   211  O O   . ILE A 1 30  ? 6.594   -11.079 -5.725  1.00 16.31 ? 47  ILE A O   1 
ATOM   212  C CB  . ILE A 1 30  ? 4.116   -9.599  -4.961  1.00 15.70 ? 47  ILE A CB  1 
ATOM   213  C CG1 . ILE A 1 30  ? 3.190   -9.892  -6.106  1.00 13.50 ? 47  ILE A CG1 1 
ATOM   214  C CG2 . ILE A 1 30  ? 3.499   -8.617  -3.956  1.00 15.02 ? 47  ILE A CG2 1 
ATOM   215  C CD1 . ILE A 1 30  ? 1.956   -10.664 -5.682  1.00 15.64 ? 47  ILE A CD1 1 
ATOM   216  N N   . ASN A 1 31  ? 6.261   -9.864  -7.573  1.00 16.12 ? 48  ASN A N   1 
ATOM   217  C CA  . ASN A 1 31  ? 7.188   -10.623 -8.412  1.00 18.33 ? 48  ASN A CA  1 
ATOM   218  C C   . ASN A 1 31  ? 7.378   -9.840  -9.680  1.00 17.65 ? 48  ASN A C   1 
ATOM   219  O O   . ASN A 1 31  ? 6.826   -8.752  -9.800  1.00 17.12 ? 48  ASN A O   1 
ATOM   220  C CB  . ASN A 1 31  ? 6.655   -12.087 -8.655  1.00 19.29 ? 48  ASN A CB  1 
ATOM   221  C CG  . ASN A 1 31  ? 5.437   -12.296 -9.504  1.00 19.43 ? 48  ASN A CG  1 
ATOM   222  O OD1 . ASN A 1 31  ? 5.241   -11.619 -10.512 1.00 19.93 ? 48  ASN A OD1 1 
ATOM   223  N ND2 . ASN A 1 31  ? 4.598   -13.231 -9.101  1.00 21.05 ? 48  ASN A ND2 1 
ATOM   224  N N   . SER A 1 32  ? 8.138   -10.374 -10.638 1.00 17.55 ? 49  SER A N   1 
ATOM   225  C CA  . SER A 1 32  ? 8.523   -9.599  -11.821 1.00 17.88 ? 49  SER A CA  1 
ATOM   226  C C   . SER A 1 32  ? 7.350   -9.201  -12.722 1.00 16.50 ? 49  SER A C   1 
ATOM   227  O O   . SER A 1 32  ? 7.477   -8.301  -13.544 1.00 18.20 ? 49  SER A O   1 
ATOM   228  C CB  . SER A 1 32  ? 9.593   -10.368 -12.674 1.00 19.78 ? 49  SER A CB  1 
ATOM   229  O OG  . SER A 1 32  ? 9.022   -11.476 -13.348 1.00 19.05 ? 49  SER A OG  1 
ATOM   230  N N   . GLN A 1 33  ? 6.199   -9.833  -12.546 1.00 14.69 ? 50  GLN A N   1 
ATOM   231  C CA  . GLN A 1 33  ? 5.078   -9.521  -13.407 1.00 16.29 ? 50  GLN A CA  1 
ATOM   232  C C   . GLN A 1 33  ? 3.753   -9.216  -12.650 1.00 14.36 ? 50  GLN A C   1 
ATOM   233  O O   . GLN A 1 33  ? 2.706   -9.013  -13.279 1.00 14.68 ? 50  GLN A O   1 
ATOM   234  C CB  . GLN A 1 33  ? 4.896   -10.647 -14.420 1.00 18.53 ? 50  GLN A CB  1 
ATOM   235  C CG  . GLN A 1 33  ? 4.434   -10.147 -15.780 1.00 26.36 ? 50  GLN A CG  1 
ATOM   236  C CD  . GLN A 1 33  ? 4.479   -11.110 -16.969 1.00 29.49 ? 50  GLN A CD  1 
ATOM   237  O OE1 . GLN A 1 33  ? 4.871   -12.282 -16.836 1.00 31.16 ? 50  GLN A OE1 1 
ATOM   238  N NE2 . GLN A 1 33  ? 4.057   -10.618 -18.133 1.00 28.13 ? 50  GLN A NE2 1 
ATOM   239  N N   . TRP A 1 34  ? 3.804   -9.165  -11.322 1.00 11.55 ? 51  TRP A N   1 
ATOM   240  C CA  . TRP A 1 34  ? 2.584   -8.934  -10.548 1.00 12.42 ? 51  TRP A CA  1 
ATOM   241  C C   . TRP A 1 34  ? 2.744   -7.904  -9.467  1.00 12.77 ? 51  TRP A C   1 
ATOM   242  O O   . TRP A 1 34  ? 3.764   -7.855  -8.776  1.00 12.30 ? 51  TRP A O   1 
ATOM   243  C CB  . TRP A 1 34  ? 2.057   -10.266 -9.912  1.00 12.24 ? 51  TRP A CB  1 
ATOM   244  C CG  . TRP A 1 34  ? 1.487   -11.266 -10.927 1.00 13.67 ? 51  TRP A CG  1 
ATOM   245  C CD1 . TRP A 1 34  ? 2.174   -12.259 -11.571 1.00 12.90 ? 51  TRP A CD1 1 
ATOM   246  C CD2 . TRP A 1 34  ? 0.116   -11.398 -11.344 1.00 13.54 ? 51  TRP A CD2 1 
ATOM   247  N NE1 . TRP A 1 34  ? 1.323   -12.999 -12.344 1.00 13.02 ? 51  TRP A NE1 1 
ATOM   248  C CE2 . TRP A 1 34  ? 0.055   -12.503 -12.224 1.00 11.95 ? 51  TRP A CE2 1 
ATOM   249  C CE3 . TRP A 1 34  ? -1.064  -10.699 -11.050 1.00 13.61 ? 51  TRP A CE3 1 
ATOM   250  C CZ2 . TRP A 1 34  ? -1.145  -12.933 -12.813 1.00 11.74 ? 51  TRP A CZ2 1 
ATOM   251  C CZ3 . TRP A 1 34  ? -2.256  -11.124 -11.637 1.00 14.62 ? 51  TRP A CZ3 1 
ATOM   252  C CH2 . TRP A 1 34  ? -2.284  -12.235 -12.508 1.00 13.41 ? 51  TRP A CH2 1 
ATOM   253  N N   . VAL A 1 35  ? 1.722   -7.065  -9.332  1.00 13.43 ? 52  VAL A N   1 
ATOM   254  C CA  . VAL A 1 35  ? 1.659   -6.004  -8.326  1.00 12.06 ? 52  VAL A CA  1 
ATOM   255  C C   . VAL A 1 35  ? 0.396   -6.257  -7.468  1.00 11.93 ? 52  VAL A C   1 
ATOM   256  O O   . VAL A 1 35  ? -0.637  -6.671  -7.998  1.00 11.38 ? 52  VAL A O   1 
ATOM   257  C CB  . VAL A 1 35  ? 1.523   -4.580  -9.025  1.00 12.24 ? 52  VAL A CB  1 
ATOM   258  C CG1 . VAL A 1 35  ? 0.991   -3.419  -8.124  1.00 10.64 ? 52  VAL A CG1 1 
ATOM   259  C CG2 . VAL A 1 35  ? 2.924   -4.244  -9.553  1.00 12.64 ? 52  VAL A CG2 1 
ATOM   260  N N   . VAL A 1 36  ? 0.514   -6.080  -6.153  1.00 12.03 ? 53  VAL A N   1 
ATOM   261  C CA  . VAL A 1 36  ? -0.662  -6.029  -5.273  1.00 12.81 ? 53  VAL A CA  1 
ATOM   262  C C   . VAL A 1 36  ? -1.017  -4.562  -4.929  1.00 11.00 ? 53  VAL A C   1 
ATOM   263  O O   . VAL A 1 36  ? -0.134  -3.734  -4.697  1.00 12.15 ? 53  VAL A O   1 
ATOM   264  C CB  . VAL A 1 36  ? -0.429  -6.810  -3.926  1.00 14.37 ? 53  VAL A CB  1 
ATOM   265  C CG1 . VAL A 1 36  ? -1.746  -6.998  -3.187  1.00 17.84 ? 53  VAL A CG1 1 
ATOM   266  C CG2 . VAL A 1 36  ? 0.166   -8.140  -4.202  1.00 19.95 ? 53  VAL A CG2 1 
ATOM   267  N N   . SER A 1 37  ? -2.308  -4.261  -4.901  1.00 10.74 ? 54  SER A N   1 
ATOM   268  C CA  . SER A 1 37  ? -2.775  -2.937  -4.519  1.00 11.55 ? 54  SER A CA  1 
ATOM   269  C C   . SER A 1 37  ? -4.131  -3.079  -3.798  1.00 10.58 ? 54  SER A C   1 
ATOM   270  O O   . SER A 1 37  ? -4.557  -4.194  -3.482  1.00 11.51 ? 54  SER A O   1 
ATOM   271  C CB  . SER A 1 37  ? -2.878  -2.029  -5.793  1.00 10.00 ? 54  SER A CB  1 
ATOM   272  O OG  . SER A 1 37  ? -3.122  -0.673  -5.453  1.00 10.94 ? 54  SER A OG  1 
ATOM   273  N N   . ALA A 1 38  ? -4.797  -1.956  -3.548  1.00 10.83 ? 55  ALA A N   1 
ATOM   274  C CA  . ALA A 1 38  ? -6.129  -1.957  -2.954  1.00 9.10  ? 55  ALA A CA  1 
ATOM   275  C C   . ALA A 1 38  ? -7.163  -2.103  -4.048  1.00 11.01 ? 55  ALA A C   1 
ATOM   276  O O   . ALA A 1 38  ? -7.061  -1.459  -5.087  1.00 10.80 ? 55  ALA A O   1 
ATOM   277  C CB  . ALA A 1 38  ? -6.355  -0.643  -2.175  1.00 9.70  ? 55  ALA A CB  1 
ATOM   278  N N   . ALA A 1 39  ? -8.180  -2.924  -3.811  1.00 11.69 ? 56  ALA A N   1 
ATOM   279  C CA  . ALA A 1 39  ? -9.301  -3.032  -4.735  1.00 11.54 ? 56  ALA A CA  1 
ATOM   280  C C   . ALA A 1 39  ? -9.974  -1.656  -4.979  1.00 12.27 ? 56  ALA A C   1 
ATOM   281  O O   . ALA A 1 39  ? -10.485 -1.396  -6.071  1.00 11.81 ? 56  ALA A O   1 
ATOM   282  C CB  . ALA A 1 39  ? -10.325 -4.025  -4.206  1.00 8.88  ? 56  ALA A CB  1 
ATOM   283  N N   . HIS A 1 40  ? -9.920  -0.761  -3.994  1.00 13.12 ? 57  HIS A N   1 
ATOM   284  C CA  . HIS A 1 40  ? -10.529 0.551   -4.176  1.00 14.54 ? 57  HIS A CA  1 
ATOM   285  C C   . HIS A 1 40  ? -9.678  1.453   -5.126  1.00 14.63 ? 57  HIS A C   1 
ATOM   286  O O   . HIS A 1 40  ? -10.121 2.518   -5.525  1.00 15.49 ? 57  HIS A O   1 
ATOM   287  C CB  . HIS A 1 40  ? -10.884 1.201   -2.765  1.00 16.93 ? 57  HIS A CB  1 
ATOM   288  C CG  . HIS A 1 40  ? -9.764  1.970   -2.131  1.00 17.82 ? 57  HIS A CG  1 
ATOM   289  N ND1 . HIS A 1 40  ? -9.111  1.534   -0.996  1.00 17.85 ? 57  HIS A ND1 1 
ATOM   290  C CD2 . HIS A 1 40  ? -9.211  3.166   -2.445  1.00 19.23 ? 57  HIS A CD2 1 
ATOM   291  C CE1 . HIS A 1 40  ? -8.189  2.411   -0.655  1.00 18.50 ? 57  HIS A CE1 1 
ATOM   292  N NE2 . HIS A 1 40  ? -8.229  3.418   -1.515  1.00 20.18 ? 57  HIS A NE2 1 
ATOM   293  N N   . CYS A 1 41  ? -8.541  0.941   -5.577  1.00 13.15 ? 58  CYS A N   1 
ATOM   294  C CA  . CYS A 1 41  ? -7.723  1.630   -6.565  1.00 14.28 ? 58  CYS A CA  1 
ATOM   295  C C   . CYS A 1 41  ? -8.027  1.186   -8.009  1.00 14.37 ? 58  CYS A C   1 
ATOM   296  O O   . CYS A 1 41  ? -7.405  1.673   -8.953  1.00 15.79 ? 58  CYS A O   1 
ATOM   297  C CB  . CYS A 1 41  ? -6.290  1.355   -6.313  1.00 12.72 ? 58  CYS A CB  1 
ATOM   298  S SG  . CYS A 1 41  ? -5.695  2.099   -4.805  1.00 14.39 ? 58  CYS A SG  1 
ATOM   299  N N   . TYR A 1 42  ? -8.964  0.255   -8.170  1.00 14.62 ? 59  TYR A N   1 
ATOM   300  C CA  . TYR A 1 42  ? -9.243  -0.325  -9.479  1.00 15.14 ? 59  TYR A CA  1 
ATOM   301  C C   . TYR A 1 42  ? -9.724  0.729   -10.447 1.00 17.41 ? 59  TYR A C   1 
ATOM   302  O O   . TYR A 1 42  ? -10.611 1.540   -10.132 1.00 17.01 ? 59  TYR A O   1 
ATOM   303  C CB  . TYR A 1 42  ? -10.332 -1.472  -9.383  1.00 16.39 ? 59  TYR A CB  1 
ATOM   304  C CG  . TYR A 1 42  ? -10.968 -1.843  -10.718 1.00 15.47 ? 59  TYR A CG  1 
ATOM   305  C CD1 . TYR A 1 42  ? -10.309 -2.682  -11.625 1.00 16.27 ? 59  TYR A CD1 1 
ATOM   306  C CD2 . TYR A 1 42  ? -12.129 -1.207  -11.144 1.00 15.35 ? 59  TYR A CD2 1 
ATOM   307  C CE1 . TYR A 1 42  ? -10.790 -2.850  -12.932 1.00 17.18 ? 59  TYR A CE1 1 
ATOM   308  C CE2 . TYR A 1 42  ? -12.608 -1.361  -12.443 1.00 18.74 ? 59  TYR A CE2 1 
ATOM   309  C CZ  . TYR A 1 42  ? -11.933 -2.178  -13.327 1.00 17.86 ? 59  TYR A CZ  1 
ATOM   310  O OH  . TYR A 1 42  ? -12.406 -2.269  -14.617 1.00 22.94 ? 59  TYR A OH  1 
ATOM   311  N N   . LYS A 1 43  ? -9.117  0.725   -11.628 1.00 17.94 ? 60  LYS A N   1 
ATOM   312  C CA  . LYS A 1 43  ? -9.662  1.423   -12.784 1.00 20.92 ? 60  LYS A CA  1 
ATOM   313  C C   . LYS A 1 43  ? -9.053  0.826   -14.011 1.00 22.87 ? 60  LYS A C   1 
ATOM   314  O O   . LYS A 1 43  ? -8.151  -0.020  -13.916 1.00 22.56 ? 60  LYS A O   1 
ATOM   315  C CB  . LYS A 1 43  ? -9.333  2.902   -12.718 1.00 20.97 ? 60  LYS A CB  1 
ATOM   316  C CG  . LYS A 1 43  ? -7.872  3.181   -12.538 1.00 19.38 ? 60  LYS A CG  1 
ATOM   317  C CD  . LYS A 1 43  ? -7.569  4.619   -12.836 1.00 23.53 ? 60  LYS A CD  1 
ATOM   318  C CE  . LYS A 1 43  ? -8.337  5.551   -11.925 1.00 24.58 ? 60  LYS A CE  1 
ATOM   319  N NZ  . LYS A 1 43  ? -7.864  6.948   -12.097 1.00 23.93 ? 60  LYS A NZ  1 
ATOM   320  N N   . SER A 1 44  ? -9.594  1.183   -15.174 1.00 25.29 ? 61  SER A N   1 
ATOM   321  C CA  . SER A 1 44  ? -9.011  0.761   -16.447 1.00 27.15 ? 61  SER A CA  1 
ATOM   322  C C   . SER A 1 44  ? -7.831  1.686   -16.834 1.00 26.34 ? 61  SER A C   1 
ATOM   323  O O   . SER A 1 44  ? -7.720  2.814   -16.342 1.00 27.18 ? 61  SER A O   1 
ATOM   324  C CB  . SER A 1 44  ? -10.071 0.794   -17.545 1.00 27.27 ? 61  SER A CB  1 
ATOM   325  O OG  . SER A 1 44  ? -11.353 0.531   -17.003 1.00 35.16 ? 61  SER A OG  1 
ATOM   326  N N   . GLY A 1 45  ? -6.937  1.171   -17.673 1.00 26.49 ? 62  GLY A N   1 
ATOM   327  C CA  . GLY A 1 45  ? -5.895  2.001   -18.245 1.00 24.89 ? 62  GLY A CA  1 
ATOM   328  C C   . GLY A 1 45  ? -4.810  2.326   -17.245 1.00 23.73 ? 62  GLY A C   1 
ATOM   329  O O   . GLY A 1 45  ? -4.336  3.453   -17.186 1.00 26.20 ? 62  GLY A O   1 
ATOM   330  N N   . ILE A 1 46  ? -4.416  1.338   -16.455 1.00 21.37 ? 63  ILE A N   1 
ATOM   331  C CA  . ILE A 1 46  ? -3.374  1.541   -15.458 1.00 19.98 ? 63  ILE A CA  1 
ATOM   332  C C   . ILE A 1 46  ? -2.006  1.278   -16.072 1.00 19.73 ? 63  ILE A C   1 
ATOM   333  O O   . ILE A 1 46  ? -1.798  0.261   -16.742 1.00 18.86 ? 63  ILE A O   1 
ATOM   334  C CB  . ILE A 1 46  ? -3.574  0.601   -14.244 1.00 19.40 ? 63  ILE A CB  1 
ATOM   335  C CG1 . ILE A 1 46  ? -4.926  0.889   -13.578 1.00 19.37 ? 63  ILE A CG1 1 
ATOM   336  C CG2 . ILE A 1 46  ? -2.425  0.768   -13.241 1.00 19.90 ? 63  ILE A CG2 1 
ATOM   337  C CD1 . ILE A 1 46  ? -5.243  -0.044  -12.383 1.00 19.61 ? 63  ILE A CD1 1 
ATOM   338  N N   . GLN A 1 47  ? -1.088  2.219   -15.883 1.00 17.76 ? 64  GLN A N   1 
ATOM   339  C CA  . GLN A 1 47  ? 0.320   1.960   -16.137 1.00 16.20 ? 64  GLN A CA  1 
ATOM   340  C C   . GLN A 1 47  ? 1.004   1.884   -14.846 1.00 15.68 ? 64  GLN A C   1 
ATOM   341  O O   . GLN A 1 47  ? 0.810   2.742   -13.980 1.00 15.67 ? 64  GLN A O   1 
ATOM   342  C CB  . GLN A 1 47  ? 0.949   3.073   -16.935 1.00 14.96 ? 64  GLN A CB  1 
ATOM   343  C CG  . GLN A 1 47  ? 2.408   2.813   -17.292 1.00 17.14 ? 64  GLN A CG  1 
ATOM   344  C CD  . GLN A 1 47  ? 3.059   3.983   -18.013 1.00 20.99 ? 64  GLN A CD  1 
ATOM   345  O OE1 . GLN A 1 47  ? 3.419   3.871   -19.181 1.00 26.03 ? 64  GLN A OE1 1 
ATOM   346  N NE2 . GLN A 1 47  ? 3.241   5.096   -17.313 1.00 18.98 ? 64  GLN A NE2 1 
ATOM   347  N N   . VAL A 1 48  ? 1.761   0.814   -14.649 1.00 14.29 ? 65  VAL A N   1 
ATOM   348  C CA  . VAL A 1 48  ? 2.549   0.657   -13.436 1.00 14.91 ? 65  VAL A CA  1 
ATOM   349  C C   . VAL A 1 48  ? 3.912   1.349   -13.603 1.00 14.05 ? 65  VAL A C   1 
ATOM   350  O O   . VAL A 1 48  ? 4.626   1.108   -14.578 1.00 14.97 ? 65  VAL A O   1 
ATOM   351  C CB  . VAL A 1 48  ? 2.756   -0.833  -13.111 1.00 14.82 ? 65  VAL A CB  1 
ATOM   352  C CG1 . VAL A 1 48  ? 3.597   -1.091  -11.843 1.00 16.37 ? 65  VAL A CG1 1 
ATOM   353  C CG2 . VAL A 1 48  ? 1.337   -1.399  -12.940 1.00 16.22 ? 65  VAL A CG2 1 
ATOM   354  N N   . ARG A 1 49  A 4.252   2.221   -12.661 1.00 13.54 ? 65  ARG A N   1 
ATOM   355  C CA  . ARG A 1 49  A 5.534   2.919   -12.696 1.00 13.25 ? 65  ARG A CA  1 
ATOM   356  C C   . ARG A 1 49  A 6.439   2.440   -11.555 1.00 13.16 ? 65  ARG A C   1 
ATOM   357  O O   . ARG A 1 49  A 6.144   2.661   -10.375 1.00 10.98 ? 65  ARG A O   1 
ATOM   358  C CB  . ARG A 1 49  A 5.302   4.438   -12.633 1.00 11.65 ? 65  ARG A CB  1 
ATOM   359  C CG  . ARG A 1 49  A 4.339   4.937   -13.696 1.00 12.66 ? 65  ARG A CG  1 
ATOM   360  C CD  . ARG A 1 49  A 4.508   6.426   -13.964 1.00 12.35 ? 65  ARG A CD  1 
ATOM   361  N NE  . ARG A 1 49  A 4.043   6.751   -15.311 1.00 13.50 ? 65  ARG A NE  1 
ATOM   362  C CZ  . ARG A 1 49  A 4.445   7.799   -16.019 1.00 15.39 ? 65  ARG A CZ  1 
ATOM   363  N NH1 . ARG A 1 49  A 5.120   8.827   -15.422 1.00 16.45 ? 65  ARG A NH1 1 
ATOM   364  N NH2 . ARG A 1 49  A 4.065   7.912   -17.321 1.00 17.92 ? 65  ARG A NH2 1 
ATOM   365  N N   . LEU A 1 50  ? 7.502   1.731   -11.924 1.00 13.12 ? 66  LEU A N   1 
ATOM   366  C CA  . LEU A 1 50  ? 8.453   1.184   -10.963 1.00 12.27 ? 66  LEU A CA  1 
ATOM   367  C C   . LEU A 1 50  ? 9.699   2.025   -10.951 1.00 13.68 ? 66  LEU A C   1 
ATOM   368  O O   . LEU A 1 50  ? 9.942   2.806   -11.878 1.00 14.62 ? 66  LEU A O   1 
ATOM   369  C CB  . LEU A 1 50  ? 8.829   -0.269  -11.349 1.00 14.15 ? 66  LEU A CB  1 
ATOM   370  C CG  . LEU A 1 50  ? 7.673   -1.264  -11.615 1.00 17.40 ? 66  LEU A CG  1 
ATOM   371  C CD1 . LEU A 1 50  ? 7.111   -1.041  -12.980 1.00 21.00 ? 66  LEU A CD1 1 
ATOM   372  C CD2 . LEU A 1 50  ? 8.175   -2.667  -11.530 1.00 22.65 ? 66  LEU A CD2 1 
ATOM   373  N N   . GLY A 1 51  ? 10.508  1.871   -9.904  1.00 14.35 ? 69  GLY A N   1 
ATOM   374  C CA  . GLY A 1 51  ? 11.789  2.552   -9.837  1.00 13.99 ? 69  GLY A CA  1 
ATOM   375  C C   . GLY A 1 51  ? 11.661  4.056   -9.660  1.00 14.46 ? 69  GLY A C   1 
ATOM   376  O O   . GLY A 1 51  ? 12.596  4.803   -9.979  1.00 13.25 ? 69  GLY A O   1 
ATOM   377  N N   . GLU A 1 52  ? 10.513  4.513   -9.158  1.00 12.43 ? 70  GLU A N   1 
ATOM   378  C CA  . GLU A 1 52  ? 10.260  5.948   -9.038  1.00 13.39 ? 70  GLU A CA  1 
ATOM   379  C C   . GLU A 1 52  ? 10.783  6.532   -7.749  1.00 13.97 ? 70  GLU A C   1 
ATOM   380  O O   . GLU A 1 52  ? 10.704  5.893   -6.694  1.00 14.88 ? 70  GLU A O   1 
ATOM   381  C CB  . GLU A 1 52  ? 8.752   6.252   -9.071  1.00 13.20 ? 70  GLU A CB  1 
ATOM   382  C CG  . GLU A 1 52  ? 8.118   6.166   -10.452 1.00 15.31 ? 70  GLU A CG  1 
ATOM   383  C CD  . GLU A 1 52  ? 8.390   7.386   -11.278 1.00 16.90 ? 70  GLU A CD  1 
ATOM   384  O OE1 . GLU A 1 52  ? 9.287   8.140   -10.873 1.00 16.90 ? 70  GLU A OE1 1 
ATOM   385  O OE2 . GLU A 1 52  ? 7.722   7.644   -12.299 1.00 15.82 ? 70  GLU A OE2 1 
ATOM   386  N N   . ASP A 1 53  ? 11.299  7.760   -7.819  1.00 13.13 ? 71  ASP A N   1 
ATOM   387  C CA  . ASP A 1 53  ? 11.390  8.613   -6.633  1.00 14.44 ? 71  ASP A CA  1 
ATOM   388  C C   . ASP A 1 53  ? 10.546  9.870   -6.823  1.00 14.26 ? 71  ASP A C   1 
ATOM   389  O O   . ASP A 1 53  ? 9.389   9.915   -6.397  1.00 15.80 ? 71  ASP A O   1 
ATOM   390  C CB  . ASP A 1 53  ? 12.871  8.963   -6.294  1.00 13.48 ? 71  ASP A CB  1 
ATOM   391  C CG  . ASP A 1 53  ? 12.828  9.625   -4.900  1.00 16.97 ? 71  ASP A CG  1 
ATOM   392  O OD1 . ASP A 1 53  ? 12.118  9.149   -3.986  1.00 17.12 ? 71  ASP A OD1 1 
ATOM   393  O OD2 . ASP A 1 53  ? 13.540  10.631  -4.736  1.00 16.02 ? 71  ASP A OD2 1 
ATOM   394  N N   . ASN A 1 54  ? 11.088  10.873  -7.501  1.00 12.80 ? 72  ASN A N   1 
ATOM   395  C CA  . ASN A 1 54  ? 10.262  11.998  -7.935  1.00 14.04 ? 72  ASN A CA  1 
ATOM   396  C C   . ASN A 1 54  ? 9.296   11.520  -9.085  1.00 14.07 ? 72  ASN A C   1 
ATOM   397  O O   . ASN A 1 54  ? 9.742   11.252  -10.190 1.00 13.55 ? 72  ASN A O   1 
ATOM   398  C CB  . ASN A 1 54  ? 11.131  13.113  -8.462  1.00 12.76 ? 72  ASN A CB  1 
ATOM   399  C CG  . ASN A 1 54  ? 10.413  14.438  -8.537  1.00 14.49 ? 72  ASN A CG  1 
ATOM   400  O OD1 . ASN A 1 54  ? 10.927  15.449  -8.078  1.00 18.58 ? 72  ASN A OD1 1 
ATOM   401  N ND2 . ASN A 1 54  ? 9.261   14.462  -9.185  1.00 11.97 ? 72  ASN A ND2 1 
ATOM   402  N N   . ILE A 1 55  ? 8.001   11.426  -8.815  1.00 12.21 ? 73  ILE A N   1 
ATOM   403  C CA  . ILE A 1 55  ? 7.069   10.982  -9.846  1.00 13.01 ? 73  ILE A CA  1 
ATOM   404  C C   . ILE A 1 55  ? 6.797   12.040  -10.949 1.00 14.12 ? 73  ILE A C   1 
ATOM   405  O O   . ILE A 1 55  ? 6.075   11.766  -11.912 1.00 16.07 ? 73  ILE A O   1 
ATOM   406  C CB  . ILE A 1 55  ? 5.715   10.539  -9.250  1.00 14.64 ? 73  ILE A CB  1 
ATOM   407  C CG1 . ILE A 1 55  ? 5.173   11.620  -8.290  1.00 13.99 ? 73  ILE A CG1 1 
ATOM   408  C CG2 . ILE A 1 55  ? 5.873   9.161   -8.580  1.00 12.30 ? 73  ILE A CG2 1 
ATOM   409  C CD1 . ILE A 1 55  ? 3.754   11.347  -7.809  1.00 16.05 ? 73  ILE A CD1 1 
ATOM   410  N N   . ASN A 1 56  ? 7.346   13.238  -10.790 1.00 11.64 ? 74  ASN A N   1 
ATOM   411  C CA  . ASN A 1 56  ? 7.206   14.264  -11.814 1.00 12.37 ? 74  ASN A CA  1 
ATOM   412  C C   . ASN A 1 56  ? 8.469   14.474  -12.668 1.00 12.48 ? 74  ASN A C   1 
ATOM   413  O O   . ASN A 1 56  ? 8.480   15.333  -13.545 1.00 14.38 ? 74  ASN A O   1 
ATOM   414  C CB  . ASN A 1 56  ? 6.806   15.621  -11.180 1.00 12.72 ? 74  ASN A CB  1 
ATOM   415  C CG  . ASN A 1 56  ? 5.302   15.724  -10.956 1.00 13.75 ? 74  ASN A CG  1 
ATOM   416  O OD1 . ASN A 1 56  ? 4.511   15.203  -11.738 1.00 13.29 ? 74  ASN A OD1 1 
ATOM   417  N ND2 . ASN A 1 56  ? 4.904   16.468  -9.937  1.00 13.34 ? 74  ASN A ND2 1 
ATOM   418  N N   . VAL A 1 57  ? 9.544   13.749  -12.365 1.00 11.55 ? 75  VAL A N   1 
ATOM   419  C CA  . VAL A 1 57  ? 10.820  13.931  -13.057 1.00 13.26 ? 75  VAL A CA  1 
ATOM   420  C C   . VAL A 1 57  ? 11.344  12.596  -13.434 1.00 13.35 ? 75  VAL A C   1 
ATOM   421  O O   . VAL A 1 57  ? 11.476  11.737  -12.577 1.00 12.70 ? 75  VAL A O   1 
ATOM   422  C CB  . VAL A 1 57  ? 11.919  14.648  -12.117 1.00 13.59 ? 75  VAL A CB  1 
ATOM   423  C CG1 . VAL A 1 57  ? 13.306  14.740  -12.830 1.00 12.31 ? 75  VAL A CG1 1 
ATOM   424  C CG2 . VAL A 1 57  ? 11.439  16.029  -11.708 1.00 10.67 ? 75  VAL A CG2 1 
ATOM   425  N N   . VAL A 1 58  ? 11.772  12.431  -14.679 1.00 14.15 ? 76  VAL A N   1 
ATOM   426  C CA  . VAL A 1 58  ? 12.438  11.200  -15.082 1.00 14.71 ? 76  VAL A CA  1 
ATOM   427  C C   . VAL A 1 58  ? 13.885  11.268  -14.652 1.00 17.11 ? 76  VAL A C   1 
ATOM   428  O O   . VAL A 1 58  ? 14.635  12.122  -15.118 1.00 16.77 ? 76  VAL A O   1 
ATOM   429  C CB  . VAL A 1 58  ? 12.344  10.970  -16.634 1.00 15.37 ? 76  VAL A CB  1 
ATOM   430  C CG1 . VAL A 1 58  ? 13.177  9.743   -17.063 1.00 15.46 ? 76  VAL A CG1 1 
ATOM   431  C CG2 . VAL A 1 58  ? 10.867  10.759  -17.014 1.00 13.52 ? 76  VAL A CG2 1 
ATOM   432  N N   . GLU A 1 59  ? 14.242  10.460  -13.656 1.00 17.26 ? 77  GLU A N   1 
ATOM   433  C CA  . GLU A 1 59  ? 15.565  10.531  -13.041 1.00 18.69 ? 77  GLU A CA  1 
ATOM   434  C C   . GLU A 1 59  ? 16.489  9.411   -13.422 1.00 19.54 ? 77  GLU A C   1 
ATOM   435  O O   . GLU A 1 59  ? 17.636  9.367   -12.982 1.00 20.43 ? 77  GLU A O   1 
ATOM   436  C CB  . GLU A 1 59  ? 15.438  10.551  -11.538 1.00 19.02 ? 77  GLU A CB  1 
ATOM   437  C CG  . GLU A 1 59  ? 14.576  11.686  -11.040 1.00 21.07 ? 77  GLU A CG  1 
ATOM   438  C CD  . GLU A 1 59  ? 14.362  11.596  -9.591  1.00 24.13 ? 77  GLU A CD  1 
ATOM   439  O OE1 . GLU A 1 59  ? 13.423  10.901  -9.141  1.00 21.94 ? 77  GLU A OE1 1 
ATOM   440  O OE2 . GLU A 1 59  ? 15.141  12.266  -8.877  1.00 25.77 ? 77  GLU A OE2 1 
ATOM   441  N N   . GLY A 1 60  ? 15.980  8.443   -14.173 1.00 20.21 ? 78  GLY A N   1 
ATOM   442  C CA  . GLY A 1 60  ? 16.857  7.415   -14.689 1.00 20.63 ? 78  GLY A CA  1 
ATOM   443  C C   . GLY A 1 60  ? 16.557  5.986   -14.282 1.00 21.86 ? 78  GLY A C   1 
ATOM   444  O O   . GLY A 1 60  ? 16.939  5.077   -15.009 1.00 24.79 ? 78  GLY A O   1 
ATOM   445  N N   . ASN A 1 61  ? 15.871  5.763   -13.164 1.00 20.63 ? 79  ASN A N   1 
ATOM   446  C CA  . ASN A 1 61  ? 15.657  4.385   -12.699 1.00 20.35 ? 79  ASN A CA  1 
ATOM   447  C C   . ASN A 1 61  ? 14.273  3.802   -12.959 1.00 18.98 ? 79  ASN A C   1 
ATOM   448  O O   . ASN A 1 61  ? 13.980  2.685   -12.539 1.00 19.81 ? 79  ASN A O   1 
ATOM   449  C CB  . ASN A 1 61  ? 15.905  4.273   -11.212 1.00 22.16 ? 79  ASN A CB  1 
ATOM   450  C CG  . ASN A 1 61  ? 17.370  4.474   -11.008 1.00 24.10 ? 79  ASN A CG  1 
ATOM   451  O OD1 . ASN A 1 61  ? 18.184  3.630   -11.387 1.00 24.89 ? 79  ASN A OD1 1 
ATOM   452  N ND2 . ASN A 1 61  ? 17.733  5.613   -10.438 1.00 23.98 ? 79  ASN A ND2 1 
ATOM   453  N N   . GLU A 1 62  ? 13.443  4.529   -13.695 1.00 18.57 ? 80  GLU A N   1 
ATOM   454  C CA  . GLU A 1 62  ? 12.050  4.139   -13.866 1.00 18.18 ? 80  GLU A CA  1 
ATOM   455  C C   . GLU A 1 62  ? 11.862  3.055   -14.895 1.00 17.48 ? 80  GLU A C   1 
ATOM   456  O O   . GLU A 1 62  ? 12.652  2.918   -15.832 1.00 17.05 ? 80  GLU A O   1 
ATOM   457  C CB  . GLU A 1 62  ? 11.172  5.331   -14.311 1.00 17.96 ? 80  GLU A CB  1 
ATOM   458  C CG  . GLU A 1 62  ? 11.167  6.506   -13.351 1.00 16.61 ? 80  GLU A CG  1 
ATOM   459  C CD  . GLU A 1 62  ? 12.303  7.497   -13.620 1.00 17.52 ? 80  GLU A CD  1 
ATOM   460  O OE1 . GLU A 1 62  ? 13.304  7.259   -14.322 1.00 14.90 ? 80  GLU A OE1 1 
ATOM   461  O OE2 . GLU A 1 62  ? 12.185  8.574   -13.027 1.00 16.02 ? 80  GLU A OE2 1 
ATOM   462  N N   . GLN A 1 63  ? 10.804  2.273   -14.700 1.00 17.68 ? 81  GLN A N   1 
ATOM   463  C CA  . GLN A 1 63  ? 10.286  1.338   -15.692 1.00 18.26 ? 81  GLN A CA  1 
ATOM   464  C C   . GLN A 1 63  ? 8.821   1.537   -15.754 1.00 18.22 ? 81  GLN A C   1 
ATOM   465  O O   . GLN A 1 63  ? 8.147   1.460   -14.729 1.00 19.29 ? 81  GLN A O   1 
ATOM   466  C CB  . GLN A 1 63  ? 10.527  -0.125  -15.254 1.00 17.42 ? 81  GLN A CB  1 
ATOM   467  C CG  . GLN A 1 63  ? 11.992  -0.502  -15.208 1.00 18.10 ? 81  GLN A CG  1 
ATOM   468  C CD  . GLN A 1 63  ? 12.267  -1.926  -14.894 1.00 16.18 ? 81  GLN A CD  1 
ATOM   469  O OE1 . GLN A 1 63  ? 11.714  -2.831  -15.523 1.00 17.52 ? 81  GLN A OE1 1 
ATOM   470  N NE2 . GLN A 1 63  ? 13.176  -2.158  -13.955 1.00 15.13 ? 81  GLN A NE2 1 
ATOM   471  N N   . PHE A 1 64  ? 8.312   1.931   -16.915 1.00 16.63 ? 82  PHE A N   1 
ATOM   472  C CA  . PHE A 1 64  ? 6.877   2.139   -17.072 1.00 17.15 ? 82  PHE A CA  1 
ATOM   473  C C   . PHE A 1 64  ? 6.323   1.011   -17.870 1.00 19.33 ? 82  PHE A C   1 
ATOM   474  O O   . PHE A 1 64  ? 6.816   0.725   -18.964 1.00 20.82 ? 82  PHE A O   1 
ATOM   475  C CB  . PHE A 1 64  ? 6.585   3.433   -17.811 1.00 17.12 ? 82  PHE A CB  1 
ATOM   476  C CG  . PHE A 1 64  ? 7.103   4.665   -17.124 1.00 17.63 ? 82  PHE A CG  1 
ATOM   477  C CD1 . PHE A 1 64  ? 7.386   4.664   -15.762 1.00 18.63 ? 82  PHE A CD1 1 
ATOM   478  C CD2 . PHE A 1 64  ? 7.289   5.841   -17.843 1.00 19.32 ? 82  PHE A CD2 1 
ATOM   479  C CE1 . PHE A 1 64  ? 7.844   5.815   -15.128 1.00 18.46 ? 82  PHE A CE1 1 
ATOM   480  C CE2 . PHE A 1 64  ? 7.751   7.008   -17.214 1.00 18.86 ? 82  PHE A CE2 1 
ATOM   481  C CZ  . PHE A 1 64  ? 8.028   6.993   -15.861 1.00 18.29 ? 82  PHE A CZ  1 
ATOM   482  N N   . ILE A 1 65  ? 5.397   0.268   -17.272 1.00 16.31 ? 83  ILE A N   1 
ATOM   483  C CA  . ILE A 1 65  ? 4.843   -0.937  -17.880 1.00 16.25 ? 83  ILE A CA  1 
ATOM   484  C C   . ILE A 1 65  ? 3.360   -0.934  -17.688 1.00 17.31 ? 83  ILE A C   1 
ATOM   485  O O   . ILE A 1 65  ? 2.874   -0.793  -16.562 1.00 16.38 ? 83  ILE A O   1 
ATOM   486  C CB  . ILE A 1 65  ? 5.412   -2.234  -17.212 1.00 17.31 ? 83  ILE A CB  1 
ATOM   487  C CG1 . ILE A 1 65  ? 6.964   -2.187  -17.165 1.00 16.83 ? 83  ILE A CG1 1 
ATOM   488  C CG2 . ILE A 1 65  ? 4.930   -3.475  -18.008 1.00 15.89 ? 83  ILE A CG2 1 
ATOM   489  C CD1 . ILE A 1 65  ? 7.584   -3.130  -16.128 1.00 16.64 ? 83  ILE A CD1 1 
ATOM   490  N N   . SER A 1 66  ? 2.621   -1.142  -18.772 1.00 15.45 ? 84  SER A N   1 
ATOM   491  C CA  . SER A 1 66  ? 1.170   -1.213  -18.692 1.00 15.79 ? 84  SER A CA  1 
ATOM   492  C C   . SER A 1 66  ? 0.693   -2.505  -18.087 1.00 13.40 ? 84  SER A C   1 
ATOM   493  O O   . SER A 1 66  ? 1.365   -3.529  -18.181 1.00 14.30 ? 84  SER A O   1 
ATOM   494  C CB  . SER A 1 66  ? 0.558   -1.070  -20.082 1.00 19.17 ? 84  SER A CB  1 
ATOM   495  O OG  . SER A 1 66  ? 0.706   0.258   -20.553 1.00 27.23 ? 84  SER A OG  1 
ATOM   496  N N   . ALA A 1 67  ? -0.470  -2.456  -17.450 1.00 13.22 ? 85  ALA A N   1 
ATOM   497  C CA  . ALA A 1 67  ? -1.109  -3.648  -16.909 1.00 14.93 ? 85  ALA A CA  1 
ATOM   498  C C   . ALA A 1 67  ? -1.857  -4.414  -18.026 1.00 15.87 ? 85  ALA A C   1 
ATOM   499  O O   . ALA A 1 67  ? -2.529  -3.801  -18.864 1.00 16.81 ? 85  ALA A O   1 
ATOM   500  C CB  . ALA A 1 67  ? -2.081  -3.247  -15.819 1.00 14.16 ? 85  ALA A CB  1 
ATOM   501  N N   . SER A 1 68  ? -1.730  -5.734  -18.046 1.00 14.97 ? 86  SER A N   1 
ATOM   502  C CA  . SER A 1 68  ? -2.469  -6.530  -19.012 1.00 17.05 ? 86  SER A CA  1 
ATOM   503  C C   . SER A 1 68  ? -3.780  -6.985  -18.439 1.00 17.65 ? 86  SER A C   1 
ATOM   504  O O   . SER A 1 68  ? -4.758  -7.173  -19.174 1.00 17.98 ? 86  SER A O   1 
ATOM   505  C CB  . SER A 1 68  ? -1.655  -7.722  -19.437 1.00 16.85 ? 86  SER A CB  1 
ATOM   506  O OG  . SER A 1 68  ? -1.280  -8.484  -18.315 1.00 19.62 ? 86  SER A OG  1 
ATOM   507  N N   . LYS A 1 69  ? -3.797  -7.240  -17.134 1.00 17.64 ? 87  LYS A N   1 
ATOM   508  C CA  . LYS A 1 69  ? -5.059  -7.495  -16.442 1.00 19.25 ? 87  LYS A CA  1 
ATOM   509  C C   . LYS A 1 69  ? -5.039  -7.144  -14.979 1.00 17.96 ? 87  LYS A C   1 
ATOM   510  O O   . LYS A 1 69  ? -3.977  -7.010  -14.368 1.00 17.47 ? 87  LYS A O   1 
ATOM   511  C CB  . LYS A 1 69  ? -5.500  -8.954  -16.616 1.00 20.56 ? 87  LYS A CB  1 
ATOM   512  C CG  . LYS A 1 69  ? -4.556  -10.000 -16.076 1.00 27.56 ? 87  LYS A CG  1 
ATOM   513  C CD  . LYS A 1 69  ? -5.057  -11.393 -16.467 1.00 34.18 ? 87  LYS A CD  1 
ATOM   514  C CE  . LYS A 1 69  ? -3.995  -12.198 -17.232 1.00 38.54 ? 87  LYS A CE  1 
ATOM   515  N NZ  . LYS A 1 69  ? -3.241  -11.364 -18.228 1.00 38.80 ? 87  LYS A NZ  1 
ATOM   516  N N   . SER A 1 70  ? -6.220  -6.879  -14.436 1.00 17.54 ? 88  SER A N   1 
ATOM   517  C CA  . SER A 1 70  ? -6.354  -6.611  -13.016 1.00 18.57 ? 88  SER A CA  1 
ATOM   518  C C   . SER A 1 70  ? -7.448  -7.470  -12.463 1.00 17.01 ? 88  SER A C   1 
ATOM   519  O O   . SER A 1 70  ? -8.419  -7.789  -13.163 1.00 14.41 ? 88  SER A O   1 
ATOM   520  C CB  . SER A 1 70  ? -6.567  -5.092  -12.782 1.00 21.05 ? 88  SER A CB  1 
ATOM   521  O OG  . SER A 1 70  ? -7.893  -4.707  -13.070 1.00 29.36 ? 88  SER A OG  1 
ATOM   522  N N   . ILE A 1 71  ? -7.212  -7.995  -11.265 1.00 15.01 ? 89  ILE A N   1 
ATOM   523  C CA  . ILE A 1 71  ? -8.139  -8.918  -10.629 1.00 14.29 ? 89  ILE A CA  1 
ATOM   524  C C   . ILE A 1 71  ? -8.526  -8.397  -9.253  1.00 13.98 ? 89  ILE A C   1 
ATOM   525  O O   . ILE A 1 71  ? -7.703  -8.375  -8.333  1.00 14.19 ? 89  ILE A O   1 
ATOM   526  C CB  . ILE A 1 71  ? -7.516  -10.337 -10.508 1.00 13.77 ? 89  ILE A CB  1 
ATOM   527  C CG1 . ILE A 1 71  ? -7.091  -10.835 -11.903 1.00 13.59 ? 89  ILE A CG1 1 
ATOM   528  C CG2 . ILE A 1 71  ? -8.554  -11.294 -9.875  1.00 11.65 ? 89  ILE A CG2 1 
ATOM   529  C CD1 . ILE A 1 71  ? -6.114  -11.978 -11.900 1.00 14.91 ? 89  ILE A CD1 1 
ATOM   530  N N   . VAL A 1 72  ? -9.750  -7.899  -9.130  1.00 12.88 ? 90  VAL A N   1 
ATOM   531  C CA  . VAL A 1 72  ? -10.246 -7.452  -7.833  1.00 12.61 ? 90  VAL A CA  1 
ATOM   532  C C   . VAL A 1 72  ? -10.669 -8.680  -7.051  1.00 12.48 ? 90  VAL A C   1 
ATOM   533  O O   . VAL A 1 72  ? -11.129 -9.660  -7.637  1.00 12.17 ? 90  VAL A O   1 
ATOM   534  C CB  . VAL A 1 72  ? -11.431 -6.459  -8.000  1.00 12.68 ? 90  VAL A CB  1 
ATOM   535  C CG1 . VAL A 1 72  ? -12.146 -6.144  -6.670  1.00 12.58 ? 90  VAL A CG1 1 
ATOM   536  C CG2 . VAL A 1 72  ? -10.869 -5.151  -8.622  1.00 11.40 ? 90  VAL A CG2 1 
ATOM   537  N N   . HIS A 1 73  ? -10.358 -8.700  -5.755  1.00 11.77 ? 91  HIS A N   1 
ATOM   538  C CA  . HIS A 1 73  ? -10.703 -9.839  -4.905  1.00 13.06 ? 91  HIS A CA  1 
ATOM   539  C C   . HIS A 1 73  ? -12.177 -10.221 -5.061  1.00 12.47 ? 91  HIS A C   1 
ATOM   540  O O   . HIS A 1 73  ? -13.054 -9.357  -5.077  1.00 13.27 ? 91  HIS A O   1 
ATOM   541  C CB  . HIS A 1 73  ? -10.465 -9.510  -3.408  1.00 12.22 ? 91  HIS A CB  1 
ATOM   542  C CG  . HIS A 1 73  ? -10.545 -10.706 -2.512  1.00 12.41 ? 91  HIS A CG  1 
ATOM   543  N ND1 . HIS A 1 73  ? -11.739 -11.163 -1.987  1.00 13.06 ? 91  HIS A ND1 1 
ATOM   544  C CD2 . HIS A 1 73  ? -9.606  -11.608 -2.151  1.00 11.91 ? 91  HIS A CD2 1 
ATOM   545  C CE1 . HIS A 1 73  ? -11.530 -12.307 -1.361  1.00 13.49 ? 91  HIS A CE1 1 
ATOM   546  N NE2 . HIS A 1 73  ? -10.244 -12.600 -1.446  1.00 16.08 ? 91  HIS A NE2 1 
ATOM   547  N N   . PRO A 1 74  ? -12.488 -11.527 -5.132  1.00 11.52 ? 92  PRO A N   1 
ATOM   548  C CA  . PRO A 1 74  ? -13.865 -11.916 -5.440  1.00 13.30 ? 92  PRO A CA  1 
ATOM   549  C C   . PRO A 1 74  ? -14.880 -11.395 -4.435  1.00 12.27 ? 92  PRO A C   1 
ATOM   550  O O   . PRO A 1 74  ? -16.032 -11.184 -4.782  1.00 13.63 ? 92  PRO A O   1 
ATOM   551  C CB  . PRO A 1 74  ? -13.782 -13.460 -5.556  1.00 12.16 ? 92  PRO A CB  1 
ATOM   552  C CG  . PRO A 1 74  ? -12.484 -13.817 -4.938  1.00 14.65 ? 92  PRO A CG  1 
ATOM   553  C CD  . PRO A 1 74  ? -11.579 -12.678 -5.229  1.00 13.16 ? 92  PRO A CD  1 
ATOM   554  N N   . SER A 1 75  ? -14.454 -11.179 -3.194  1.00 12.73 ? 93  SER A N   1 
ATOM   555  C CA  . SER A 1 75  ? -15.383 -10.755 -2.151  1.00 13.99 ? 93  SER A CA  1 
ATOM   556  C C   . SER A 1 75  ? -15.229 -9.326  -1.713  1.00 13.67 ? 93  SER A C   1 
ATOM   557  O O   . SER A 1 75  ? -15.668 -8.958  -0.620  1.00 14.24 ? 93  SER A O   1 
ATOM   558  C CB  . SER A 1 75  ? -15.261 -11.660 -0.927  1.00 15.73 ? 93  SER A CB  1 
ATOM   559  O OG  . SER A 1 75  ? -15.434 -13.015 -1.288  1.00 18.07 ? 93  SER A OG  1 
ATOM   560  N N   . TYR A 1 76  ? -14.622 -8.500  -2.557  1.00 12.63 ? 94  TYR A N   1 
ATOM   561  C CA  . TYR A 1 76  ? -14.458 -7.090  -2.225  1.00 11.63 ? 94  TYR A CA  1 
ATOM   562  C C   . TYR A 1 76  ? -15.816 -6.400  -2.076  1.00 11.82 ? 94  TYR A C   1 
ATOM   563  O O   . TYR A 1 76  ? -16.700 -6.536  -2.934  1.00 10.18 ? 94  TYR A O   1 
ATOM   564  C CB  . TYR A 1 76  ? -13.642 -6.358  -3.303  1.00 9.49  ? 94  TYR A CB  1 
ATOM   565  C CG  . TYR A 1 76  ? -13.608 -4.858  -3.138  1.00 10.01 ? 94  TYR A CG  1 
ATOM   566  C CD1 . TYR A 1 76  ? -13.078 -4.269  -1.981  1.00 10.07 ? 94  TYR A CD1 1 
ATOM   567  C CD2 . TYR A 1 76  ? -14.097 -4.021  -4.137  1.00 10.39 ? 94  TYR A CD2 1 
ATOM   568  C CE1 . TYR A 1 76  ? -13.039 -2.886  -1.828  1.00 10.33 ? 94  TYR A CE1 1 
ATOM   569  C CE2 . TYR A 1 76  ? -14.054 -2.626  -4.000  1.00 11.98 ? 94  TYR A CE2 1 
ATOM   570  C CZ  . TYR A 1 76  ? -13.522 -2.069  -2.847  1.00 12.38 ? 94  TYR A CZ  1 
ATOM   571  O OH  . TYR A 1 76  ? -13.460 -0.699  -2.732  1.00 13.68 ? 94  TYR A OH  1 
ATOM   572  N N   . ASN A 1 77  ? -15.976 -5.692  -0.963  1.00 11.25 ? 95  ASN A N   1 
ATOM   573  C CA  . ASN A 1 77  ? -17.172 -4.895  -0.717  1.00 14.22 ? 95  ASN A CA  1 
ATOM   574  C C   . ASN A 1 77  ? -16.804 -3.414  -0.590  1.00 13.58 ? 95  ASN A C   1 
ATOM   575  O O   . ASN A 1 77  ? -16.211 -2.992  0.410   1.00 13.02 ? 95  ASN A O   1 
ATOM   576  C CB  . ASN A 1 77  ? -17.872 -5.363  0.559   1.00 15.42 ? 95  ASN A CB  1 
ATOM   577  C CG  . ASN A 1 77  ? -19.176 -4.578  0.821   1.00 17.27 ? 95  ASN A CG  1 
ATOM   578  O OD1 . ASN A 1 77  ? -19.233 -3.363  0.664   1.00 20.01 ? 95  ASN A OD1 1 
ATOM   579  N ND2 . ASN A 1 77  ? -20.197 -5.278  1.275   1.00 20.84 ? 95  ASN A ND2 1 
ATOM   580  N N   . SER A 1 78  ? -17.216 -2.624  -1.574  1.00 12.38 ? 96  SER A N   1 
ATOM   581  C CA  . SER A 1 78  ? -16.826 -1.228  -1.643  1.00 13.60 ? 96  SER A CA  1 
ATOM   582  C C   . SER A 1 78  ? -17.470 -0.374  -0.600  1.00 14.78 ? 96  SER A C   1 
ATOM   583  O O   . SER A 1 78  ? -17.022 0.743   -0.358  1.00 15.09 ? 96  SER A O   1 
ATOM   584  C CB  . SER A 1 78  ? -17.137 -0.636  -3.050  1.00 15.79 ? 96  SER A CB  1 
ATOM   585  O OG  . SER A 1 78  ? -18.499 -0.787  -3.411  1.00 16.28 ? 96  SER A OG  1 
ATOM   586  N N   . ASN A 1 79  ? -18.566 -0.846  -0.017  1.00 14.47 ? 97  ASN A N   1 
ATOM   587  C CA  . ASN A 1 79  ? -19.229 -0.080  1.039   1.00 15.51 ? 97  ASN A CA  1 
ATOM   588  C C   . ASN A 1 79  ? -18.503 -0.208  2.367   1.00 17.49 ? 97  ASN A C   1 
ATOM   589  O O   . ASN A 1 79  ? -18.320 0.783   3.075   1.00 19.92 ? 97  ASN A O   1 
ATOM   590  C CB  . ASN A 1 79  ? -20.662 -0.540  1.246   1.00 14.15 ? 97  ASN A CB  1 
ATOM   591  C CG  . ASN A 1 79  ? -21.538 -0.118  0.093   1.00 16.45 ? 97  ASN A CG  1 
ATOM   592  O OD1 . ASN A 1 79  ? -21.350 0.945   -0.508  1.00 17.24 ? 97  ASN A OD1 1 
ATOM   593  N ND2 . ASN A 1 79  ? -22.526 -0.936  -0.209  1.00 18.91 ? 97  ASN A ND2 1 
ATOM   594  N N   . THR A 1 80  ? -18.032 -1.413  2.679   1.00 16.03 ? 98  THR A N   1 
ATOM   595  C CA  . THR A 1 80  ? -17.395 -1.669  3.967   1.00 14.33 ? 98  THR A CA  1 
ATOM   596  C C   . THR A 1 80  ? -15.855 -1.697  3.856   1.00 15.86 ? 98  THR A C   1 
ATOM   597  O O   . THR A 1 80  ? -15.141 -1.641  4.861   1.00 13.32 ? 98  THR A O   1 
ATOM   598  C CB  . THR A 1 80  ? -17.883 -2.998  4.555   1.00 14.76 ? 98  THR A CB  1 
ATOM   599  O OG1 . THR A 1 80  ? -17.480 -4.080  3.705   1.00 14.56 ? 98  THR A OG1 1 
ATOM   600  C CG2 . THR A 1 80  ? -19.416 -2.997  4.672   1.00 11.28 ? 98  THR A CG2 1 
ATOM   601  N N   . LEU A 1 81  ? -15.374 -1.764  2.617   1.00 16.47 ? 99  LEU A N   1 
ATOM   602  C CA  . LEU A 1 81  ? -13.960 -1.949  2.298   1.00 15.17 ? 99  LEU A CA  1 
ATOM   603  C C   . LEU A 1 81  ? -13.388 -3.254  2.816   1.00 12.93 ? 99  LEU A C   1 
ATOM   604  O O   . LEU A 1 81  ? -12.177 -3.428  2.857   1.00 14.26 ? 99  LEU A O   1 
ATOM   605  C CB  . LEU A 1 81  ? -13.116 -0.744  2.786   1.00 16.44 ? 99  LEU A CB  1 
ATOM   606  C CG  . LEU A 1 81  ? -13.373 0.607   2.084   1.00 19.10 ? 99  LEU A CG  1 
ATOM   607  C CD1 . LEU A 1 81  ? -12.292 1.593   2.499   1.00 20.23 ? 99  LEU A CD1 1 
ATOM   608  C CD2 . LEU A 1 81  ? -13.364 0.437   0.550   1.00 19.08 ? 99  LEU A CD2 1 
ATOM   609  N N   . ASN A 1 82  ? -14.253 -4.214  3.110   1.00 11.42 ? 100 ASN A N   1 
ATOM   610  C CA  . ASN A 1 82  ? -13.778 -5.541  3.454   1.00 12.06 ? 100 ASN A CA  1 
ATOM   611  C C   . ASN A 1 82  ? -13.183 -6.209  2.185   1.00 12.35 ? 100 ASN A C   1 
ATOM   612  O O   . ASN A 1 82  ? -13.730 -6.058  1.087   1.00 14.03 ? 100 ASN A O   1 
ATOM   613  C CB  . ASN A 1 82  ? -14.924 -6.379  4.005   1.00 12.27 ? 100 ASN A CB  1 
ATOM   614  C CG  . ASN A 1 82  ? -14.449 -7.656  4.686   1.00 11.97 ? 100 ASN A CG  1 
ATOM   615  O OD1 . ASN A 1 82  ? -13.377 -7.693  5.282   1.00 13.02 ? 100 ASN A OD1 1 
ATOM   616  N ND2 . ASN A 1 82  ? -15.261 -8.701  4.616   1.00 13.89 ? 100 ASN A ND2 1 
ATOM   617  N N   . ASN A 1 83  ? -12.028 -6.857  2.351   1.00 12.58 ? 101 ASN A N   1 
ATOM   618  C CA  . ASN A 1 83  ? -11.293 -7.537  1.272   1.00 12.44 ? 101 ASN A CA  1 
ATOM   619  C C   . ASN A 1 83  ? -10.775 -6.542  0.231   1.00 12.93 ? 101 ASN A C   1 
ATOM   620  O O   . ASN A 1 83  ? -10.928 -6.750  -0.977  1.00 11.78 ? 101 ASN A O   1 
ATOM   621  C CB  . ASN A 1 83  ? -12.191 -8.608  0.567   1.00 13.63 ? 101 ASN A CB  1 
ATOM   622  C CG  . ASN A 1 83  ? -12.737 -9.680  1.482   1.00 12.37 ? 101 ASN A CG  1 
ATOM   623  O OD1 . ASN A 1 83  ? -11.985 -10.449 2.070   1.00 13.68 ? 101 ASN A OD1 1 
ATOM   624  N ND2 . ASN A 1 83  ? -14.056 -9.777  1.558   1.00 12.27 ? 101 ASN A ND2 1 
ATOM   625  N N   . ASP A 1 84  ? -10.204 -5.441  0.712   1.00 11.50 ? 102 ASP A N   1 
ATOM   626  C CA  . ASP A 1 84  ? -9.739  -4.364  -0.152  1.00 12.04 ? 102 ASP A CA  1 
ATOM   627  C C   . ASP A 1 84  ? -8.352  -4.686  -0.736  1.00 10.80 ? 102 ASP A C   1 
ATOM   628  O O   . ASP A 1 84  ? -7.328  -4.167  -0.291  1.00 10.72 ? 102 ASP A O   1 
ATOM   629  C CB  . ASP A 1 84  ? -9.697  -3.037  0.634   1.00 11.35 ? 102 ASP A CB  1 
ATOM   630  C CG  . ASP A 1 84  ? -9.424  -1.832  -0.240  1.00 12.73 ? 102 ASP A CG  1 
ATOM   631  O OD1 . ASP A 1 84  ? -9.539  -1.908  -1.477  1.00 13.49 ? 102 ASP A OD1 1 
ATOM   632  O OD2 . ASP A 1 84  ? -9.055  -0.793  0.331   1.00 13.58 ? 102 ASP A OD2 1 
ATOM   633  N N   . ILE A 1 85  ? -8.338  -5.519  -1.764  1.00 10.74 ? 103 ILE A N   1 
ATOM   634  C CA  . ILE A 1 85  ? -7.087  -6.008  -2.322  1.00 10.97 ? 103 ILE A CA  1 
ATOM   635  C C   . ILE A 1 85  ? -7.312  -6.409  -3.789  1.00 12.41 ? 103 ILE A C   1 
ATOM   636  O O   . ILE A 1 85  ? -8.413  -6.843  -4.170  1.00 13.23 ? 103 ILE A O   1 
ATOM   637  C CB  . ILE A 1 85  ? -6.520  -7.245  -1.464  1.00 10.12 ? 103 ILE A CB  1 
ATOM   638  C CG1 . ILE A 1 85  ? -5.177  -7.697  -2.025  1.00 10.96 ? 103 ILE A CG1 1 
ATOM   639  C CG2 . ILE A 1 85  ? -7.528  -8.435  -1.424  1.00 10.68 ? 103 ILE A CG2 1 
ATOM   640  C CD1 . ILE A 1 85  ? -4.426  -8.685  -1.125  1.00 10.86 ? 103 ILE A CD1 1 
ATOM   641  N N   . MET A 1 86  ? -6.292  -6.193  -4.612  1.00 12.29 ? 104 MET A N   1 
ATOM   642  C CA  . MET A 1 86  ? -6.393  -6.378  -6.050  1.00 13.74 ? 104 MET A CA  1 
ATOM   643  C C   . MET A 1 86  ? -5.015  -6.742  -6.592  1.00 11.08 ? 104 MET A C   1 
ATOM   644  O O   . MET A 1 86  ? -4.001  -6.267  -6.088  1.00 12.41 ? 104 MET A O   1 
ATOM   645  C CB  . MET A 1 86  ? -6.936  -5.080  -6.679  1.00 16.18 ? 104 MET A CB  1 
ATOM   646  C CG  . MET A 1 86  ? -6.894  -5.008  -8.179  1.00 23.28 ? 104 MET A CG  1 
ATOM   647  S SD  . MET A 1 86  ? -7.233  -3.320  -8.715  1.00 24.10 ? 104 MET A SD  1 
ATOM   648  C CE  . MET A 1 86  ? -6.030  -2.433  -7.833  1.00 26.66 ? 104 MET A CE  1 
ATOM   649  N N   . LEU A 1 87  ? -4.982  -7.643  -7.566  1.00 9.70  ? 105 LEU A N   1 
ATOM   650  C CA  . LEU A 1 87  ? -3.752  -8.008  -8.254  1.00 10.19 ? 105 LEU A CA  1 
ATOM   651  C C   . LEU A 1 87  ? -3.720  -7.440  -9.686  1.00 10.56 ? 105 LEU A C   1 
ATOM   652  O O   . LEU A 1 87  ? -4.732  -7.411  -10.383 1.00 11.96 ? 105 LEU A O   1 
ATOM   653  C CB  . LEU A 1 87  ? -3.609  -9.504  -8.289  1.00 9.93  ? 105 LEU A CB  1 
ATOM   654  C CG  . LEU A 1 87  ? -3.428  -10.153 -6.902  1.00 11.05 ? 105 LEU A CG  1 
ATOM   655  C CD1 . LEU A 1 87  ? -3.603  -11.670 -7.010  1.00 13.80 ? 105 LEU A CD1 1 
ATOM   656  C CD2 . LEU A 1 87  ? -2.053  -9.801  -6.338  1.00 13.82 ? 105 LEU A CD2 1 
ATOM   657  N N   . ILE A 1 88  ? -2.559  -6.952  -10.093 1.00 11.30 ? 106 ILE A N   1 
ATOM   658  C CA  . ILE A 1 88  ? -2.374  -6.389  -11.420 1.00 12.69 ? 106 ILE A CA  1 
ATOM   659  C C   . ILE A 1 88  ? -1.226  -7.111  -12.092 1.00 13.93 ? 106 ILE A C   1 
ATOM   660  O O   . ILE A 1 88  ? -0.131  -7.226  -11.520 1.00 13.55 ? 106 ILE A O   1 
ATOM   661  C CB  . ILE A 1 88  ? -2.036  -4.925  -11.337 1.00 12.01 ? 106 ILE A CB  1 
ATOM   662  C CG1 . ILE A 1 88  ? -3.248  -4.144  -10.901 1.00 12.30 ? 106 ILE A CG1 1 
ATOM   663  C CG2 . ILE A 1 88  ? -1.540  -4.396  -12.676 1.00 11.44 ? 106 ILE A CG2 1 
ATOM   664  C CD1 . ILE A 1 88  ? -2.872  -2.803  -10.248 1.00 13.41 ? 106 ILE A CD1 1 
ATOM   665  N N   . LYS A 1 89  ? -1.505  -7.707  -13.246 1.00 14.67 ? 107 LYS A N   1 
ATOM   666  C CA  . LYS A 1 89  ? -0.448  -8.323  -14.052 1.00 15.06 ? 107 LYS A CA  1 
ATOM   667  C C   . LYS A 1 89  ? 0.152   -7.308  -15.036 1.00 15.47 ? 107 LYS A C   1 
ATOM   668  O O   . LYS A 1 89  ? -0.573  -6.534  -15.674 1.00 16.38 ? 107 LYS A O   1 
ATOM   669  C CB  . LYS A 1 89  ? -0.980  -9.547  -14.832 1.00 11.46 ? 107 LYS A CB  1 
ATOM   670  C CG  . LYS A 1 89  ? 0.129   -10.344 -15.486 1.00 9.84  ? 107 LYS A CG  1 
ATOM   671  C CD  . LYS A 1 89  ? -0.380  -11.592 -16.170 1.00 9.70  ? 107 LYS A CD  1 
ATOM   672  C CE  . LYS A 1 89  ? 0.792   -12.440 -16.647 1.00 12.16 ? 107 LYS A CE  1 
ATOM   673  N NZ  . LYS A 1 89  ? 0.343   -13.711 -17.279 1.00 10.50 ? 107 LYS A NZ  1 
ATOM   674  N N   . LEU A 1 90  ? 1.478   -7.299  -15.123 1.00 15.58 ? 108 LEU A N   1 
ATOM   675  C CA  . LEU A 1 90  ? 2.196   -6.433  -16.051 1.00 16.83 ? 108 LEU A CA  1 
ATOM   676  C C   . LEU A 1 90  ? 2.256   -7.064  -17.431 1.00 18.48 ? 108 LEU A C   1 
ATOM   677  O O   . LEU A 1 90  ? 2.357   -8.293  -17.562 1.00 16.29 ? 108 LEU A O   1 
ATOM   678  C CB  . LEU A 1 90  ? 3.651   -6.199  -15.563 1.00 17.10 ? 108 LEU A CB  1 
ATOM   679  C CG  . LEU A 1 90  ? 3.822   -5.726  -14.094 1.00 17.07 ? 108 LEU A CG  1 
ATOM   680  C CD1 . LEU A 1 90  ? 5.273   -5.481  -13.805 1.00 16.86 ? 108 LEU A CD1 1 
ATOM   681  C CD2 . LEU A 1 90  ? 3.002   -4.468  -13.843 1.00 19.90 ? 108 LEU A CD2 1 
ATOM   682  N N   . LYS A 1 91  ? 2.163   -6.224  -18.460 1.00 20.33 ? 109 LYS A N   1 
ATOM   683  C CA  . LYS A 1 91  ? 2.252   -6.682  -19.845 1.00 22.47 ? 109 LYS A CA  1 
ATOM   684  C C   . LYS A 1 91  ? 3.591   -7.354  -20.118 1.00 22.53 ? 109 LYS A C   1 
ATOM   685  O O   . LYS A 1 91  ? 3.656   -8.382  -20.799 1.00 22.28 ? 109 LYS A O   1 
ATOM   686  C CB  . LYS A 1 91  ? 2.071   -5.513  -20.812 1.00 24.26 ? 109 LYS A CB  1 
ATOM   687  C CG  . LYS A 1 91  ? 0.622   -5.155  -21.039 1.00 28.49 ? 109 LYS A CG  1 
ATOM   688  C CD  . LYS A 1 91  ? 0.469   -3.971  -21.979 1.00 32.18 ? 109 LYS A CD  1 
ATOM   689  C CE  . LYS A 1 91  ? -1.009  -3.570  -22.135 1.00 32.56 ? 109 LYS A CE  1 
ATOM   690  N NZ  . LYS A 1 91  ? -1.827  -4.624  -22.801 1.00 33.07 ? 109 LYS A NZ  1 
ATOM   691  N N   . SER A 1 92  ? 4.647   -6.811  -19.524 1.00 20.10 ? 110 SER A N   1 
ATOM   692  C CA  . SER A 1 92  ? 5.960   -7.428  -19.587 1.00 20.83 ? 110 SER A CA  1 
ATOM   693  C C   . SER A 1 92  ? 6.551   -7.490  -18.210 1.00 19.31 ? 110 SER A C   1 
ATOM   694  O O   . SER A 1 92  ? 6.142   -6.753  -17.317 1.00 19.88 ? 110 SER A O   1 
ATOM   695  C CB  . SER A 1 92  ? 6.858   -6.628  -20.520 1.00 23.08 ? 110 SER A CB  1 
ATOM   696  O OG  . SER A 1 92  ? 6.655   -5.233  -20.353 1.00 31.23 ? 110 SER A OG  1 
ATOM   697  N N   . ALA A 1 93  ? 7.464   -8.424  -18.000 1.00 18.84 ? 111 ALA A N   1 
ATOM   698  C CA  . ALA A 1 93  ? 8.115   -8.545  -16.706 1.00 19.83 ? 111 ALA A CA  1 
ATOM   699  C C   . ALA A 1 93  ? 9.071   -7.378  -16.483 1.00 18.77 ? 111 ALA A C   1 
ATOM   700  O O   . ALA A 1 93  ? 9.666   -6.863  -17.430 1.00 19.97 ? 111 ALA A O   1 
ATOM   701  C CB  . ALA A 1 93  ? 8.860   -9.886  -16.612 1.00 19.81 ? 111 ALA A CB  1 
ATOM   702  N N   . ALA A 1 94  ? 9.086   -6.861  -15.262 1.00 18.24 ? 112 ALA A N   1 
ATOM   703  C CA  . ALA A 1 94  ? 10.034  -5.829  -14.884 1.00 17.12 ? 112 ALA A CA  1 
ATOM   704  C C   . ALA A 1 94  ? 11.454  -6.416  -14.822 1.00 18.61 ? 112 ALA A C   1 
ATOM   705  O O   . ALA A 1 94  ? 11.629  -7.626  -14.641 1.00 21.00 ? 112 ALA A O   1 
ATOM   706  C CB  . ALA A 1 94  ? 9.640   -5.244  -13.536 1.00 16.40 ? 112 ALA A CB  1 
ATOM   707  N N   . SER A 1 95  ? 12.462  -5.571  -15.021 1.00 19.48 ? 113 SER A N   1 
ATOM   708  C CA  . SER A 1 95  ? 13.846  -5.961  -14.785 1.00 20.26 ? 113 SER A CA  1 
ATOM   709  C C   . SER A 1 95  ? 14.214  -5.647  -13.386 1.00 19.50 ? 113 SER A C   1 
ATOM   710  O O   . SER A 1 95  ? 14.211  -4.486  -12.973 1.00 18.80 ? 113 SER A O   1 
ATOM   711  C CB  . SER A 1 95  ? 14.784  -5.211  -15.711 1.00 22.64 ? 113 SER A CB  1 
ATOM   712  O OG  . SER A 1 95  ? 14.394  -5.405  -17.059 1.00 32.62 ? 113 SER A OG  1 
ATOM   713  N N   . LEU A 1 96  ? 14.530  -6.681  -12.623 1.00 19.81 ? 114 LEU A N   1 
ATOM   714  C CA  . LEU A 1 96  ? 14.716  -6.528  -11.191 1.00 23.18 ? 114 LEU A CA  1 
ATOM   715  C C   . LEU A 1 96  ? 16.113  -6.273  -10.915 1.00 26.35 ? 114 LEU A C   1 
ATOM   716  O O   . LEU A 1 96  ? 16.989  -6.902  -11.504 1.00 29.38 ? 114 LEU A O   1 
ATOM   717  C CB  . LEU A 1 96  ? 14.224  -7.787  -10.448 1.00 21.09 ? 114 LEU A CB  1 
ATOM   718  C CG  . LEU A 1 96  ? 12.733  -8.114  -10.577 1.00 20.32 ? 114 LEU A CG  1 
ATOM   719  C CD1 . LEU A 1 96  ? 12.391  -9.291  -9.701  1.00 22.84 ? 114 LEU A CD1 1 
ATOM   720  C CD2 . LEU A 1 96  ? 11.912  -6.927  -10.173 1.00 21.17 ? 114 LEU A CD2 1 
ATOM   721  N N   . ASN A 1 97  ? 16.373  -5.244  -10.123 1.00 29.18 ? 115 ASN A N   1 
ATOM   722  C CA  . ASN A 1 97  ? 17.731  -4.929  -9.698  1.00 31.01 ? 115 ASN A CA  1 
ATOM   723  C C   . ASN A 1 97  ? 17.693  -4.412  -8.269  1.00 31.22 ? 115 ASN A C   1 
ATOM   724  O O   . ASN A 1 97  ? 16.713  -4.633  -7.550  1.00 31.84 ? 115 ASN A O   1 
ATOM   725  C CB  . ASN A 1 97  ? 18.349  -3.905  -10.659 1.00 32.62 ? 115 ASN A CB  1 
ATOM   726  C CG  . ASN A 1 97  ? 17.332  -2.793  -10.835 1.00 35.87 ? 115 ASN A CG  1 
ATOM   727  O OD1 . ASN A 1 97  ? 17.091  -2.009  -9.915  1.00 36.21 ? 115 ASN A OD1 1 
ATOM   728  N ND2 . ASN A 1 97  ? 16.655  -2.783  -11.978 1.00 36.34 ? 115 ASN A ND2 1 
ATOM   729  N N   . SER A 1 98  ? 18.744  -3.710  -7.857  1.00 30.24 ? 116 SER A N   1 
ATOM   730  C CA  . SER A 1 98  ? 18.819  -3.185  -6.501  1.00 30.94 ? 116 SER A CA  1 
ATOM   731  C C   . SER A 1 98  ? 17.734  -2.137  -6.246  1.00 30.02 ? 116 SER A C   1 
ATOM   732  O O   . SER A 1 98  ? 17.179  -2.072  -5.149  1.00 30.36 ? 116 SER A O   1 
ATOM   733  C CB  . SER A 1 98  ? 20.187  -2.571  -6.259  1.00 32.33 ? 116 SER A CB  1 
ATOM   734  O OG  . SER A 1 98  ? 20.563  -1.756  -7.357  1.00 36.00 ? 116 SER A OG  1 
ATOM   735  N N   . ARG A 1 99  ? 17.429  -1.337  -7.267  1.00 28.63 ? 117 ARG A N   1 
ATOM   736  C CA  . ARG A 1 99  ? 16.461  -0.247  -7.142  1.00 27.95 ? 117 ARG A CA  1 
ATOM   737  C C   . ARG A 1 99  ? 15.049  -0.712  -7.418  1.00 25.13 ? 117 ARG A C   1 
ATOM   738  O O   . ARG A 1 99  ? 14.087  0.005   -7.120  1.00 24.23 ? 117 ARG A O   1 
ATOM   739  C CB  . ARG A 1 99  ? 16.752  0.886   -8.140  1.00 30.42 ? 117 ARG A CB  1 
ATOM   740  C CG  . ARG A 1 99  ? 18.218  1.062   -8.505  1.00 37.35 ? 117 ARG A CG  1 
ATOM   741  C CD  . ARG A 1 99  ? 18.994  1.803   -7.434  1.00 41.24 ? 117 ARG A CD  1 
ATOM   742  N NE  . ARG A 1 99  ? 18.869  3.258   -7.544  1.00 46.18 ? 117 ARG A NE  1 
ATOM   743  C CZ  . ARG A 1 99  ? 19.711  4.128   -6.983  1.00 47.21 ? 117 ARG A CZ  1 
ATOM   744  N NH1 . ARG A 1 99  ? 20.894  3.690   -6.431  1.00 48.17 ? 117 ARG A NH1 1 
ATOM   745  N NH2 . ARG A 1 99  ? 19.433  5.473   -7.012  1.00 47.18 ? 117 ARG A NH2 1 
ATOM   746  N N   . VAL A 1 100 ? 14.923  -1.852  -8.098  1.00 21.11 ? 118 VAL A N   1 
ATOM   747  C CA  . VAL A 1 100 ? 13.617  -2.443  -8.380  1.00 18.15 ? 118 VAL A CA  1 
ATOM   748  C C   . VAL A 1 100 ? 13.632  -3.901  -7.979  1.00 17.08 ? 118 VAL A C   1 
ATOM   749  O O   . VAL A 1 100 ? 14.310  -4.721  -8.598  1.00 15.13 ? 118 VAL A O   1 
ATOM   750  C CB  . VAL A 1 100 ? 13.225  -2.295  -9.916  1.00 18.37 ? 118 VAL A CB  1 
ATOM   751  C CG1 . VAL A 1 100 ? 11.917  -3.023  -10.250 1.00 18.00 ? 118 VAL A CG1 1 
ATOM   752  C CG2 . VAL A 1 100 ? 13.076  -0.781  -10.261 1.00 16.66 ? 118 VAL A CG2 1 
ATOM   753  N N   . ALA A 1 101 ? 12.925  -4.205  -6.894  1.00 15.55 ? 119 ALA A N   1 
ATOM   754  C CA  . ALA A 1 101 ? 12.939  -5.527  -6.275  1.00 14.28 ? 119 ALA A CA  1 
ATOM   755  C C   . ALA A 1 101 ? 11.553  -5.881  -5.819  1.00 15.60 ? 119 ALA A C   1 
ATOM   756  O O   . ALA A 1 101 ? 10.746  -4.997  -5.540  1.00 16.07 ? 119 ALA A O   1 
ATOM   757  C CB  . ALA A 1 101 ? 13.861  -5.519  -5.107  1.00 13.15 ? 119 ALA A CB  1 
ATOM   758  N N   . SER A 1 102 ? 11.253  -7.171  -5.729  1.00 15.92 ? 120 SER A N   1 
ATOM   759  C CA  . SER A 1 102 ? 9.963   -7.603  -5.204  1.00 15.90 ? 120 SER A CA  1 
ATOM   760  C C   . SER A 1 102 ? 9.983   -7.722  -3.681  1.00 16.45 ? 120 SER A C   1 
ATOM   761  O O   . SER A 1 102 ? 11.045  -7.852  -3.073  1.00 17.08 ? 120 SER A O   1 
ATOM   762  C CB  . SER A 1 102 ? 9.553   -8.932  -5.831  1.00 14.33 ? 120 SER A CB  1 
ATOM   763  O OG  . SER A 1 102 ? 10.542  -9.920  -5.627  1.00 17.91 ? 120 SER A OG  1 
ATOM   764  N N   . ILE A 1 103 ? 8.806   -7.646  -3.068  1.00 17.93 ? 121 ILE A N   1 
ATOM   765  C CA  . ILE A 1 103 ? 8.671   -7.823  -1.628  1.00 17.08 ? 121 ILE A CA  1 
ATOM   766  C C   . ILE A 1 103 ? 7.984   -9.162  -1.380  1.00 17.26 ? 121 ILE A C   1 
ATOM   767  O O   . ILE A 1 103 ? 7.121   -9.569  -2.161  1.00 18.25 ? 121 ILE A O   1 
ATOM   768  C CB  . ILE A 1 103 ? 7.841   -6.632  -0.999  1.00 16.87 ? 121 ILE A CB  1 
ATOM   769  C CG1 . ILE A 1 103 ? 7.889   -6.695  0.532   1.00 15.43 ? 121 ILE A CG1 1 
ATOM   770  C CG2 . ILE A 1 103 ? 6.415   -6.627  -1.528  1.00 15.84 ? 121 ILE A CG2 1 
ATOM   771  C CD1 . ILE A 1 103 ? 9.296   -6.596  1.096   1.00 16.30 ? 121 ILE A CD1 1 
ATOM   772  N N   . SER A 1 104 ? 8.436   -9.889  -0.360  1.00 16.54 ? 122 SER A N   1 
ATOM   773  C CA  . SER A 1 104 ? 7.906   -11.221 -0.061  1.00 18.76 ? 122 SER A CA  1 
ATOM   774  C C   . SER A 1 104 ? 6.577   -11.184 0.641   1.00 17.00 ? 122 SER A C   1 
ATOM   775  O O   . SER A 1 104 ? 6.326   -10.317 1.481   1.00 17.21 ? 122 SER A O   1 
ATOM   776  C CB  . SER A 1 104 ? 8.845   -12.018 0.881   1.00 21.71 ? 122 SER A CB  1 
ATOM   777  O OG  . SER A 1 104 ? 10.175  -11.526 0.844   1.00 31.42 ? 122 SER A OG  1 
ATOM   778  N N   . LEU A 1 105 ? 5.745   -12.171 0.338   1.00 16.82 ? 123 LEU A N   1 
ATOM   779  C CA  . LEU A 1 105 ? 4.483   -12.370 1.036   1.00 17.22 ? 123 LEU A CA  1 
ATOM   780  C C   . LEU A 1 105 ? 4.710   -13.048 2.401   1.00 17.09 ? 123 LEU A C   1 
ATOM   781  O O   . LEU A 1 105 ? 5.690   -13.756 2.614   1.00 16.63 ? 123 LEU A O   1 
ATOM   782  C CB  . LEU A 1 105 ? 3.547   -13.231 0.187   1.00 16.60 ? 123 LEU A CB  1 
ATOM   783  C CG  . LEU A 1 105 ? 3.124   -12.625 -1.153  1.00 18.87 ? 123 LEU A CG  1 
ATOM   784  C CD1 . LEU A 1 105 ? 2.195   -13.591 -1.866  1.00 19.07 ? 123 LEU A CD1 1 
ATOM   785  C CD2 . LEU A 1 105 ? 2.424   -11.262 -0.920  1.00 17.81 ? 123 LEU A CD2 1 
ATOM   786  N N   . PRO A 1 106 ? 3.842   -12.781 3.382   1.00 17.77 ? 124 PRO A N   1 
ATOM   787  C CA  . PRO A 1 106 ? 4.064   -13.325 4.729   1.00 19.96 ? 124 PRO A CA  1 
ATOM   788  C C   . PRO A 1 106 ? 3.811   -14.809 4.801   1.00 20.46 ? 124 PRO A C   1 
ATOM   789  O O   . PRO A 1 106 ? 2.968   -15.331 4.077   1.00 19.69 ? 124 PRO A O   1 
ATOM   790  C CB  . PRO A 1 106 ? 3.121   -12.493 5.599   1.00 19.22 ? 124 PRO A CB  1 
ATOM   791  C CG  . PRO A 1 106 ? 2.039   -12.065 4.666   1.00 19.38 ? 124 PRO A CG  1 
ATOM   792  C CD  . PRO A 1 106 ? 2.735   -11.811 3.357   1.00 17.42 ? 124 PRO A CD  1 
ATOM   793  N N   . THR A 1 107 ? 4.533   -15.494 5.682   1.00 22.31 ? 125 THR A N   1 
ATOM   794  C CA  . THR A 1 107 ? 4.214   -16.883 6.009   1.00 25.84 ? 125 THR A CA  1 
ATOM   795  C C   . THR A 1 107 ? 3.291   -16.932 7.207   1.00 26.18 ? 125 THR A C   1 
ATOM   796  O O   . THR A 1 107 ? 2.682   -17.968 7.498   1.00 27.04 ? 125 THR A O   1 
ATOM   797  C CB  . THR A 1 107 ? 5.490   -17.714 6.308   1.00 26.21 ? 125 THR A CB  1 
ATOM   798  O OG1 . THR A 1 107 ? 6.318   -17.016 7.242   1.00 30.34 ? 125 THR A OG1 1 
ATOM   799  C CG2 . THR A 1 107 ? 6.287   -17.941 5.022   1.00 29.94 ? 125 THR A CG2 1 
ATOM   800  N N   . SER A 1 108 ? 3.183   -15.798 7.899   1.00 25.62 ? 127 SER A N   1 
ATOM   801  C CA  . SER A 1 108 ? 2.318   -15.680 9.063   1.00 24.68 ? 127 SER A CA  1 
ATOM   802  C C   . SER A 1 108 ? 1.943   -14.242 9.291   1.00 21.85 ? 127 SER A C   1 
ATOM   803  O O   . SER A 1 108 ? 2.604   -13.337 8.785   1.00 21.56 ? 127 SER A O   1 
ATOM   804  C CB  . SER A 1 108 ? 3.031   -16.260 10.316  1.00 26.63 ? 127 SER A CB  1 
ATOM   805  O OG  . SER A 1 108 ? 4.368   -15.793 10.423  1.00 29.41 ? 127 SER A OG  1 
ATOM   806  N N   . CYS A 1 109 ? 0.879   -14.028 10.057  1.00 19.70 ? 128 CYS A N   1 
ATOM   807  C CA  . CYS A 1 109 ? 0.392   -12.690 10.368  1.00 19.14 ? 128 CYS A CA  1 
ATOM   808  C C   . CYS A 1 109 ? 1.252   -12.049 11.366  1.00 18.76 ? 128 CYS A C   1 
ATOM   809  O O   . CYS A 1 109 ? 1.881   -12.727 12.168  1.00 21.90 ? 128 CYS A O   1 
ATOM   810  C CB  . CYS A 1 109 ? -1.023  -12.751 10.918  1.00 15.97 ? 128 CYS A CB  1 
ATOM   811  S SG  . CYS A 1 109 ? -2.197  -13.598 9.859   1.00 18.90 ? 128 CYS A SG  1 
ATOM   812  N N   . ALA A 1 110 ? 1.339   -10.728 11.314  1.00 18.74 ? 129 ALA A N   1 
ATOM   813  C CA  . ALA A 1 110 ? 2.185   -9.990  12.243  1.00 20.69 ? 129 ALA A CA  1 
ATOM   814  C C   . ALA A 1 110 ? 1.425   -9.632  13.512  1.00 20.56 ? 129 ALA A C   1 
ATOM   815  O O   . ALA A 1 110 ? 0.212   -9.421  13.480  1.00 21.91 ? 129 ALA A O   1 
ATOM   816  C CB  . ALA A 1 110 ? 2.722   -8.727  11.568  1.00 21.98 ? 129 ALA A CB  1 
ATOM   817  N N   . SER A 1 111 ? 2.142   -9.548  14.627  1.00 20.51 ? 130 SER A N   1 
ATOM   818  C CA  . SER A 1 111 ? 1.524   -9.269  15.920  1.00 19.73 ? 130 SER A CA  1 
ATOM   819  C C   . SER A 1 111 ? 1.462   -7.778  16.234  1.00 17.57 ? 130 SER A C   1 
ATOM   820  O O   . SER A 1 111 ? 2.305   -6.995  15.786  1.00 14.79 ? 130 SER A O   1 
ATOM   821  C CB  . SER A 1 111 ? 2.318   -9.973  17.064  1.00 20.41 ? 130 SER A CB  1 
ATOM   822  O OG  . SER A 1 111 ? 2.346   -11.380 16.875  1.00 26.06 ? 130 SER A OG  1 
ATOM   823  N N   . ALA A 1 112 ? 0.488   -7.403  17.057  1.00 16.42 ? 132 ALA A N   1 
ATOM   824  C CA  . ALA A 1 112 ? 0.434   -6.064  17.630  1.00 17.65 ? 132 ALA A CA  1 
ATOM   825  C C   . ALA A 1 112 ? 1.763   -5.707  18.267  1.00 18.34 ? 132 ALA A C   1 
ATOM   826  O O   . ALA A 1 112 ? 2.365   -6.533  18.954  1.00 17.38 ? 132 ALA A O   1 
ATOM   827  C CB  . ALA A 1 112 ? -0.689  -5.984  18.689  1.00 18.43 ? 132 ALA A CB  1 
ATOM   828  N N   . GLY A 1 113 ? 2.238   -4.493  17.999  1.00 17.22 ? 133 GLY A N   1 
ATOM   829  C CA  . GLY A 1 113 ? 3.506   -4.056  18.538  1.00 18.01 ? 133 GLY A CA  1 
ATOM   830  C C   . GLY A 1 113 ? 4.653   -4.219  17.554  1.00 20.27 ? 133 GLY A C   1 
ATOM   831  O O   . GLY A 1 113 ? 5.737   -3.680  17.773  1.00 20.18 ? 133 GLY A O   1 
ATOM   832  N N   . THR A 1 114 ? 4.414   -4.927  16.453  1.00 20.93 ? 134 THR A N   1 
ATOM   833  C CA  . THR A 1 114 ? 5.413   -5.044  15.396  1.00 20.24 ? 134 THR A CA  1 
ATOM   834  C C   . THR A 1 114 ? 5.573   -3.691  14.709  1.00 18.50 ? 134 THR A C   1 
ATOM   835  O O   . THR A 1 114 ? 4.581   -3.039  14.395  1.00 17.82 ? 134 THR A O   1 
ATOM   836  C CB  . THR A 1 114 ? 4.989   -6.101  14.329  1.00 22.45 ? 134 THR A CB  1 
ATOM   837  O OG1 . THR A 1 114 ? 4.663   -7.339  14.976  1.00 23.61 ? 134 THR A OG1 1 
ATOM   838  C CG2 . THR A 1 114 ? 6.144   -6.354  13.336  1.00 21.77 ? 134 THR A CG2 1 
ATOM   839  N N   . GLN A 1 115 ? 6.814   -3.254  14.521  1.00 18.46 ? 135 GLN A N   1 
ATOM   840  C CA  . GLN A 1 115 ? 7.089   -2.008  13.814  1.00 21.21 ? 135 GLN A CA  1 
ATOM   841  C C   . GLN A 1 115 ? 7.072   -2.234  12.276  1.00 19.56 ? 135 GLN A C   1 
ATOM   842  O O   . GLN A 1 115 ? 7.519   -3.274  11.789  1.00 18.22 ? 135 GLN A O   1 
ATOM   843  C CB  . GLN A 1 115 ? 8.446   -1.423  14.253  1.00 25.24 ? 135 GLN A CB  1 
ATOM   844  C CG  . GLN A 1 115 ? 8.707   -0.005  13.742  1.00 34.53 ? 135 GLN A CG  1 
ATOM   845  C CD  . GLN A 1 115 ? 10.056  0.103   12.961  1.00 42.19 ? 135 GLN A CD  1 
ATOM   846  O OE1 . GLN A 1 115 ? 10.142  -0.239  11.773  1.00 46.04 ? 135 GLN A OE1 1 
ATOM   847  N NE2 . GLN A 1 115 ? 11.090  0.587   13.642  1.00 44.09 ? 135 GLN A NE2 1 
ATOM   848  N N   . CYS A 1 116 ? 6.511   -1.271  11.549  1.00 17.41 ? 136 CYS A N   1 
ATOM   849  C CA  . CYS A 1 116 ? 6.260   -1.411  10.121  1.00 17.25 ? 136 CYS A CA  1 
ATOM   850  C C   . CYS A 1 116 ? 6.694   -0.166  9.404   1.00 16.23 ? 136 CYS A C   1 
ATOM   851  O O   . CYS A 1 116 ? 6.904   0.870   10.026  1.00 17.93 ? 136 CYS A O   1 
ATOM   852  C CB  . CYS A 1 116 ? 4.772   -1.629  9.861   1.00 16.36 ? 136 CYS A CB  1 
ATOM   853  S SG  . CYS A 1 116 ? 4.089   -3.115  10.636  1.00 17.55 ? 136 CYS A SG  1 
ATOM   854  N N   . LEU A 1 117 ? 6.897   -0.281  8.096   1.00 15.24 ? 137 LEU A N   1 
ATOM   855  C CA  . LEU A 1 117 ? 7.246   0.860   7.260   1.00 14.65 ? 137 LEU A CA  1 
ATOM   856  C C   . LEU A 1 117 ? 6.186   1.031   6.207   1.00 14.33 ? 137 LEU A C   1 
ATOM   857  O O   . LEU A 1 117 ? 5.861   0.095   5.456   1.00 14.08 ? 137 LEU A O   1 
ATOM   858  C CB  . LEU A 1 117 ? 8.598   0.639   6.550   1.00 15.02 ? 137 LEU A CB  1 
ATOM   859  C CG  . LEU A 1 117 ? 9.064   1.787   5.602   1.00 13.38 ? 137 LEU A CG  1 
ATOM   860  C CD1 . LEU A 1 117 ? 9.371   3.028   6.413   1.00 14.37 ? 137 LEU A CD1 1 
ATOM   861  C CD2 . LEU A 1 117 ? 10.297  1.343   4.824   1.00 15.70 ? 137 LEU A CD2 1 
ATOM   862  N N   . ILE A 1 118 ? 5.573   2.205   6.226   1.00 13.44 ? 138 ILE A N   1 
ATOM   863  C CA  . ILE A 1 118 ? 4.498   2.550   5.314   1.00 13.14 ? 138 ILE A CA  1 
ATOM   864  C C   . ILE A 1 118 ? 5.044   3.648   4.430   1.00 11.84 ? 138 ILE A C   1 
ATOM   865  O O   . ILE A 1 118 ? 5.801   4.499   4.900   1.00 13.15 ? 138 ILE A O   1 
ATOM   866  C CB  . ILE A 1 118 ? 3.283   3.068   6.099   1.00 13.20 ? 138 ILE A CB  1 
ATOM   867  C CG1 . ILE A 1 118 ? 2.910   2.055   7.199   1.00 11.12 ? 138 ILE A CG1 1 
ATOM   868  C CG2 . ILE A 1 118 ? 2.100   3.333   5.156   1.00 12.42 ? 138 ILE A CG2 1 
ATOM   869  C CD1 . ILE A 1 118 ? 2.126   2.677   8.385   1.00 13.02 ? 138 ILE A CD1 1 
ATOM   870  N N   . SER A 1 119 ? 4.776   3.580   3.131   1.00 11.25 ? 139 SER A N   1 
ATOM   871  C CA  . SER A 1 119 ? 5.329   4.576   2.225   1.00 10.65 ? 139 SER A CA  1 
ATOM   872  C C   . SER A 1 119 ? 4.368   4.927   1.127   1.00 11.79 ? 139 SER A C   1 
ATOM   873  O O   . SER A 1 119 ? 3.413   4.193   0.870   1.00 10.66 ? 139 SER A O   1 
ATOM   874  C CB  . SER A 1 119 ? 6.652   4.075   1.635   1.00 9.20  ? 139 SER A CB  1 
ATOM   875  O OG  . SER A 1 119 ? 6.490   2.788   1.074   1.00 11.47 ? 139 SER A OG  1 
ATOM   876  N N   . GLY A 1 120 ? 4.555   6.105   0.541   1.00 11.66 ? 140 GLY A N   1 
ATOM   877  C CA  . GLY A 1 120 ? 3.721   6.506   -0.569  1.00 11.55 ? 140 GLY A CA  1 
ATOM   878  C C   . GLY A 1 120 ? 3.934   7.959   -0.917  1.00 12.35 ? 140 GLY A C   1 
ATOM   879  O O   . GLY A 1 120 ? 4.677   8.678   -0.243  1.00 12.50 ? 140 GLY A O   1 
ATOM   880  N N   . TRP A 1 121 ? 3.223   8.397   -1.947  1.00 12.54 ? 141 TRP A N   1 
ATOM   881  C CA  . TRP A 1 121 ? 3.301   9.772   -2.430  1.00 13.21 ? 141 TRP A CA  1 
ATOM   882  C C   . TRP A 1 121 ? 2.029   10.551  -2.102  1.00 12.38 ? 141 TRP A C   1 
ATOM   883  O O   . TRP A 1 121 ? 1.720   11.543  -2.768  1.00 15.10 ? 141 TRP A O   1 
ATOM   884  C CB  . TRP A 1 121 ? 3.478   9.789   -3.976  1.00 13.55 ? 141 TRP A CB  1 
ATOM   885  C CG  . TRP A 1 121 ? 4.842   9.383   -4.444  1.00 11.39 ? 141 TRP A CG  1 
ATOM   886  C CD1 . TRP A 1 121 ? 5.933   10.195  -4.582  1.00 10.65 ? 141 TRP A CD1 1 
ATOM   887  C CD2 . TRP A 1 121 ? 5.240   8.092   -4.911  1.00 9.99  ? 141 TRP A CD2 1 
ATOM   888  N NE1 . TRP A 1 121 ? 6.976   9.497   -5.128  1.00 10.63 ? 141 TRP A NE1 1 
ATOM   889  C CE2 . TRP A 1 121 ? 6.588   8.201   -5.331  1.00 11.68 ? 141 TRP A CE2 1 
ATOM   890  C CE3 . TRP A 1 121 ? 4.588   6.856   -5.031  1.00 10.61 ? 141 TRP A CE3 1 
ATOM   891  C CZ2 . TRP A 1 121 ? 7.302   7.110   -5.855  1.00 12.72 ? 141 TRP A CZ2 1 
ATOM   892  C CZ3 . TRP A 1 121 ? 5.298   5.774   -5.563  1.00 10.52 ? 141 TRP A CZ3 1 
ATOM   893  C CH2 . TRP A 1 121 ? 6.643   5.913   -5.966  1.00 10.70 ? 141 TRP A CH2 1 
ATOM   894  N N   . GLY A 1 122 ? 1.260   10.060  -1.132  1.00 11.67 ? 142 GLY A N   1 
ATOM   895  C CA  . GLY A 1 122 ? 0.011   10.710  -0.766  1.00 12.23 ? 142 GLY A CA  1 
ATOM   896  C C   . GLY A 1 122 ? 0.158   12.036  -0.035  1.00 13.24 ? 142 GLY A C   1 
ATOM   897  O O   . GLY A 1 122 ? 1.264   12.459  0.305   1.00 12.77 ? 142 GLY A O   1 
ATOM   898  N N   . ASN A 1 123 ? -0.979  12.647  0.283   1.00 14.61 ? 143 ASN A N   1 
ATOM   899  C CA  . ASN A 1 123 ? -1.027  13.928  0.984   1.00 16.87 ? 143 ASN A CA  1 
ATOM   900  C C   . ASN A 1 123 ? -0.225  13.937  2.293   1.00 17.15 ? 143 ASN A C   1 
ATOM   901  O O   . ASN A 1 123 ? -0.197  12.942  3.043   1.00 15.98 ? 143 ASN A O   1 
ATOM   902  C CB  . ASN A 1 123 ? -2.492  14.303  1.295   1.00 18.56 ? 143 ASN A CB  1 
ATOM   903  C CG  . ASN A 1 123 ? -2.723  15.707  1.854   1.00 20.95 ? 143 ASN A CG  1 
ATOM   904  O OD1 . ASN A 1 123 ? -1.920  16.611  1.664   1.00 20.95 ? 143 ASN A OD1 1 
ATOM   905  N ND2 . ASN A 1 123 ? -3.827  15.882  2.550   1.00 27.64 ? 143 ASN A ND2 1 
ATOM   906  N N   . THR A 1 124 ? 0.425   15.064  2.559   1.00 17.53 ? 144 THR A N   1 
ATOM   907  C CA  . THR A 1 124 ? 1.279   15.190  3.732   1.00 18.17 ? 144 THR A CA  1 
ATOM   908  C C   . THR A 1 124 ? 0.664   16.068  4.838   1.00 20.59 ? 144 THR A C   1 
ATOM   909  O O   . THR A 1 124 ? 1.278   16.252  5.891   1.00 19.79 ? 144 THR A O   1 
ATOM   910  C CB  . THR A 1 124 ? 2.665   15.745  3.351   1.00 16.73 ? 144 THR A CB  1 
ATOM   911  O OG1 . THR A 1 124 ? 2.515   17.014  2.700   1.00 17.00 ? 144 THR A OG1 1 
ATOM   912  C CG2 . THR A 1 124 ? 3.381   14.752  2.391   1.00 14.16 ? 144 THR A CG2 1 
ATOM   913  N N   . LYS A 1 125 ? -0.564  16.541  4.629   1.00 23.15 ? 145 LYS A N   1 
ATOM   914  C CA  . LYS A 1 125 ? -1.279  17.308  5.655   1.00 30.05 ? 145 LYS A CA  1 
ATOM   915  C C   . LYS A 1 125 ? -2.657  16.652  6.053   1.00 31.68 ? 145 LYS A C   1 
ATOM   916  O O   . LYS A 1 125 ? -3.321  16.013  5.232   1.00 31.39 ? 145 LYS A O   1 
ATOM   917  C CB  . LYS A 1 125 ? -1.573  18.776  5.175   1.00 31.70 ? 145 LYS A CB  1 
ATOM   918  C CG  . LYS A 1 125 ? -0.477  19.435  4.343   1.00 35.75 ? 145 LYS A CG  1 
ATOM   919  C CD  . LYS A 1 125 ? 0.849   19.513  5.084   1.00 40.90 ? 145 LYS A CD  1 
ATOM   920  C CE  . LYS A 1 125 ? 2.008   19.800  4.114   1.00 47.01 ? 145 LYS A CE  1 
ATOM   921  N NZ  . LYS A 1 125 ? 3.321   19.144  4.469   1.00 45.10 ? 145 LYS A NZ  1 
ATOM   922  N N   . SER A 1 126 ? -3.059  16.841  7.306   1.00 36.27 ? 146 SER A N   1 
ATOM   923  C CA  . SER A 1 126 ? -4.309  16.270  7.813   1.00 40.00 ? 146 SER A CA  1 
ATOM   924  C C   . SER A 1 126 ? -5.514  17.112  7.496   1.00 41.08 ? 146 SER A C   1 
ATOM   925  O O   . SER A 1 126 ? -6.606  16.584  7.287   1.00 42.82 ? 146 SER A O   1 
ATOM   926  C CB  . SER A 1 126 ? -4.245  16.112  9.288   1.00 40.55 ? 146 SER A CB  1 
ATOM   927  O OG  . SER A 1 126 ? -3.558  17.209  9.862   1.00 47.66 ? 146 SER A OG  1 
ATOM   928  N N   . SER A 1 127 ? -5.346  18.430  7.521   1.00 42.11 ? 147 SER A N   1 
ATOM   929  C CA  . SER A 1 127 ? -6.428  19.337  7.143   1.00 43.47 ? 147 SER A CA  1 
ATOM   930  C C   . SER A 1 127 ? -6.207  19.959  5.771   1.00 42.66 ? 147 SER A C   1 
ATOM   931  O O   . SER A 1 127 ? -7.120  20.008  4.939   1.00 44.20 ? 147 SER A O   1 
ATOM   932  C CB  . SER A 1 127 ? -6.589  20.448  8.195   1.00 44.72 ? 147 SER A CB  1 
ATOM   933  O OG  . SER A 1 127 ? -7.061  19.910  9.417   1.00 47.32 ? 147 SER A OG  1 
ATOM   934  N N   . GLY A 1 128 ? -4.982  20.407  5.527   1.00 39.47 ? 148 GLY A N   1 
ATOM   935  C CA  . GLY A 1 128 ? -4.659  20.972  4.235   1.00 36.80 ? 148 GLY A CA  1 
ATOM   936  C C   . GLY A 1 128 ? -4.259  19.906  3.233   1.00 35.23 ? 148 GLY A C   1 
ATOM   937  O O   . GLY A 1 128 ? -4.290  18.702  3.528   1.00 33.74 ? 148 GLY A O   1 
ATOM   938  N N   . THR A 1 129 ? -3.793  20.366  2.077   1.00 32.56 ? 149 THR A N   1 
ATOM   939  C CA  . THR A 1 129 ? -3.396  19.483  0.994   1.00 30.39 ? 149 THR A CA  1 
ATOM   940  C C   . THR A 1 129 ? -2.058  19.889  0.489   1.00 27.34 ? 149 THR A C   1 
ATOM   941  O O   . THR A 1 129 ? -1.815  21.069  0.227   1.00 26.83 ? 149 THR A O   1 
ATOM   942  C CB  . THR A 1 129 ? -4.410  19.544  -0.167  1.00 29.81 ? 149 THR A CB  1 
ATOM   943  O OG1 . THR A 1 129 ? -5.675  19.037  0.274   1.00 32.07 ? 149 THR A OG1 1 
ATOM   944  C CG2 . THR A 1 129 ? -3.945  18.722  -1.330  1.00 31.69 ? 149 THR A CG2 1 
ATOM   945  N N   . SER A 1 130 ? -1.156  18.927  0.404   1.00 23.51 ? 150 SER A N   1 
ATOM   946  C CA  . SER A 1 130 ? 0.122   19.132  -0.251  1.00 21.92 ? 150 SER A CA  1 
ATOM   947  C C   . SER A 1 130 ? 0.689   17.813  -0.619  1.00 20.60 ? 150 SER A C   1 
ATOM   948  O O   . SER A 1 130 ? 0.877   16.940  0.232   1.00 20.31 ? 150 SER A O   1 
ATOM   949  C CB  . SER A 1 130 ? 1.077   19.836  0.654   1.00 22.98 ? 150 SER A CB  1 
ATOM   950  O OG  . SER A 1 130 ? 2.335   19.984  0.020   1.00 25.96 ? 150 SER A OG  1 
ATOM   951  N N   . TYR A 1 131 ? 0.861   17.610  -1.916  1.00 19.49 ? 151 TYR A N   1 
ATOM   952  C CA  . TYR A 1 131 ? 1.350   16.346  -2.425  1.00 19.02 ? 151 TYR A CA  1 
ATOM   953  C C   . TYR A 1 131 ? 2.775   16.447  -2.708  1.00 18.42 ? 151 TYR A C   1 
ATOM   954  O O   . TYR A 1 131 ? 3.197   17.380  -3.393  1.00 19.11 ? 151 TYR A O   1 
ATOM   955  C CB  . TYR A 1 131 ? 0.587   15.967  -3.659  1.00 19.63 ? 151 TYR A CB  1 
ATOM   956  C CG  . TYR A 1 131 ? -0.780  15.425  -3.349  1.00 19.20 ? 151 TYR A CG  1 
ATOM   957  C CD1 . TYR A 1 131 ? -1.809  16.272  -2.954  1.00 18.92 ? 151 TYR A CD1 1 
ATOM   958  C CD2 . TYR A 1 131 ? -1.025  14.049  -3.384  1.00 21.05 ? 151 TYR A CD2 1 
ATOM   959  C CE1 . TYR A 1 131 ? -3.050  15.765  -2.599  1.00 21.10 ? 151 TYR A CE1 1 
ATOM   960  C CE2 . TYR A 1 131 ? -2.264  13.530  -3.024  1.00 19.87 ? 151 TYR A CE2 1 
ATOM   961  C CZ  . TYR A 1 131 ? -3.269  14.395  -2.634  1.00 21.45 ? 151 TYR A CZ  1 
ATOM   962  O OH  . TYR A 1 131 ? -4.501  13.898  -2.269  1.00 27.49 ? 151 TYR A OH  1 
ATOM   963  N N   . PRO A 1 132 ? 3.576   15.512  -2.162  1.00 18.21 ? 152 PRO A N   1 
ATOM   964  C CA  . PRO A 1 132 ? 5.013   15.470  -2.431  1.00 18.96 ? 152 PRO A CA  1 
ATOM   965  C C   . PRO A 1 132 ? 5.301   14.921  -3.835  1.00 18.61 ? 152 PRO A C   1 
ATOM   966  O O   . PRO A 1 132 ? 4.538   14.116  -4.380  1.00 21.57 ? 152 PRO A O   1 
ATOM   967  C CB  . PRO A 1 132 ? 5.544   14.583  -1.306  1.00 17.18 ? 152 PRO A CB  1 
ATOM   968  C CG  . PRO A 1 132 ? 4.452   13.597  -1.095  1.00 16.33 ? 152 PRO A CG  1 
ATOM   969  C CD  . PRO A 1 132 ? 3.146   14.329  -1.388  1.00 17.97 ? 152 PRO A CD  1 
ATOM   970  N N   . ASP A 1 133 ? 6.431   15.318  -4.391  1.00 18.36 ? 153 ASP A N   1 
ATOM   971  C CA  . ASP A 1 133 ? 6.866   14.745  -5.649  1.00 18.76 ? 153 ASP A CA  1 
ATOM   972  C C   . ASP A 1 133 ? 7.735   13.491  -5.389  1.00 17.21 ? 153 ASP A C   1 
ATOM   973  O O   . ASP A 1 133 ? 7.767   12.576  -6.216  1.00 15.66 ? 153 ASP A O   1 
ATOM   974  C CB  . ASP A 1 133 ? 7.557   15.862  -6.506  1.00 23.40 ? 153 ASP A CB  1 
ATOM   975  C CG  . ASP A 1 133 ? 6.504   16.983  -6.820  1.00 28.84 ? 153 ASP A CG  1 
ATOM   976  O OD1 . ASP A 1 133 ? 5.339   16.623  -7.102  1.00 35.97 ? 153 ASP A OD1 1 
ATOM   977  O OD2 . ASP A 1 133 ? 6.811   18.195  -6.741  1.00 33.74 ? 153 ASP A OD2 1 
ATOM   978  N N   . VAL A 1 134 ? 8.351   13.428  -4.205  1.00 14.93 ? 154 VAL A N   1 
ATOM   979  C CA  . VAL A 1 134 ? 9.275   12.349  -3.850  1.00 14.45 ? 154 VAL A CA  1 
ATOM   980  C C   . VAL A 1 134 ? 8.640   11.433  -2.787  1.00 13.83 ? 154 VAL A C   1 
ATOM   981  O O   . VAL A 1 134 ? 7.676   11.831  -2.116  1.00 13.44 ? 154 VAL A O   1 
ATOM   982  C CB  . VAL A 1 134 ? 10.661  12.896  -3.300  1.00 13.38 ? 154 VAL A CB  1 
ATOM   983  C CG1 . VAL A 1 134 ? 11.387  13.646  -4.409  1.00 16.28 ? 154 VAL A CG1 1 
ATOM   984  C CG2 . VAL A 1 134 ? 10.482  13.794  -2.088  1.00 14.37 ? 154 VAL A CG2 1 
ATOM   985  N N   . LEU A 1 135 ? 9.162   10.213  -2.659  1.00 12.77 ? 155 LEU A N   1 
ATOM   986  C CA  . LEU A 1 135 ? 8.530   9.202   -1.814  1.00 12.34 ? 155 LEU A CA  1 
ATOM   987  C C   . LEU A 1 135 ? 8.719   9.477   -0.314  1.00 12.67 ? 155 LEU A C   1 
ATOM   988  O O   . LEU A 1 135 ? 9.817   9.838   0.124   1.00 12.95 ? 155 LEU A O   1 
ATOM   989  C CB  . LEU A 1 135 ? 9.058   7.826   -2.166  1.00 11.06 ? 155 LEU A CB  1 
ATOM   990  C CG  . LEU A 1 135 ? 8.356   6.672   -1.474  1.00 9.10  ? 155 LEU A CG  1 
ATOM   991  C CD1 . LEU A 1 135 ? 6.974   6.459   -2.060  1.00 9.43  ? 155 LEU A CD1 1 
ATOM   992  C CD2 . LEU A 1 135 ? 9.177   5.436   -1.647  1.00 12.09 ? 155 LEU A CD2 1 
ATOM   993  N N   . LYS A 1 136 ? 7.621   9.395   0.440   1.00 11.94 ? 156 LYS A N   1 
ATOM   994  C CA  . LYS A 1 136 ? 7.648   9.608   1.887   1.00 12.95 ? 156 LYS A CA  1 
ATOM   995  C C   . LYS A 1 136 ? 7.480   8.281   2.635   1.00 13.14 ? 156 LYS A C   1 
ATOM   996  O O   . LYS A 1 136 ? 6.831   7.352   2.140   1.00 13.02 ? 156 LYS A O   1 
ATOM   997  C CB  . LYS A 1 136 ? 6.511   10.586  2.324   1.00 11.78 ? 156 LYS A CB  1 
ATOM   998  C CG  . LYS A 1 136 ? 6.656   12.015  1.787   1.00 12.58 ? 156 LYS A CG  1 
ATOM   999  C CD  . LYS A 1 136 ? 7.733   12.788  2.535   1.00 17.42 ? 156 LYS A CD  1 
ATOM   1000 C CE  . LYS A 1 136 ? 8.187   14.005  1.739   1.00 21.86 ? 156 LYS A CE  1 
ATOM   1001 N NZ  . LYS A 1 136 ? 9.051   14.900  2.555   1.00 21.29 ? 156 LYS A NZ  1 
ATOM   1002 N N   . CYS A 1 137 ? 8.091   8.200   3.815   1.00 12.70 ? 157 CYS A N   1 
ATOM   1003 C CA  . CYS A 1 137 ? 8.105   6.984   4.619   1.00 12.36 ? 157 CYS A CA  1 
ATOM   1004 C C   . CYS A 1 137 ? 7.634   7.279   6.007   1.00 12.84 ? 157 CYS A C   1 
ATOM   1005 O O   . CYS A 1 137 ? 7.771   8.407   6.493   1.00 13.88 ? 157 CYS A O   1 
ATOM   1006 C CB  . CYS A 1 137 ? 9.512   6.444   4.757   1.00 11.99 ? 157 CYS A CB  1 
ATOM   1007 S SG  . CYS A 1 137 ? 10.063  5.431   3.376   1.00 14.04 ? 157 CYS A SG  1 
ATOM   1008 N N   . LEU A 1 138 ? 7.074   6.268   6.657   1.00 12.43 ? 158 LEU A N   1 
ATOM   1009 C CA  . LEU A 1 138 ? 6.667   6.353   8.053   1.00 13.07 ? 158 LEU A CA  1 
ATOM   1010 C C   . LEU A 1 138 ? 6.837   4.977   8.739   1.00 13.56 ? 158 LEU A C   1 
ATOM   1011 O O   . LEU A 1 138 ? 6.425   3.946   8.195   1.00 11.95 ? 158 LEU A O   1 
ATOM   1012 C CB  . LEU A 1 138 ? 5.158   6.792   8.173   1.00 12.59 ? 158 LEU A CB  1 
ATOM   1013 C CG  . LEU A 1 138 ? 4.571   6.786   9.599   1.00 12.32 ? 158 LEU A CG  1 
ATOM   1014 C CD1 . LEU A 1 138 ? 5.123   7.950   10.405  1.00 12.96 ? 158 LEU A CD1 1 
ATOM   1015 C CD2 . LEU A 1 138 ? 3.050   6.846   9.533   1.00 14.98 ? 158 LEU A CD2 1 
ATOM   1016 N N   . LYS A 1 139 ? 7.477   4.966   9.904   1.00 13.56 ? 159 LYS A N   1 
ATOM   1017 C CA  . LYS A 1 139 ? 7.522   3.758   10.726  1.00 15.50 ? 159 LYS A CA  1 
ATOM   1018 C C   . LYS A 1 139 ? 6.414   3.825   11.702  1.00 16.21 ? 159 LYS A C   1 
ATOM   1019 O O   . LYS A 1 139 ? 6.171   4.881   12.295  1.00 19.32 ? 159 LYS A O   1 
ATOM   1020 C CB  . LYS A 1 139 ? 8.871   3.636   11.426  1.00 13.63 ? 159 LYS A CB  1 
ATOM   1021 C CG  . LYS A 1 139 ? 10.010  3.428   10.449  1.00 16.85 ? 159 LYS A CG  1 
ATOM   1022 C CD  . LYS A 1 139 ? 11.355  3.462   11.120  1.00 17.70 ? 159 LYS A CD  1 
ATOM   1023 C CE  . LYS A 1 139 ? 12.464  3.317   10.092  1.00 19.85 ? 159 LYS A CE  1 
ATOM   1024 N NZ  . LYS A 1 139 ? 13.803  3.139   10.742  1.00 20.50 ? 159 LYS A NZ  1 
ATOM   1025 N N   . ALA A 1 140 ? 5.635   2.756   11.796  1.00 16.46 ? 160 ALA A N   1 
ATOM   1026 C CA  . ALA A 1 140 ? 4.474   2.742   12.681  1.00 15.88 ? 160 ALA A CA  1 
ATOM   1027 C C   . ALA A 1 140 ? 4.208   1.341   13.171  1.00 16.67 ? 160 ALA A C   1 
ATOM   1028 O O   . ALA A 1 140 ? 4.417   0.373   12.442  1.00 15.75 ? 160 ALA A O   1 
ATOM   1029 C CB  . ALA A 1 140 ? 3.244   3.291   11.948  1.00 14.69 ? 160 ALA A CB  1 
ATOM   1030 N N   . PRO A 1 141 ? 3.792   1.200   14.445  1.00 17.28 ? 161 PRO A N   1 
ATOM   1031 C CA  . PRO A 1 141 ? 3.475   -0.125  14.980  1.00 15.72 ? 161 PRO A CA  1 
ATOM   1032 C C   . PRO A 1 141 ? 2.070   -0.578  14.623  1.00 14.35 ? 161 PRO A C   1 
ATOM   1033 O O   . PRO A 1 141 ? 1.136   0.228   14.540  1.00 12.77 ? 161 PRO A O   1 
ATOM   1034 C CB  . PRO A 1 141 ? 3.678   0.058   16.460  1.00 16.11 ? 161 PRO A CB  1 
ATOM   1035 C CG  . PRO A 1 141 ? 3.202   1.457   16.706  1.00 17.53 ? 161 PRO A CG  1 
ATOM   1036 C CD  . PRO A 1 141 ? 3.626   2.244   15.476  1.00 15.41 ? 161 PRO A CD  1 
ATOM   1037 N N   . ILE A 1 142 ? 1.919   -1.885  14.467  1.00 15.19 ? 162 ILE A N   1 
ATOM   1038 C CA  . ILE A 1 142 ? 0.604   -2.512  14.444  1.00 15.27 ? 162 ILE A CA  1 
ATOM   1039 C C   . ILE A 1 142 ? -0.040  -2.377  15.809  1.00 15.28 ? 162 ILE A C   1 
ATOM   1040 O O   . ILE A 1 142 ? 0.617   -2.584  16.835  1.00 15.57 ? 162 ILE A O   1 
ATOM   1041 C CB  . ILE A 1 142 ? 0.721   -3.992  14.067  1.00 14.33 ? 162 ILE A CB  1 
ATOM   1042 C CG1 . ILE A 1 142 ? 1.351   -4.090  12.679  1.00 13.46 ? 162 ILE A CG1 1 
ATOM   1043 C CG2 . ILE A 1 142 ? -0.665  -4.719  14.125  1.00 13.49 ? 162 ILE A CG2 1 
ATOM   1044 C CD1 . ILE A 1 142 ? 1.737   -5.469  12.277  1.00 13.60 ? 162 ILE A CD1 1 
ATOM   1045 N N   . LEU A 1 143 ? -1.302  -1.967  15.815  1.00 14.90 ? 163 LEU A N   1 
ATOM   1046 C CA  . LEU A 1 143 ? -2.074  -1.788  17.037  1.00 16.45 ? 163 LEU A CA  1 
ATOM   1047 C C   . LEU A 1 143 ? -2.845  -3.040  17.385  1.00 17.01 ? 163 LEU A C   1 
ATOM   1048 O O   . LEU A 1 143 ? -3.078  -3.899  16.526  1.00 16.55 ? 163 LEU A O   1 
ATOM   1049 C CB  . LEU A 1 143 ? -3.042  -0.620  16.873  1.00 16.50 ? 163 LEU A CB  1 
ATOM   1050 C CG  . LEU A 1 143 ? -2.365  0.721   16.532  1.00 18.69 ? 163 LEU A CG  1 
ATOM   1051 C CD1 . LEU A 1 143 ? -3.396  1.799   16.481  1.00 18.59 ? 163 LEU A CD1 1 
ATOM   1052 C CD2 . LEU A 1 143 ? -1.292  1.067   17.588  1.00 18.83 ? 163 LEU A CD2 1 
ATOM   1053 N N   . SER A 1 144 ? -3.224  -3.171  18.653  1.00 17.36 ? 164 SER A N   1 
ATOM   1054 C CA  . SER A 1 144 ? -4.037  -4.301  19.082  1.00 18.21 ? 164 SER A CA  1 
ATOM   1055 C C   . SER A 1 144 ? -5.333  -4.202  18.420  1.00 18.00 ? 164 SER A C   1 
ATOM   1056 O O   . SER A 1 144 ? -5.764  -3.106  18.052  1.00 18.16 ? 164 SER A O   1 
ATOM   1057 C CB  . SER A 1 144 ? -4.231  -4.304  20.626  1.00 16.85 ? 164 SER A CB  1 
ATOM   1058 O OG  . SER A 1 144 ? -4.863  -3.116  21.073  1.00 16.45 ? 164 SER A OG  1 
ATOM   1059 N N   . ASP A 1 145 ? -5.963  -5.344  18.174  1.00 21.60 ? 165 ASP A N   1 
ATOM   1060 C CA  . ASP A 1 145 ? -7.269  -5.341  17.529  1.00 24.23 ? 165 ASP A CA  1 
ATOM   1061 C C   . ASP A 1 145 ? -8.327  -4.778  18.415  1.00 21.12 ? 165 ASP A C   1 
ATOM   1062 O O   . ASP A 1 145 ? -9.291  -4.207  17.921  1.00 20.70 ? 165 ASP A O   1 
ATOM   1063 C CB  . ASP A 1 145 ? -7.618  -6.750  17.006  1.00 30.83 ? 165 ASP A CB  1 
ATOM   1064 C CG  . ASP A 1 145 ? -7.026  -6.757  15.545  1.00 39.11 ? 165 ASP A CG  1 
ATOM   1065 O OD1 . ASP A 1 145 ? -7.560  -6.079  14.623  1.00 41.87 ? 165 ASP A OD1 1 
ATOM   1066 O OD2 . ASP A 1 145 ? -5.983  -7.429  15.371  1.00 41.13 ? 165 ASP A OD2 1 
ATOM   1067 N N   . SER A 1 146 ? -8.068  -4.764  19.721  1.00 19.78 ? 166 SER A N   1 
ATOM   1068 C CA  . SER A 1 146 ? -8.970  -4.150  20.692  1.00 22.01 ? 166 SER A CA  1 
ATOM   1069 C C   . SER A 1 146 ? -8.994  -2.654  20.554  1.00 18.91 ? 166 SER A C   1 
ATOM   1070 O O   . SER A 1 146 ? -10.059 -2.041  20.585  1.00 19.98 ? 166 SER A O   1 
ATOM   1071 C CB  . SER A 1 146 ? -8.537  -4.492  22.146  1.00 26.48 ? 166 SER A CB  1 
ATOM   1072 O OG  . SER A 1 146 ? -7.632  -5.591  22.167  1.00 36.98 ? 166 SER A OG  1 
ATOM   1073 N N   . SER A 1 147 ? -7.822  -2.046  20.434  1.00 16.84 ? 167 SER A N   1 
ATOM   1074 C CA  . SER A 1 147 ? -7.743  -0.608  20.252  1.00 18.79 ? 167 SER A CA  1 
ATOM   1075 C C   . SER A 1 147 ? -8.251  -0.240  18.886  1.00 17.29 ? 167 SER A C   1 
ATOM   1076 O O   . SER A 1 147 ? -8.951  0.759   18.716  1.00 18.12 ? 167 SER A O   1 
ATOM   1077 C CB  . SER A 1 147 ? -6.303  -0.110  20.438  1.00 20.78 ? 167 SER A CB  1 
ATOM   1078 O OG  . SER A 1 147 ? -5.369  -0.894  19.713  1.00 29.06 ? 167 SER A OG  1 
ATOM   1079 N N   . CYS A 1 148 ? -7.982  -1.102  17.919  1.00 18.48 ? 168 CYS A N   1 
ATOM   1080 C CA  . CYS A 1 148 ? -8.467  -0.900  16.560  1.00 16.85 ? 168 CYS A CA  1 
ATOM   1081 C C   . CYS A 1 148 ? -10.036 -0.829  16.548  1.00 17.67 ? 168 CYS A C   1 
ATOM   1082 O O   . CYS A 1 148 ? -10.635 0.128   16.033  1.00 18.60 ? 168 CYS A O   1 
ATOM   1083 C CB  . CYS A 1 148 ? -7.963  -2.041  15.681  1.00 15.07 ? 168 CYS A CB  1 
ATOM   1084 S SG  . CYS A 1 148 ? -8.248  -1.785  13.923  1.00 17.12 ? 168 CYS A SG  1 
ATOM   1085 N N   . LYS A 1 149 ? -10.670 -1.801  17.198  1.00 18.84 ? 169 LYS A N   1 
ATOM   1086 C CA  . LYS A 1 149 ? -12.126 -1.858  17.262  1.00 19.68 ? 169 LYS A CA  1 
ATOM   1087 C C   . LYS A 1 149 ? -12.735 -0.773  18.118  1.00 19.38 ? 169 LYS A C   1 
ATOM   1088 O O   . LYS A 1 149 ? -13.807 -0.270  17.796  1.00 20.40 ? 169 LYS A O   1 
ATOM   1089 C CB  . LYS A 1 149 ? -12.567 -3.221  17.735  1.00 20.75 ? 169 LYS A CB  1 
ATOM   1090 C CG  . LYS A 1 149 ? -12.749 -4.194  16.598  1.00 25.07 ? 169 LYS A CG  1 
ATOM   1091 C CD  . LYS A 1 149 ? -12.582 -5.624  17.026  1.00 28.02 ? 169 LYS A CD  1 
ATOM   1092 C CE  . LYS A 1 149 ? -12.215 -6.480  15.826  1.00 31.48 ? 169 LYS A CE  1 
ATOM   1093 N NZ  . LYS A 1 149 ? -12.101 -7.916  16.195  1.00 35.99 ? 169 LYS A NZ  1 
ATOM   1094 N N   . SER A 1 150 ? -12.060 -0.394  19.197  1.00 18.03 ? 170 SER A N   1 
ATOM   1095 C CA  . SER A 1 150 ? -12.485 0.752   20.000  1.00 19.06 ? 170 SER A CA  1 
ATOM   1096 C C   . SER A 1 150 ? -12.493 2.046   19.225  1.00 19.06 ? 170 SER A C   1 
ATOM   1097 O O   . SER A 1 150 ? -13.365 2.897   19.432  1.00 19.79 ? 170 SER A O   1 
ATOM   1098 C CB  . SER A 1 150 ? -11.559 0.980   21.148  1.00 19.46 ? 170 SER A CB  1 
ATOM   1099 O OG  . SER A 1 150 ? -11.563 -0.143  22.004  1.00 28.05 ? 170 SER A OG  1 
ATOM   1100 N N   . ALA A 1 151 ? -11.491 2.217   18.361  1.00 19.57 ? 171 ALA A N   1 
ATOM   1101 C CA  . ALA A 1 151 ? -11.363 3.409   17.523  1.00 17.37 ? 171 ALA A CA  1 
ATOM   1102 C C   . ALA A 1 151 ? -12.411 3.438   16.447  1.00 15.89 ? 171 ALA A C   1 
ATOM   1103 O O   . ALA A 1 151 ? -12.971 4.490   16.144  1.00 17.52 ? 171 ALA A O   1 
ATOM   1104 C CB  . ALA A 1 151 ? -9.952  3.471   16.892  1.00 17.01 ? 171 ALA A CB  1 
ATOM   1105 N N   . TYR A 1 152 ? -12.722 2.273   15.891  1.00 15.64 ? 172 TYR A N   1 
ATOM   1106 C CA  . TYR A 1 152 ? -13.671 2.181   14.785  1.00 15.43 ? 172 TYR A CA  1 
ATOM   1107 C C   . TYR A 1 152 ? -14.751 1.173   15.090  1.00 16.20 ? 172 TYR A C   1 
ATOM   1108 O O   . TYR A 1 152 ? -14.824 0.110   14.467  1.00 15.67 ? 172 TYR A O   1 
ATOM   1109 C CB  . TYR A 1 152 ? -12.940 1.779   13.482  1.00 15.53 ? 172 TYR A CB  1 
ATOM   1110 C CG  . TYR A 1 152 ? -11.996 2.840   12.952  1.00 17.44 ? 172 TYR A CG  1 
ATOM   1111 C CD1 . TYR A 1 152 ? -12.489 3.960   12.279  1.00 14.41 ? 172 TYR A CD1 1 
ATOM   1112 C CD2 . TYR A 1 152 ? -10.608 2.711   13.091  1.00 16.22 ? 172 TYR A CD2 1 
ATOM   1113 C CE1 . TYR A 1 152 ? -11.636 4.913   11.754  1.00 14.17 ? 172 TYR A CE1 1 
ATOM   1114 C CE2 . TYR A 1 152 ? -9.745  3.666   12.557  1.00 14.80 ? 172 TYR A CE2 1 
ATOM   1115 C CZ  . TYR A 1 152 ? -10.275 4.762   11.889  1.00 11.89 ? 172 TYR A CZ  1 
ATOM   1116 O OH  . TYR A 1 152 ? -9.453  5.720   11.349  1.00 14.02 ? 172 TYR A OH  1 
ATOM   1117 N N   . PRO A 1 153 ? -15.637 1.493   16.046  1.00 15.65 ? 173 PRO A N   1 
ATOM   1118 C CA  . PRO A 1 153 ? -16.740 0.610   16.440  1.00 17.70 ? 173 PRO A CA  1 
ATOM   1119 C C   . PRO A 1 153 ? -17.567 0.143   15.250  1.00 17.00 ? 173 PRO A C   1 
ATOM   1120 O O   . PRO A 1 153 ? -17.963 0.955   14.409  1.00 16.67 ? 173 PRO A O   1 
ATOM   1121 C CB  . PRO A 1 153 ? -17.529 1.463   17.434  1.00 18.85 ? 173 PRO A CB  1 
ATOM   1122 C CG  . PRO A 1 153 ? -16.561 2.454   17.925  1.00 17.90 ? 173 PRO A CG  1 
ATOM   1123 C CD  . PRO A 1 153 ? -15.715 2.783   16.742  1.00 15.72 ? 173 PRO A CD  1 
ATOM   1124 N N   . GLY A 1 154 ? -17.690 -1.175  15.108  1.00 16.93 ? 174 GLY A N   1 
ATOM   1125 C CA  . GLY A 1 154 ? -18.552 -1.742  14.088  1.00 18.74 ? 174 GLY A CA  1 
ATOM   1126 C C   . GLY A 1 154 ? -17.990 -1.746  12.675  1.00 19.54 ? 174 GLY A C   1 
ATOM   1127 O O   . GLY A 1 154 ? -18.706 -2.097  11.734  1.00 20.58 ? 174 GLY A O   1 
ATOM   1128 N N   . GLN A 1 155 ? -16.705 -1.434  12.516  1.00 17.45 ? 175 GLN A N   1 
ATOM   1129 C CA  . GLN A 1 155 ? -16.152 -1.246  11.183  1.00 16.54 ? 175 GLN A CA  1 
ATOM   1130 C C   . GLN A 1 155 ? -14.977 -2.105  10.865  1.00 16.38 ? 175 GLN A C   1 
ATOM   1131 O O   . GLN A 1 155 ? -14.556 -2.180  9.716   1.00 15.53 ? 175 GLN A O   1 
ATOM   1132 C CB  . GLN A 1 155 ? -15.786 0.199   10.981  1.00 15.54 ? 175 GLN A CB  1 
ATOM   1133 C CG  . GLN A 1 155 ? -16.988 1.114   11.047  1.00 16.85 ? 175 GLN A CG  1 
ATOM   1134 C CD  . GLN A 1 155 ? -16.580 2.485   11.399  1.00 18.81 ? 175 GLN A CD  1 
ATOM   1135 O OE1 . GLN A 1 155 ? -16.179 3.252   10.534  1.00 20.84 ? 175 GLN A OE1 1 
ATOM   1136 N NE2 . GLN A 1 155 ? -16.709 2.844   12.680  1.00 21.64 ? 175 GLN A NE2 1 
ATOM   1137 N N   . ILE A 1 156 ? -14.386 -2.723  11.876  1.00 16.76 ? 176 ILE A N   1 
ATOM   1138 C CA  . ILE A 1 156 ? -13.177 -3.504  11.660  1.00 16.31 ? 176 ILE A CA  1 
ATOM   1139 C C   . ILE A 1 156 ? -13.529 -4.986  11.489  1.00 18.09 ? 176 ILE A C   1 
ATOM   1140 O O   . ILE A 1 156 ? -14.237 -5.556  12.317  1.00 21.02 ? 176 ILE A O   1 
ATOM   1141 C CB  . ILE A 1 156 ? -12.202 -3.326  12.833  1.00 14.97 ? 176 ILE A CB  1 
ATOM   1142 C CG1 . ILE A 1 156 ? -11.871 -1.834  13.004  1.00 14.29 ? 176 ILE A CG1 1 
ATOM   1143 C CG2 . ILE A 1 156 ? -10.924 -4.174  12.622  1.00 12.84 ? 176 ILE A CG2 1 
ATOM   1144 C CD1 . ILE A 1 156 ? -11.292 -1.141  11.729  1.00 12.86 ? 176 ILE A CD1 1 
ATOM   1145 N N   . THR A 1 157 ? -13.105 -5.581  10.378  1.00 14.80 ? 177 THR A N   1 
ATOM   1146 C CA  . THR A 1 157 ? -13.346 -6.997  10.126  1.00 13.89 ? 177 THR A CA  1 
ATOM   1147 C C   . THR A 1 157 ? -12.070 -7.770  10.404  1.00 13.55 ? 177 THR A C   1 
ATOM   1148 O O   . THR A 1 157 ? -11.012 -7.167  10.593  1.00 14.84 ? 177 THR A O   1 
ATOM   1149 C CB  . THR A 1 157 ? -13.759 -7.243  8.651   1.00 12.32 ? 177 THR A CB  1 
ATOM   1150 O OG1 . THR A 1 157 ? -12.610 -7.060  7.816   1.00 13.13 ? 177 THR A OG1 1 
ATOM   1151 C CG2 . THR A 1 157 ? -14.864 -6.303  8.182   1.00 10.93 ? 177 THR A CG2 1 
ATOM   1152 N N   . SER A 1 158 ? -12.141 -9.093  10.294  1.00 12.94 ? 178 SER A N   1 
ATOM   1153 C CA  . SER A 1 158 ? -10.974 -9.948  10.467  1.00 16.18 ? 178 SER A CA  1 
ATOM   1154 C C   . SER A 1 158 ? -9.916  -9.718  9.395   1.00 15.82 ? 178 SER A C   1 
ATOM   1155 O O   . SER A 1 158 ? -8.791  -10.199 9.519   1.00 18.78 ? 178 SER A O   1 
ATOM   1156 C CB  . SER A 1 158 ? -11.375 -11.427 10.397  1.00 19.40 ? 178 SER A CB  1 
ATOM   1157 O OG  . SER A 1 158 ? -12.142 -11.691 9.231   1.00 25.86 ? 178 SER A OG  1 
ATOM   1158 N N   . ASN A 1 159 ? -10.303 -9.042  8.316   1.00 14.96 ? 179 ASN A N   1 
ATOM   1159 C CA  . ASN A 1 159 ? -9.418  -8.806  7.176   1.00 14.28 ? 179 ASN A CA  1 
ATOM   1160 C C   . ASN A 1 159 ? -8.745  -7.434  7.246   1.00 14.71 ? 179 ASN A C   1 
ATOM   1161 O O   . ASN A 1 159 ? -8.147  -6.981  6.265   1.00 14.89 ? 179 ASN A O   1 
ATOM   1162 C CB  . ASN A 1 159 ? -10.202 -8.872  5.889   1.00 12.60 ? 179 ASN A CB  1 
ATOM   1163 C CG  . ASN A 1 159 ? -10.679 -10.292 5.757   1.00 15.60 ? 179 ASN A CG  1 
ATOM   1164 O OD1 . ASN A 1 159 ? -9.917  -11.239 5.957   1.00 16.16 ? 179 ASN A OD1 1 
ATOM   1165 N ND2 . ASN A 1 159 ? -11.949 -10.459 5.419   1.00 16.49 ? 179 ASN A ND2 1 
ATOM   1166 N N   . MET A 1 160 ? -8.716  -6.857  8.446   1.00 13.77 ? 180 MET A N   1 
ATOM   1167 C CA  . MET A 1 160 ? -8.245  -5.489  8.650   1.00 13.96 ? 180 MET A CA  1 
ATOM   1168 C C   . MET A 1 160 ? -7.399  -5.395  9.889   1.00 13.95 ? 180 MET A C   1 
ATOM   1169 O O   . MET A 1 160 ? -7.629  -6.127  10.858  1.00 14.63 ? 180 MET A O   1 
ATOM   1170 C CB  . MET A 1 160 ? -9.409  -4.550  8.873   1.00 13.93 ? 180 MET A CB  1 
ATOM   1171 C CG  . MET A 1 160 ? -10.192 -4.200  7.622   1.00 13.91 ? 180 MET A CG  1 
ATOM   1172 S SD  . MET A 1 160 ? -11.660 -3.228  8.005   1.00 14.94 ? 180 MET A SD  1 
ATOM   1173 C CE  . MET A 1 160 ? -12.582 -3.482  6.527   1.00 15.00 ? 180 MET A CE  1 
ATOM   1174 N N   . PHE A 1 161 ? -6.407  -4.510  9.871   1.00 12.72 ? 181 PHE A N   1 
ATOM   1175 C CA  . PHE A 1 161 ? -5.714  -4.136  11.101  1.00 14.00 ? 181 PHE A CA  1 
ATOM   1176 C C   . PHE A 1 161 ? -5.405  -2.671  11.143  1.00 14.55 ? 181 PHE A C   1 
ATOM   1177 O O   . PHE A 1 161 ? -5.380  -1.996  10.108  1.00 12.56 ? 181 PHE A O   1 
ATOM   1178 C CB  . PHE A 1 161 ? -4.406  -4.977  11.287  1.00 13.49 ? 181 PHE A CB  1 
ATOM   1179 C CG  . PHE A 1 161 ? -3.305  -4.637  10.304  1.00 14.04 ? 181 PHE A CG  1 
ATOM   1180 C CD1 . PHE A 1 161 ? -2.408  -3.607  10.571  1.00 12.68 ? 181 PHE A CD1 1 
ATOM   1181 C CD2 . PHE A 1 161 ? -3.110  -5.415  9.163   1.00 13.95 ? 181 PHE A CD2 1 
ATOM   1182 C CE1 . PHE A 1 161 ? -1.325  -3.360  9.723   1.00 14.80 ? 181 PHE A CE1 1 
ATOM   1183 C CE2 . PHE A 1 161 ? -2.029  -5.182  8.313   1.00 12.78 ? 181 PHE A CE2 1 
ATOM   1184 C CZ  . PHE A 1 161 ? -1.133  -4.156  8.592   1.00 14.07 ? 181 PHE A CZ  1 
ATOM   1185 N N   . CYS A 1 162 ? -5.196  -2.164  12.352  1.00 14.49 ? 182 CYS A N   1 
ATOM   1186 C CA  . CYS A 1 162 ? -4.826  -0.769  12.537  1.00 13.32 ? 182 CYS A CA  1 
ATOM   1187 C C   . CYS A 1 162 ? -3.391  -0.662  12.773  1.00 13.16 ? 182 CYS A C   1 
ATOM   1188 O O   . CYS A 1 162 ? -2.774  -1.538  13.394  1.00 13.12 ? 182 CYS A O   1 
ATOM   1189 C CB  . CYS A 1 162 ? -5.535  -0.145  13.741  1.00 12.63 ? 182 CYS A CB  1 
ATOM   1190 S SG  . CYS A 1 162 ? -7.276  0.261   13.497  1.00 15.88 ? 182 CYS A SG  1 
ATOM   1191 N N   . ALA A 1 163 ? -2.814  0.420   12.272  1.00 14.33 ? 183 ALA A N   1 
ATOM   1192 C CA  . ALA A 1 163 ? -1.432  0.755   12.558  1.00 14.49 ? 183 ALA A CA  1 
ATOM   1193 C C   . ALA A 1 163 ? -1.285  2.241   12.619  1.00 13.32 ? 183 ALA A C   1 
ATOM   1194 O O   . ALA A 1 163 ? -2.019  2.983   11.957  1.00 14.71 ? 183 ALA A O   1 
ATOM   1195 C CB  . ALA A 1 163 ? -0.497  0.146   11.479  1.00 13.72 ? 183 ALA A CB  1 
ATOM   1196 N N   . GLY A 1 164 ? -0.426  2.694   13.519  1.00 14.55 ? 184 GLY A N   1 
ATOM   1197 C CA  . GLY A 1 164 ? -0.197  4.114   13.660  1.00 14.67 ? 184 GLY A CA  1 
ATOM   1198 C C   . GLY A 1 164 ? -0.130  4.518   15.118  1.00 16.31 ? 184 GLY A C   1 
ATOM   1199 O O   . GLY A 1 164 ? 0.452   3.811   15.948  1.00 14.93 ? 184 GLY A O   1 
ATOM   1200 N N   . TYR A 1 165 A -0.680  5.692   15.412  1.00 17.88 ? 184 TYR A N   1 
ATOM   1201 C CA  . TYR A 1 165 A -0.550  6.318   16.721  1.00 20.00 ? 184 TYR A CA  1 
ATOM   1202 C C   . TYR A 1 165 A -1.858  6.892   17.111  1.00 20.18 ? 184 TYR A C   1 
ATOM   1203 O O   . TYR A 1 165 A -2.451  7.681   16.372  1.00 22.72 ? 184 TYR A O   1 
ATOM   1204 C CB  . TYR A 1 165 A 0.485   7.448   16.671  1.00 20.10 ? 184 TYR A CB  1 
ATOM   1205 C CG  . TYR A 1 165 A 1.853   6.990   16.241  1.00 20.88 ? 184 TYR A CG  1 
ATOM   1206 C CD1 . TYR A 1 165 A 2.746   6.470   17.167  1.00 22.31 ? 184 TYR A CD1 1 
ATOM   1207 C CD2 . TYR A 1 165 A 2.221   6.990   14.894  1.00 18.86 ? 184 TYR A CD2 1 
ATOM   1208 C CE1 . TYR A 1 165 A 3.967   5.956   16.771  1.00 23.39 ? 184 TYR A CE1 1 
ATOM   1209 C CE2 . TYR A 1 165 A 3.441   6.471   14.486  1.00 19.81 ? 184 TYR A CE2 1 
ATOM   1210 C CZ  . TYR A 1 165 A 4.307   5.960   15.430  1.00 21.28 ? 184 TYR A CZ  1 
ATOM   1211 O OH  . TYR A 1 165 A 5.526   5.451   15.067  1.00 22.74 ? 184 TYR A OH  1 
ATOM   1212 N N   . LEU A 1 166 ? -2.319  6.555   18.304  1.00 21.22 ? 185 LEU A N   1 
ATOM   1213 C CA  . LEU A 1 166 ? -3.622  7.034   18.746  1.00 22.61 ? 185 LEU A CA  1 
ATOM   1214 C C   . LEU A 1 166 ? -3.614  8.505   19.072  1.00 23.77 ? 185 LEU A C   1 
ATOM   1215 O O   . LEU A 1 166 ? -4.667  9.136   19.094  1.00 23.86 ? 185 LEU A O   1 
ATOM   1216 C CB  . LEU A 1 166 ? -4.111  6.225   19.933  1.00 22.14 ? 185 LEU A CB  1 
ATOM   1217 C CG  . LEU A 1 166 ? -4.473  4.759   19.648  1.00 24.95 ? 185 LEU A CG  1 
ATOM   1218 C CD1 . LEU A 1 166 ? -5.114  4.152   20.882  1.00 25.45 ? 185 LEU A CD1 1 
ATOM   1219 C CD2 . LEU A 1 166 ? -5.441  4.662   18.448  1.00 25.43 ? 185 LEU A CD2 1 
ATOM   1220 N N   . GLU A 1 167 ? -2.424  9.078   19.246  1.00 25.73 ? 186 GLU A N   1 
ATOM   1221 C CA  . GLU A 1 167 ? -2.284  10.511  19.518  1.00 28.17 ? 186 GLU A CA  1 
ATOM   1222 C C   . GLU A 1 167 ? -2.425  11.355  18.257  1.00 27.74 ? 186 GLU A C   1 
ATOM   1223 O O   . GLU A 1 167 ? -2.571  12.571  18.342  1.00 28.47 ? 186 GLU A O   1 
ATOM   1224 C CB  . GLU A 1 167 ? -0.886  10.873  20.092  1.00 31.04 ? 186 GLU A CB  1 
ATOM   1225 C CG  . GLU A 1 167 ? -0.312  9.888   21.100  1.00 40.09 ? 186 GLU A CG  1 
ATOM   1226 C CD  . GLU A 1 167 ? 0.644   8.837   20.472  1.00 44.20 ? 186 GLU A CD  1 
ATOM   1227 O OE1 . GLU A 1 167 ? 1.659   9.237   19.855  1.00 46.82 ? 186 GLU A OE1 1 
ATOM   1228 O OE2 . GLU A 1 167 ? 0.375   7.623   20.625  1.00 46.02 ? 186 GLU A OE2 1 
ATOM   1229 N N   . GLY A 1 168 ? -2.383  10.711  17.091  1.00 26.57 ? 187 GLY A N   1 
ATOM   1230 C CA  . GLY A 1 168 ? -2.439  11.446  15.837  1.00 25.37 ? 187 GLY A CA  1 
ATOM   1231 C C   . GLY A 1 168 ? -1.088  11.989  15.388  1.00 24.27 ? 187 GLY A C   1 
ATOM   1232 O O   . GLY A 1 168 ? -0.038  11.555  15.878  1.00 26.93 ? 187 GLY A O   1 
ATOM   1233 N N   . GLY A 1 169 ? -1.102  12.833  14.360  1.00 21.11 ? 188 GLY A N   1 
ATOM   1234 C CA  . GLY A 1 169 ? 0.122   13.465  13.905  1.00 18.49 ? 188 GLY A CA  1 
ATOM   1235 C C   . GLY A 1 169 ? 0.948   12.686  12.900  1.00 17.37 ? 188 GLY A C   1 
ATOM   1236 O O   . GLY A 1 169 ? 1.733   13.285  12.165  1.00 17.87 ? 188 GLY A O   1 
ATOM   1237 N N   . LYS A 1 170 A 0.805   11.362  12.880  1.00 16.03 ? 188 LYS A N   1 
ATOM   1238 C CA  . LYS A 1 170 A 1.573   10.506  11.976  1.00 16.01 ? 188 LYS A CA  1 
ATOM   1239 C C   . LYS A 1 170 A 0.649   9.414   11.399  1.00 16.96 ? 188 LYS A C   1 
ATOM   1240 O O   . LYS A 1 170 A 0.010   8.674   12.155  1.00 18.08 ? 188 LYS A O   1 
ATOM   1241 C CB  . LYS A 1 170 A 2.712   9.839   12.731  1.00 16.30 ? 188 LYS A CB  1 
ATOM   1242 C CG  . LYS A 1 170 A 3.635   10.806  13.454  1.00 21.49 ? 188 LYS A CG  1 
ATOM   1243 C CD  . LYS A 1 170 A 4.537   10.088  14.457  1.00 29.81 ? 188 LYS A CD  1 
ATOM   1244 C CE  . LYS A 1 170 A 4.383   10.659  15.881  1.00 34.72 ? 188 LYS A CE  1 
ATOM   1245 N NZ  . LYS A 1 170 A 2.975   10.579  16.428  1.00 37.70 ? 188 LYS A NZ  1 
ATOM   1246 N N   . ASP A 1 171 ? 0.537   9.355   10.069  1.00 15.90 ? 189 ASP A N   1 
ATOM   1247 C CA  . ASP A 1 171 ? -0.433  8.471   9.420   1.00 14.64 ? 189 ASP A CA  1 
ATOM   1248 C C   . ASP A 1 171 ? -0.241  8.417   7.900   1.00 14.24 ? 189 ASP A C   1 
ATOM   1249 O O   . ASP A 1 171 ? 0.368   9.306   7.306   1.00 17.18 ? 189 ASP A O   1 
ATOM   1250 C CB  . ASP A 1 171 ? -1.890  8.951   9.724   1.00 12.95 ? 189 ASP A CB  1 
ATOM   1251 C CG  . ASP A 1 171 ? -3.009  7.946   9.520   1.00 10.70 ? 189 ASP A CG  1 
ATOM   1252 O OD1 . ASP A 1 171 ? -2.763  6.774   9.179   1.00 12.52 ? 189 ASP A OD1 1 
ATOM   1253 O OD2 . ASP A 1 171 ? -4.180  8.348   9.683   1.00 13.50 ? 189 ASP A OD2 1 
ATOM   1254 N N   . SER A 1 172 ? -0.752  7.372   7.266   1.00 13.53 ? 190 SER A N   1 
ATOM   1255 C CA  . SER A 1 172 ? -0.903  7.412   5.821   1.00 13.63 ? 190 SER A CA  1 
ATOM   1256 C C   . SER A 1 172 ? -2.135  8.262   5.477   1.00 13.86 ? 190 SER A C   1 
ATOM   1257 O O   . SER A 1 172 ? -2.927  8.627   6.359   1.00 13.18 ? 190 SER A O   1 
ATOM   1258 C CB  . SER A 1 172 ? -0.978  5.966   5.245   1.00 10.69 ? 190 SER A CB  1 
ATOM   1259 O OG  . SER A 1 172 ? -2.033  5.236   5.830   1.00 12.29 ? 190 SER A OG  1 
ATOM   1260 N N   . CYS A 1 173 ? -2.316  8.537   4.189   1.00 13.69 ? 191 CYS A N   1 
ATOM   1261 C CA  . CYS A 1 173 ? -3.367  9.447   3.756   1.00 13.68 ? 191 CYS A CA  1 
ATOM   1262 C C   . CYS A 1 173 ? -3.761  9.169   2.300   1.00 13.41 ? 191 CYS A C   1 
ATOM   1263 O O   . CYS A 1 173 ? -3.240  8.249   1.659   1.00 12.92 ? 191 CYS A O   1 
ATOM   1264 C CB  . CYS A 1 173 ? -2.886  10.923  3.924   1.00 12.43 ? 191 CYS A CB  1 
ATOM   1265 S SG  . CYS A 1 173 ? -4.196  12.169  4.028   1.00 18.49 ? 191 CYS A SG  1 
ATOM   1266 N N   . GLN A 1 174 ? -4.665  9.993   1.785   1.00 16.42 ? 192 GLN A N   1 
ATOM   1267 C CA  . GLN A 1 174 ? -5.127  9.900   0.407   1.00 16.53 ? 192 GLN A CA  1 
ATOM   1268 C C   . GLN A 1 174 ? -3.943  10.016  -0.594  1.00 14.20 ? 192 GLN A C   1 
ATOM   1269 O O   . GLN A 1 174 ? -3.065  10.872  -0.445  1.00 14.48 ? 192 GLN A O   1 
ATOM   1270 C CB  . GLN A 1 174 ? -6.139  10.959  0.179   1.00 19.35 ? 192 GLN A CB  1 
ATOM   1271 C CG  . GLN A 1 174 ? -7.178  10.584  -0.845  1.00 31.61 ? 192 GLN A CG  1 
ATOM   1272 C CD  . GLN A 1 174 ? -6.825  11.599  -1.880  1.00 39.42 ? 192 GLN A CD  1 
ATOM   1273 O OE1 . GLN A 1 174 ? -5.867  11.416  -2.644  1.00 44.20 ? 192 GLN A OE1 1 
ATOM   1274 N NE2 . GLN A 1 174 ? -7.534  12.728  -1.871  1.00 45.08 ? 192 GLN A NE2 1 
ATOM   1275 N N   . GLY A 1 175 ? -3.895  9.093   -1.549  1.00 12.46 ? 193 GLY A N   1 
ATOM   1276 C CA  . GLY A 1 175 ? -2.772  9.030   -2.465  1.00 11.44 ? 193 GLY A CA  1 
ATOM   1277 C C   . GLY A 1 175 ? -1.782  7.948   -2.083  1.00 11.33 ? 193 GLY A C   1 
ATOM   1278 O O   . GLY A 1 175 ? -0.954  7.533   -2.892  1.00 12.58 ? 193 GLY A O   1 
ATOM   1279 N N   . ASP A 1 176 ? -1.811  7.555   -0.815  1.00 11.77 ? 194 ASP A N   1 
ATOM   1280 C CA  . ASP A 1 176 ? -1.000  6.447   -0.322  1.00 10.49 ? 194 ASP A CA  1 
ATOM   1281 C C   . ASP A 1 176 ? -1.711  5.133   -0.529  1.00 9.50  ? 194 ASP A C   1 
ATOM   1282 O O   . ASP A 1 176 ? -1.095  4.072   -0.442  1.00 8.80  ? 194 ASP A O   1 
ATOM   1283 C CB  . ASP A 1 176 ? -0.715  6.604   1.188   1.00 11.33 ? 194 ASP A CB  1 
ATOM   1284 C CG  . ASP A 1 176 ? 0.177   7.745   1.559   1.00 12.32 ? 194 ASP A CG  1 
ATOM   1285 O OD1 . ASP A 1 176 ? 1.182   7.922   0.849   1.00 14.41 ? 194 ASP A OD1 1 
ATOM   1286 O OD2 . ASP A 1 176 ? -0.064  8.447   2.561   1.00 11.65 ? 194 ASP A OD2 1 
ATOM   1287 N N   . SER A 1 177 ? -3.015  5.210   -0.796  1.00 12.72 ? 195 SER A N   1 
ATOM   1288 C CA  . SER A 1 177 ? -3.888  4.041   -0.973  1.00 12.86 ? 195 SER A CA  1 
ATOM   1289 C C   . SER A 1 177 ? -3.337  2.985   -1.912  1.00 10.66 ? 195 SER A C   1 
ATOM   1290 O O   . SER A 1 177 ? -2.793  3.307   -2.963  1.00 11.45 ? 195 SER A O   1 
ATOM   1291 C CB  . SER A 1 177 ? -5.230  4.458   -1.534  1.00 13.53 ? 195 SER A CB  1 
ATOM   1292 O OG  . SER A 1 177 ? -5.804  5.470   -0.732  1.00 18.41 ? 195 SER A OG  1 
ATOM   1293 N N   . GLY A 1 178 ? -3.428  1.729   -1.491  1.00 8.26  ? 196 GLY A N   1 
ATOM   1294 C CA  . GLY A 1 178 ? -2.898  0.638   -2.286  1.00 8.70  ? 196 GLY A CA  1 
ATOM   1295 C C   . GLY A 1 178 ? -1.446  0.308   -1.998  1.00 6.81  ? 196 GLY A C   1 
ATOM   1296 O O   . GLY A 1 178 ? -0.962  -0.736  -2.398  1.00 9.27  ? 196 GLY A O   1 
ATOM   1297 N N   . GLY A 1 179 ? -0.772  1.169   -1.248  1.00 9.13  ? 197 GLY A N   1 
ATOM   1298 C CA  . GLY A 1 179 ? 0.646   1.004   -1.019  1.00 8.26  ? 197 GLY A CA  1 
ATOM   1299 C C   . GLY A 1 179 ? 1.024   0.062   0.103   1.00 8.58  ? 197 GLY A C   1 
ATOM   1300 O O   . GLY A 1 179 ? 0.168   -0.511  0.766   1.00 11.12 ? 197 GLY A O   1 
ATOM   1301 N N   . PRO A 1 180 ? 2.321   -0.140  0.353   1.00 9.83  ? 198 PRO A N   1 
ATOM   1302 C CA  . PRO A 1 180 ? 2.830   -1.217  1.215   1.00 11.52 ? 198 PRO A CA  1 
ATOM   1303 C C   . PRO A 1 180 ? 2.885   -0.878  2.686   1.00 12.58 ? 198 PRO A C   1 
ATOM   1304 O O   . PRO A 1 180 ? 3.189   0.256   3.069   1.00 12.68 ? 198 PRO A O   1 
ATOM   1305 C CB  . PRO A 1 180 ? 4.213   -1.510  0.627   1.00 10.14 ? 198 PRO A CB  1 
ATOM   1306 C CG  . PRO A 1 180 ? 4.653   -0.214  0.048   1.00 9.82  ? 198 PRO A CG  1 
ATOM   1307 C CD  . PRO A 1 180 ? 3.411   0.512   -0.404  1.00 10.06 ? 198 PRO A CD  1 
ATOM   1308 N N   . VAL A 1 181 ? 2.561   -1.867  3.511   1.00 14.59 ? 199 VAL A N   1 
ATOM   1309 C CA  . VAL A 1 181 ? 2.941   -1.870  4.922   1.00 15.21 ? 199 VAL A CA  1 
ATOM   1310 C C   . VAL A 1 181 ? 3.818   -3.091  5.109   1.00 14.34 ? 199 VAL A C   1 
ATOM   1311 O O   . VAL A 1 181 ? 3.355   -4.221  4.986   1.00 12.83 ? 199 VAL A O   1 
ATOM   1312 C CB  . VAL A 1 181 ? 1.702   -1.988  5.871   1.00 14.73 ? 199 VAL A CB  1 
ATOM   1313 C CG1 . VAL A 1 181 ? 2.122   -1.856  7.337   1.00 12.64 ? 199 VAL A CG1 1 
ATOM   1314 C CG2 . VAL A 1 181 ? 0.704   -0.927  5.508   1.00 11.72 ? 199 VAL A CG2 1 
ATOM   1315 N N   . VAL A 1 182 ? 5.111   -2.860  5.299   1.00 15.10 ? 200 VAL A N   1 
ATOM   1316 C CA  . VAL A 1 182 ? 6.089   -3.933  5.330   1.00 13.70 ? 200 VAL A CA  1 
ATOM   1317 C C   . VAL A 1 182 ? 6.602   -4.066  6.734   1.00 15.63 ? 200 VAL A C   1 
ATOM   1318 O O   . VAL A 1 182 ? 7.007   -3.077  7.344   1.00 16.72 ? 200 VAL A O   1 
ATOM   1319 C CB  . VAL A 1 182 ? 7.276   -3.630  4.363   1.00 13.95 ? 200 VAL A CB  1 
ATOM   1320 C CG1 . VAL A 1 182 ? 8.505   -4.562  4.505   1.00 11.82 ? 200 VAL A CG1 1 
ATOM   1321 C CG2 . VAL A 1 182 ? 6.655   -3.758  2.970   1.00 12.95 ? 200 VAL A CG2 1 
ATOM   1322 N N   . CYS A 1 183 ? 6.526   -5.273  7.281   1.00 16.23 ? 201 CYS A N   1 
ATOM   1323 C CA  . CYS A 1 183 ? 6.960   -5.531  8.648   1.00 17.85 ? 201 CYS A CA  1 
ATOM   1324 C C   . CYS A 1 183 ? 7.710   -6.763  8.653   1.00 17.25 ? 201 CYS A C   1 
ATOM   1325 O O   . CYS A 1 183 ? 7.292   -7.746  8.049   1.00 15.93 ? 201 CYS A O   1 
ATOM   1326 C CB  . CYS A 1 183 ? 5.770   -5.703  9.578   1.00 16.00 ? 201 CYS A CB  1 
ATOM   1327 S SG  . CYS A 1 183 ? 4.309   -4.793  9.078   1.00 18.55 ? 201 CYS A SG  1 
ATOM   1328 N N   . SER A 1 184 ? 8.913   -6.698  9.202   1.00 21.41 ? 202 SER A N   1 
ATOM   1329 C CA  . SER A 1 184 ? 9.794   -7.855  9.298   1.00 24.98 ? 202 SER A CA  1 
ATOM   1330 C C   . SER A 1 184 ? 10.134  -8.443  7.902   1.00 24.64 ? 202 SER A C   1 
ATOM   1331 O O   . SER A 1 184 ? 10.208  -9.660  7.732   1.00 27.19 ? 202 SER A O   1 
ATOM   1332 C CB  . SER A 1 184 ? 9.162   -8.891  10.243  1.00 25.19 ? 202 SER A CB  1 
ATOM   1333 O OG  . SER A 1 184 ? 8.869   -8.298  11.501  1.00 29.35 ? 202 SER A OG  1 
ATOM   1334 N N   . GLY A 1 185 ? 10.357  -7.556  6.930   1.00 24.56 ? 203 GLY A N   1 
ATOM   1335 C CA  . GLY A 1 185 ? 10.743  -7.976  5.592   1.00 24.73 ? 203 GLY A CA  1 
ATOM   1336 C C   . GLY A 1 185 ? 9.622   -8.517  4.720   1.00 23.04 ? 203 GLY A C   1 
ATOM   1337 O O   . GLY A 1 185 ? 9.875   -8.972  3.599   1.00 24.54 ? 203 GLY A O   1 
ATOM   1338 N N   . LYS A 1 186 ? 8.387   -8.432  5.207   1.00 19.77 ? 204 LYS A N   1 
ATOM   1339 C CA  . LYS A 1 186 ? 7.248   -9.056  4.550   1.00 17.41 ? 204 LYS A CA  1 
ATOM   1340 C C   . LYS A 1 186 ? 6.201   -8.030  4.304   1.00 16.96 ? 204 LYS A C   1 
ATOM   1341 O O   . LYS A 1 186 ? 6.037   -7.101  5.103   1.00 14.85 ? 204 LYS A O   1 
ATOM   1342 C CB  . LYS A 1 186 ? 6.591   -10.090 5.449   1.00 18.54 ? 204 LYS A CB  1 
ATOM   1343 C CG  . LYS A 1 186 ? 7.460   -11.267 5.812   1.00 23.20 ? 204 LYS A CG  1 
ATOM   1344 C CD  . LYS A 1 186 ? 8.082   -11.917 4.579   1.00 24.39 ? 204 LYS A CD  1 
ATOM   1345 C CE  . LYS A 1 186 ? 8.972   -13.101 4.962   1.00 28.13 ? 204 LYS A CE  1 
ATOM   1346 N NZ  . LYS A 1 186 ? 10.269  -13.083 4.227   1.00 31.90 ? 204 LYS A NZ  1 
ATOM   1347 N N   . LEU A 1 187 ? 5.457   -8.183  3.215   1.00 13.69 ? 209 LEU A N   1 
ATOM   1348 C CA  . LEU A 1 187 ? 4.307   -7.323  2.977   1.00 12.84 ? 209 LEU A CA  1 
ATOM   1349 C C   . LEU A 1 187 ? 3.148   -7.750  3.904   1.00 13.07 ? 209 LEU A C   1 
ATOM   1350 O O   . LEU A 1 187 ? 2.527   -8.787  3.691   1.00 15.47 ? 209 LEU A O   1 
ATOM   1351 C CB  . LEU A 1 187 ? 3.867   -7.412  1.515   1.00 12.44 ? 209 LEU A CB  1 
ATOM   1352 C CG  . LEU A 1 187 ? 2.648   -6.517  1.132   1.00 12.70 ? 209 LEU A CG  1 
ATOM   1353 C CD1 . LEU A 1 187 ? 3.019   -5.032  1.258   1.00 9.06  ? 209 LEU A CD1 1 
ATOM   1354 C CD2 . LEU A 1 187 ? 2.199   -6.848  -0.293  1.00 13.22 ? 209 LEU A CD2 1 
ATOM   1355 N N   . GLN A 1 188 ? 2.869   -6.954  4.928   1.00 11.99 ? 210 GLN A N   1 
ATOM   1356 C CA  . GLN A 1 188 ? 1.811   -7.293  5.871   1.00 13.53 ? 210 GLN A CA  1 
ATOM   1357 C C   . GLN A 1 188 ? 0.516   -6.552  5.665   1.00 10.75 ? 210 GLN A C   1 
ATOM   1358 O O   . GLN A 1 188 ? -0.547  -7.048  6.027   1.00 11.62 ? 210 GLN A O   1 
ATOM   1359 C CB  . GLN A 1 188 ? 2.296   -7.089  7.323   1.00 11.94 ? 210 GLN A CB  1 
ATOM   1360 C CG  . GLN A 1 188 ? 3.314   -8.131  7.774   1.00 13.99 ? 210 GLN A CG  1 
ATOM   1361 C CD  . GLN A 1 188 ? 2.831   -9.604  8.039   1.00 17.32 ? 210 GLN A CD  1 
ATOM   1362 O OE1 . GLN A 1 188 ? 3.633   -10.471 8.380   1.00 22.45 ? 210 GLN A OE1 1 
ATOM   1363 N NE2 . GLN A 1 188 ? 1.537   -9.845  7.929   1.00 18.38 ? 210 GLN A NE2 1 
ATOM   1364 N N   . GLY A 1 189 ? 0.574   -5.397  5.021   1.00 10.61 ? 211 GLY A N   1 
ATOM   1365 C CA  . GLY A 1 189 ? -0.608  -4.570  4.916   1.00 8.77  ? 211 GLY A CA  1 
ATOM   1366 C C   . GLY A 1 189 ? -0.694  -3.814  3.607   1.00 10.78 ? 211 GLY A C   1 
ATOM   1367 O O   . GLY A 1 189 ? 0.304   -3.618  2.900   1.00 12.21 ? 211 GLY A O   1 
ATOM   1368 N N   . ILE A 1 190 ? -1.892  -3.340  3.305   1.00 10.51 ? 212 ILE A N   1 
ATOM   1369 C CA  . ILE A 1 190 ? -2.113  -2.452  2.171   1.00 10.11 ? 212 ILE A CA  1 
ATOM   1370 C C   . ILE A 1 190 ? -2.852  -1.247  2.700   1.00 9.77  ? 212 ILE A C   1 
ATOM   1371 O O   . ILE A 1 190 ? -3.862  -1.385  3.404   1.00 10.57 ? 212 ILE A O   1 
ATOM   1372 C CB  . ILE A 1 190 ? -2.976  -3.151  1.066   1.00 11.93 ? 212 ILE A CB  1 
ATOM   1373 C CG1 . ILE A 1 190 ? -2.229  -4.349  0.511   1.00 12.38 ? 212 ILE A CG1 1 
ATOM   1374 C CG2 . ILE A 1 190 ? -3.328  -2.193  -0.063  1.00 9.53  ? 212 ILE A CG2 1 
ATOM   1375 C CD1 . ILE A 1 190 ? -3.142  -5.357  -0.158  1.00 17.68 ? 212 ILE A CD1 1 
ATOM   1376 N N   . VAL A 1 191 ? -2.327  -0.061  2.410   1.00 9.86  ? 213 VAL A N   1 
ATOM   1377 C CA  . VAL A 1 191 ? -2.981  1.186   2.785   1.00 10.74 ? 213 VAL A CA  1 
ATOM   1378 C C   . VAL A 1 191 ? -4.444  1.182   2.264   1.00 12.10 ? 213 VAL A C   1 
ATOM   1379 O O   . VAL A 1 191 ? -4.687  1.109   1.054   1.00 13.65 ? 213 VAL A O   1 
ATOM   1380 C CB  . VAL A 1 191 ? -2.217  2.402   2.204   1.00 8.87  ? 213 VAL A CB  1 
ATOM   1381 C CG1 . VAL A 1 191 ? -2.837  3.710   2.690   1.00 9.66  ? 213 VAL A CG1 1 
ATOM   1382 C CG2 . VAL A 1 191 ? -0.745  2.326   2.635   1.00 11.36 ? 213 VAL A CG2 1 
ATOM   1383 N N   . SER A 1 192 ? -5.403  1.187   3.183   1.00 12.38 ? 214 SER A N   1 
ATOM   1384 C CA  . SER A 1 192 ? -6.799  1.008   2.802   1.00 12.48 ? 214 SER A CA  1 
ATOM   1385 C C   . SER A 1 192 ? -7.666  2.209   3.122   1.00 13.53 ? 214 SER A C   1 
ATOM   1386 O O   . SER A 1 192 ? -8.149  2.874   2.211   1.00 13.89 ? 214 SER A O   1 
ATOM   1387 C CB  . SER A 1 192 ? -7.356  -0.275  3.447   1.00 13.40 ? 214 SER A CB  1 
ATOM   1388 O OG  . SER A 1 192 ? -8.696  -0.504  3.052   1.00 13.35 ? 214 SER A OG  1 
ATOM   1389 N N   . TRP A 1 193 ? -7.875  2.496   4.403   1.00 12.76 ? 215 TRP A N   1 
ATOM   1390 C CA  . TRP A 1 193 ? -8.768  3.584   4.782   1.00 12.62 ? 215 TRP A CA  1 
ATOM   1391 C C   . TRP A 1 193 ? -8.504  4.167   6.178   1.00 13.54 ? 215 TRP A C   1 
ATOM   1392 O O   . TRP A 1 193 ? -7.588  3.741   6.891   1.00 10.86 ? 215 TRP A O   1 
ATOM   1393 C CB  . TRP A 1 193 ? -10.242 3.122   4.665   1.00 13.11 ? 215 TRP A CB  1 
ATOM   1394 C CG  . TRP A 1 193 ? -10.656 2.068   5.663   1.00 13.97 ? 215 TRP A CG  1 
ATOM   1395 C CD1 . TRP A 1 193 ? -10.497 0.719   5.541   1.00 14.05 ? 215 TRP A CD1 1 
ATOM   1396 C CD2 . TRP A 1 193 ? -11.430 2.274   6.860   1.00 13.05 ? 215 TRP A CD2 1 
ATOM   1397 N NE1 . TRP A 1 193 ? -11.141 0.067   6.570   1.00 14.23 ? 215 TRP A NE1 1 
ATOM   1398 C CE2 . TRP A 1 193 ? -11.726 0.994   7.390   1.00 13.96 ? 215 TRP A CE2 1 
ATOM   1399 C CE3 . TRP A 1 193 ? -11.909 3.411   7.527   1.00 12.84 ? 215 TRP A CE3 1 
ATOM   1400 C CZ2 . TRP A 1 193 ? -12.484 0.819   8.551   1.00 14.67 ? 215 TRP A CZ2 1 
ATOM   1401 C CZ3 . TRP A 1 193 ? -12.660 3.241   8.680   1.00 16.32 ? 215 TRP A CZ3 1 
ATOM   1402 C CH2 . TRP A 1 193 ? -12.944 1.950   9.182   1.00 14.86 ? 215 TRP A CH2 1 
ATOM   1403 N N   . GLY A 1 194 ? -9.271  5.195   6.525   1.00 14.95 ? 216 GLY A N   1 
ATOM   1404 C CA  . GLY A 1 194 ? -9.186  5.789   7.848   1.00 14.94 ? 216 GLY A CA  1 
ATOM   1405 C C   . GLY A 1 194 ? -10.134 6.968   7.920   1.00 15.90 ? 216 GLY A C   1 
ATOM   1406 O O   . GLY A 1 194 ? -10.715 7.346   6.900   1.00 15.22 ? 216 GLY A O   1 
ATOM   1407 N N   . SER A 1 195 ? -10.386 7.484   9.119   1.00 14.86 ? 217 SER A N   1 
ATOM   1408 C CA  . SER A 1 195 ? -11.170 8.707   9.249   1.00 17.04 ? 217 SER A CA  1 
ATOM   1409 C C   . SER A 1 195 ? -10.276 9.875   9.214   1.00 16.08 ? 217 SER A C   1 
ATOM   1410 O O   . SER A 1 195 ? -9.511  10.091  10.157  1.00 17.04 ? 217 SER A O   1 
ATOM   1411 C CB  . SER A 1 195 ? -11.926 8.750   10.562  1.00 18.16 ? 217 SER A CB  1 
ATOM   1412 O OG  . SER A 1 195 ? -12.970 7.797   10.572  1.00 26.78 ? 217 SER A OG  1 
ATOM   1413 N N   . GLY A 1 196 ? -10.326 10.631  8.117   1.00 13.96 ? 219 GLY A N   1 
ATOM   1414 C CA  . GLY A 1 196 ? -9.371  11.703  7.920   1.00 15.18 ? 219 GLY A CA  1 
ATOM   1415 C C   . GLY A 1 196 ? -7.977  11.109  7.873   1.00 14.86 ? 219 GLY A C   1 
ATOM   1416 O O   . GLY A 1 196 ? -7.818  9.917   7.584   1.00 15.44 ? 219 GLY A O   1 
ATOM   1417 N N   . CYS A 1 197 ? -6.982  11.900  8.267   1.00 15.05 ? 220 CYS A N   1 
ATOM   1418 C CA  . CYS A 1 197 ? -5.607  11.427  8.374   1.00 14.26 ? 220 CYS A CA  1 
ATOM   1419 C C   . CYS A 1 197 ? -4.943  12.029  9.569   1.00 14.41 ? 220 CYS A C   1 
ATOM   1420 O O   . CYS A 1 197 ? -5.100  13.223  9.844   1.00 15.20 ? 220 CYS A O   1 
ATOM   1421 C CB  . CYS A 1 197 ? -4.817  11.811  7.141   1.00 14.29 ? 220 CYS A CB  1 
ATOM   1422 S SG  . CYS A 1 197 ? -5.626  11.320  5.606   1.00 17.56 ? 220 CYS A SG  1 
ATOM   1423 N N   . ALA A 1 198 ? -4.244  11.194  10.331  1.00 13.26 ? 221 ALA A N   1 
ATOM   1424 C CA  . ALA A 1 198 ? -3.413  11.661  11.426  1.00 13.40 ? 221 ALA A CA  1 
ATOM   1425 C C   . ALA A 1 198 ? -4.243  12.361  12.506  1.00 16.19 ? 221 ALA A C   1 
ATOM   1426 O O   . ALA A 1 198 ? -3.727  13.191  13.256  1.00 16.38 ? 221 ALA A O   1 
ATOM   1427 C CB  . ALA A 1 198 ? -2.305  12.605  10.891  1.00 13.00 ? 221 ALA A CB  1 
ATOM   1428 N N   . GLN A 1 199 A -5.516  11.985  12.600  1.00 16.85 ? 221 GLN A N   1 
ATOM   1429 C CA  . GLN A 1 199 A -6.399  12.477  13.653  1.00 20.72 ? 221 GLN A CA  1 
ATOM   1430 C C   . GLN A 1 199 A -6.237  11.626  14.929  1.00 20.65 ? 221 GLN A C   1 
ATOM   1431 O O   . GLN A 1 199 A -5.984  10.414  14.865  1.00 18.28 ? 221 GLN A O   1 
ATOM   1432 C CB  . GLN A 1 199 A -7.878  12.399  13.211  1.00 23.47 ? 221 GLN A CB  1 
ATOM   1433 C CG  . GLN A 1 199 A -8.201  13.183  11.949  1.00 30.81 ? 221 GLN A CG  1 
ATOM   1434 C CD  . GLN A 1 199 A -8.280  14.712  12.119  1.00 35.83 ? 221 GLN A CD  1 
ATOM   1435 O OE1 . GLN A 1 199 A -7.278  15.425  11.979  1.00 39.93 ? 221 GLN A OE1 1 
ATOM   1436 N NE2 . GLN A 1 199 A -9.489  15.217  12.351  1.00 39.67 ? 221 GLN A NE2 1 
ATOM   1437 N N   . LYS A 1 200 ? -6.409  12.269  16.078  1.00 20.23 ? 222 LYS A N   1 
ATOM   1438 C CA  . LYS A 1 200 ? -6.294  11.596  17.361  1.00 22.58 ? 222 LYS A CA  1 
ATOM   1439 C C   . LYS A 1 200 ? -7.350  10.514  17.457  1.00 22.10 ? 222 LYS A C   1 
ATOM   1440 O O   . LYS A 1 200 ? -8.481  10.710  17.014  1.00 22.48 ? 222 LYS A O   1 
ATOM   1441 C CB  . LYS A 1 200 ? -6.426  12.646  18.517  1.00 25.77 ? 222 LYS A CB  1 
ATOM   1442 C CG  . LYS A 1 200 ? -6.723  12.044  19.878  1.00 31.26 ? 222 LYS A CG  1 
ATOM   1443 C CD  . LYS A 1 200 ? -5.814  12.601  20.958  1.00 37.07 ? 222 LYS A CD  1 
ATOM   1444 C CE  . LYS A 1 200 ? -5.884  11.736  22.221  1.00 41.75 ? 222 LYS A CE  1 
ATOM   1445 N NZ  . LYS A 1 200 ? -5.545  10.282  21.989  1.00 44.94 ? 222 LYS A NZ  1 
ATOM   1446 N N   . ASN A 1 201 ? -6.911  9.317   17.839  1.00 20.92 ? 223 ASN A N   1 
ATOM   1447 C CA  . ASN A 1 201 ? -7.770  8.151   18.034  1.00 20.89 ? 223 ASN A CA  1 
ATOM   1448 C C   . ASN A 1 201 ? -8.403  7.615   16.753  1.00 21.33 ? 223 ASN A C   1 
ATOM   1449 O O   . ASN A 1 201 ? -9.268  6.737   16.796  1.00 22.06 ? 223 ASN A O   1 
ATOM   1450 C CB  . ASN A 1 201 ? -8.862  8.439   19.064  1.00 23.68 ? 223 ASN A CB  1 
ATOM   1451 C CG  . ASN A 1 201 ? -8.295  8.675   20.469  1.00 27.90 ? 223 ASN A CG  1 
ATOM   1452 O OD1 . ASN A 1 201 ? -8.777  9.537   21.200  1.00 32.60 ? 223 ASN A OD1 1 
ATOM   1453 N ND2 . ASN A 1 201 ? -7.266  7.925   20.837  1.00 26.93 ? 223 ASN A ND2 1 
ATOM   1454 N N   . LYS A 1 202 ? -7.898  8.057   15.608  1.00 19.41 ? 224 LYS A N   1 
ATOM   1455 C CA  . LYS A 1 202 ? -8.325  7.496   14.327  1.00 18.70 ? 224 LYS A CA  1 
ATOM   1456 C C   . LYS A 1 202 ? -7.109  6.993   13.492  1.00 16.45 ? 224 LYS A C   1 
ATOM   1457 O O   . LYS A 1 202 ? -6.667  7.663   12.557  1.00 15.16 ? 224 LYS A O   1 
ATOM   1458 C CB  . LYS A 1 202 ? -9.129  8.558   13.518  1.00 19.22 ? 224 LYS A CB  1 
ATOM   1459 C CG  . LYS A 1 202 ? -10.487 8.896   14.116  1.00 19.99 ? 224 LYS A CG  1 
ATOM   1460 C CD  . LYS A 1 202 ? -11.410 7.686   14.071  1.00 24.41 ? 224 LYS A CD  1 
ATOM   1461 C CE  . LYS A 1 202 ? -12.436 7.716   15.197  1.00 28.24 ? 224 LYS A CE  1 
ATOM   1462 N NZ  . LYS A 1 202 ? -13.692 6.999   14.830  1.00 31.24 ? 224 LYS A NZ  1 
ATOM   1463 N N   . PRO A 1 203 ? -6.540  5.827   13.858  1.00 16.79 ? 225 PRO A N   1 
ATOM   1464 C CA  . PRO A 1 203 ? -5.344  5.307   13.179  1.00 15.74 ? 225 PRO A CA  1 
ATOM   1465 C C   . PRO A 1 203 ? -5.647  4.846   11.739  1.00 14.65 ? 225 PRO A C   1 
ATOM   1466 O O   . PRO A 1 203 ? -6.812  4.674   11.366  1.00 14.49 ? 225 PRO A O   1 
ATOM   1467 C CB  . PRO A 1 203 ? -4.886  4.175   14.108  1.00 15.39 ? 225 PRO A CB  1 
ATOM   1468 C CG  . PRO A 1 203 ? -6.155  3.679   14.706  1.00 16.44 ? 225 PRO A CG  1 
ATOM   1469 C CD  . PRO A 1 203 ? -6.971  4.930   14.946  1.00 16.64 ? 225 PRO A CD  1 
ATOM   1470 N N   . GLY A 1 204 ? -4.591  4.527   10.995  1.00 13.78 ? 226 GLY A N   1 
ATOM   1471 C CA  . GLY A 1 204 ? -4.757  3.937   9.683   1.00 11.79 ? 226 GLY A CA  1 
ATOM   1472 C C   . GLY A 1 204 ? -5.255  2.505   9.761   1.00 12.17 ? 226 GLY A C   1 
ATOM   1473 O O   . GLY A 1 204 ? -4.841  1.738   10.631  1.00 11.81 ? 226 GLY A O   1 
ATOM   1474 N N   . VAL A 1 205 ? -6.161  2.153   8.854   1.00 11.99 ? 227 VAL A N   1 
ATOM   1475 C CA  . VAL A 1 205 ? -6.690  0.796   8.751   1.00 11.72 ? 227 VAL A CA  1 
ATOM   1476 C C   . VAL A 1 205 ? -6.178  0.165   7.481   1.00 12.84 ? 227 VAL A C   1 
ATOM   1477 O O   . VAL A 1 205 ? -6.174  0.803   6.420   1.00 12.30 ? 227 VAL A O   1 
ATOM   1478 C CB  . VAL A 1 205 ? -8.206  0.795   8.718   1.00 11.69 ? 227 VAL A CB  1 
ATOM   1479 C CG1 . VAL A 1 205 ? -8.665  -0.663  8.824   1.00 12.97 ? 227 VAL A CG1 1 
ATOM   1480 C CG2 . VAL A 1 205 ? -8.792  1.641   9.827   1.00 8.98  ? 227 VAL A CG2 1 
ATOM   1481 N N   . TYR A 1 206 ? -5.726  -1.080  7.590   1.00 12.14 ? 228 TYR A N   1 
ATOM   1482 C CA  . TYR A 1 206 ? -4.935  -1.722  6.546   1.00 12.20 ? 228 TYR A CA  1 
ATOM   1483 C C   . TYR A 1 206 ? -5.473  -3.089  6.216   1.00 13.31 ? 228 TYR A C   1 
ATOM   1484 O O   . TYR A 1 206 ? -5.951  -3.815  7.095   1.00 12.90 ? 228 TYR A O   1 
ATOM   1485 C CB  . TYR A 1 206 ? -3.448  -1.824  6.995   1.00 10.20 ? 228 TYR A CB  1 
ATOM   1486 C CG  . TYR A 1 206 ? -2.810  -0.474  7.230   1.00 11.72 ? 228 TYR A CG  1 
ATOM   1487 C CD1 . TYR A 1 206 ? -2.273  0.251   6.167   1.00 12.13 ? 228 TYR A CD1 1 
ATOM   1488 C CD2 . TYR A 1 206 ? -2.863  0.142   8.485   1.00 12.18 ? 228 TYR A CD2 1 
ATOM   1489 C CE1 . TYR A 1 206 ? -1.807  1.544   6.333   1.00 12.39 ? 228 TYR A CE1 1 
ATOM   1490 C CE2 . TYR A 1 206 ? -2.408  1.448   8.662   1.00 12.21 ? 228 TYR A CE2 1 
ATOM   1491 C CZ  . TYR A 1 206 ? -1.882  2.142   7.580   1.00 13.87 ? 228 TYR A CZ  1 
ATOM   1492 O OH  . TYR A 1 206 ? -1.448  3.438   7.726   1.00 15.01 ? 228 TYR A OH  1 
ATOM   1493 N N   . THR A 1 207 ? -5.432  -3.440  4.937   1.00 13.46 ? 229 THR A N   1 
ATOM   1494 C CA  . THR A 1 207 ? -5.809  -4.777  4.516   1.00 12.37 ? 229 THR A CA  1 
ATOM   1495 C C   . THR A 1 207 ? -4.820  -5.750  5.072   1.00 12.07 ? 229 THR A C   1 
ATOM   1496 O O   . THR A 1 207 ? -3.608  -5.543  4.973   1.00 11.58 ? 229 THR A O   1 
ATOM   1497 C CB  . THR A 1 207 ? -5.881  -4.907  2.931   1.00 12.18 ? 229 THR A CB  1 
ATOM   1498 O OG1 . THR A 1 207 ? -6.745  -3.886  2.415   1.00 11.58 ? 229 THR A OG1 1 
ATOM   1499 C CG2 . THR A 1 207 ? -6.435  -6.288  2.488   1.00 10.83 ? 229 THR A CG2 1 
ATOM   1500 N N   . LYS A 1 208 ? -5.338  -6.821  5.670   1.00 11.13 ? 230 LYS A N   1 
ATOM   1501 C CA  . LYS A 1 208 ? -4.519  -7.830  6.332   1.00 12.01 ? 230 LYS A CA  1 
ATOM   1502 C C   . LYS A 1 208 ? -4.036  -8.889  5.313   1.00 10.36 ? 230 LYS A C   1 
ATOM   1503 O O   . LYS A 1 208 ? -4.677  -9.918  5.118   1.00 12.13 ? 230 LYS A O   1 
ATOM   1504 C CB  . LYS A 1 208 ? -5.329  -8.470  7.434   1.00 12.19 ? 230 LYS A CB  1 
ATOM   1505 C CG  . LYS A 1 208 ? -4.517  -9.194  8.475   1.00 18.03 ? 230 LYS A CG  1 
ATOM   1506 C CD  . LYS A 1 208 ? -5.406  -9.606  9.634   1.00 22.69 ? 230 LYS A CD  1 
ATOM   1507 C CE  . LYS A 1 208 ? -4.596  -10.224 10.748  1.00 28.96 ? 230 LYS A CE  1 
ATOM   1508 N NZ  . LYS A 1 208 ? -5.491  -10.885 11.743  1.00 36.97 ? 230 LYS A NZ  1 
ATOM   1509 N N   . VAL A 1 209 ? -2.871  -8.645  4.725   1.00 11.15 ? 231 VAL A N   1 
ATOM   1510 C CA  . VAL A 1 209 ? -2.383  -9.428  3.592   1.00 10.72 ? 231 VAL A CA  1 
ATOM   1511 C C   . VAL A 1 209 ? -2.214  -10.929 3.907   1.00 11.18 ? 231 VAL A C   1 
ATOM   1512 O O   . VAL A 1 209 ? -2.509  -11.769 3.063   1.00 14.29 ? 231 VAL A O   1 
ATOM   1513 C CB  . VAL A 1 209 ? -1.026  -8.838  3.034   1.00 9.37  ? 231 VAL A CB  1 
ATOM   1514 C CG1 . VAL A 1 209 ? -0.428  -9.721  1.934   1.00 10.28 ? 231 VAL A CG1 1 
ATOM   1515 C CG2 . VAL A 1 209 ? -1.265  -7.428  2.472   1.00 8.46  ? 231 VAL A CG2 1 
ATOM   1516 N N   . CYS A 1 210 ? -1.835  -11.271 5.132   1.00 12.34 ? 232 CYS A N   1 
ATOM   1517 C CA  . CYS A 1 210 ? -1.591  -12.668 5.482   1.00 12.22 ? 232 CYS A CA  1 
ATOM   1518 C C   . CYS A 1 210 ? -2.815  -13.558 5.297   1.00 12.92 ? 232 CYS A C   1 
ATOM   1519 O O   . CYS A 1 210 ? -2.685  -14.766 5.118   1.00 15.50 ? 232 CYS A O   1 
ATOM   1520 C CB  . CYS A 1 210 ? -1.136  -12.787 6.935   1.00 12.26 ? 232 CYS A CB  1 
ATOM   1521 S SG  . CYS A 1 210 ? -2.366  -12.153 8.099   1.00 17.63 ? 232 CYS A SG  1 
ATOM   1522 N N   . ASN A 1 211 ? -4.002  -12.960 5.277   1.00 13.17 ? 233 ASN A N   1 
ATOM   1523 C CA  . ASN A 1 211 ? -5.239  -13.714 5.074   1.00 13.82 ? 233 ASN A CA  1 
ATOM   1524 C C   . ASN A 1 211 ? -5.466  -14.086 3.594   1.00 14.77 ? 233 ASN A C   1 
ATOM   1525 O O   . ASN A 1 211 ? -6.342  -14.897 3.269   1.00 14.96 ? 233 ASN A O   1 
ATOM   1526 C CB  . ASN A 1 211 ? -6.481  -12.879 5.568   1.00 14.21 ? 233 ASN A CB  1 
ATOM   1527 C CG  . ASN A 1 211 ? -6.560  -12.736 7.102   1.00 16.74 ? 233 ASN A CG  1 
ATOM   1528 O OD1 . ASN A 1 211 ? -5.713  -13.265 7.834   1.00 16.52 ? 233 ASN A OD1 1 
ATOM   1529 N ND2 . ASN A 1 211 ? -7.582  -12.031 7.579   1.00 15.68 ? 233 ASN A ND2 1 
ATOM   1530 N N   . TYR A 1 212 ? -4.655  -13.515 2.712   1.00 14.62 ? 234 TYR A N   1 
ATOM   1531 C CA  . TYR A 1 212 ? -4.906  -13.574 1.276   1.00 12.68 ? 234 TYR A CA  1 
ATOM   1532 C C   . TYR A 1 212 ? -3.836  -14.302 0.520   1.00 12.72 ? 234 TYR A C   1 
ATOM   1533 O O   . TYR A 1 212 ? -3.910  -14.424 -0.701  1.00 12.83 ? 234 TYR A O   1 
ATOM   1534 C CB  . TYR A 1 212 ? -5.016  -12.134 0.709   1.00 12.10 ? 234 TYR A CB  1 
ATOM   1535 C CG  . TYR A 1 212 ? -6.208  -11.378 1.237   1.00 12.01 ? 234 TYR A CG  1 
ATOM   1536 C CD1 . TYR A 1 212 ? -7.492  -11.697 0.802   1.00 12.05 ? 234 TYR A CD1 1 
ATOM   1537 C CD2 . TYR A 1 212 ? -6.067  -10.414 2.246   1.00 11.92 ? 234 TYR A CD2 1 
ATOM   1538 C CE1 . TYR A 1 212 ? -8.608  -11.090 1.353   1.00 14.08 ? 234 TYR A CE1 1 
ATOM   1539 C CE2 . TYR A 1 212 ? -7.186  -9.796  2.810   1.00 10.36 ? 234 TYR A CE2 1 
ATOM   1540 C CZ  . TYR A 1 212 ? -8.447  -10.142 2.355   1.00 12.23 ? 234 TYR A CZ  1 
ATOM   1541 O OH  . TYR A 1 212 ? -9.566  -9.545  2.870   1.00 15.25 ? 234 TYR A OH  1 
ATOM   1542 N N   . VAL A 1 213 ? -2.860  -14.839 1.238   1.00 11.22 ? 235 VAL A N   1 
ATOM   1543 C CA  . VAL A 1 213 ? -1.658  -15.374 0.607   1.00 13.09 ? 235 VAL A CA  1 
ATOM   1544 C C   . VAL A 1 213 ? -1.991  -16.563 -0.347  1.00 14.52 ? 235 VAL A C   1 
ATOM   1545 O O   . VAL A 1 213 ? -1.431  -16.664 -1.446  1.00 16.07 ? 235 VAL A O   1 
ATOM   1546 C CB  . VAL A 1 213 ? -0.582  -15.809 1.697   1.00 12.25 ? 235 VAL A CB  1 
ATOM   1547 C CG1 . VAL A 1 213 ? 0.597   -16.527 1.080   1.00 14.38 ? 235 VAL A CG1 1 
ATOM   1548 C CG2 . VAL A 1 213 ? -0.084  -14.531 2.424   1.00 12.50 ? 235 VAL A CG2 1 
ATOM   1549 N N   . SER A 1 214 ? -2.960  -17.384 0.048   1.00 13.57 ? 236 SER A N   1 
ATOM   1550 C CA  . SER A 1 214 ? -3.404  -18.498 -0.775  1.00 16.11 ? 236 SER A CA  1 
ATOM   1551 C C   . SER A 1 214 ? -4.071  -18.015 -2.015  1.00 15.48 ? 236 SER A C   1 
ATOM   1552 O O   . SER A 1 214 ? -3.848  -18.561 -3.103  1.00 15.21 ? 236 SER A O   1 
ATOM   1553 C CB  . SER A 1 214 ? -4.414  -19.387 -0.018  1.00 17.78 ? 236 SER A CB  1 
ATOM   1554 O OG  . SER A 1 214 ? -3.802  -20.018 1.093   1.00 28.20 ? 236 SER A OG  1 
ATOM   1555 N N   . TRP A 1 215 ? -4.928  -17.008 -1.865  1.00 12.46 ? 237 TRP A N   1 
ATOM   1556 C CA  . TRP A 1 215 ? -5.654  -16.473 -3.001  1.00 12.60 ? 237 TRP A CA  1 
ATOM   1557 C C   . TRP A 1 215 ? -4.679  -15.877 -3.983  1.00 13.62 ? 237 TRP A C   1 
ATOM   1558 O O   . TRP A 1 215 ? -4.798  -16.098 -5.188  1.00 13.37 ? 237 TRP A O   1 
ATOM   1559 C CB  . TRP A 1 215 ? -6.680  -15.426 -2.542  1.00 11.84 ? 237 TRP A CB  1 
ATOM   1560 C CG  . TRP A 1 215 ? -7.283  -14.666 -3.684  1.00 12.72 ? 237 TRP A CG  1 
ATOM   1561 C CD1 . TRP A 1 215 ? -8.160  -15.141 -4.614  1.00 12.90 ? 237 TRP A CD1 1 
ATOM   1562 C CD2 . TRP A 1 215 ? -6.990  -13.313 -4.059  1.00 12.80 ? 237 TRP A CD2 1 
ATOM   1563 N NE1 . TRP A 1 215 ? -8.429  -14.170 -5.549  1.00 12.22 ? 237 TRP A NE1 1 
ATOM   1564 C CE2 . TRP A 1 215 ? -7.737  -13.035 -5.228  1.00 12.48 ? 237 TRP A CE2 1 
ATOM   1565 C CE3 . TRP A 1 215 ? -6.176  -12.307 -3.516  1.00 12.03 ? 237 TRP A CE3 1 
ATOM   1566 C CZ2 . TRP A 1 215 ? -7.708  -11.787 -5.857  1.00 14.36 ? 237 TRP A CZ2 1 
ATOM   1567 C CZ3 . TRP A 1 215 ? -6.145  -11.066 -4.140  1.00 12.51 ? 237 TRP A CZ3 1 
ATOM   1568 C CH2 . TRP A 1 215 ? -6.912  -10.816 -5.301  1.00 13.43 ? 237 TRP A CH2 1 
ATOM   1569 N N   . ILE A 1 216 ? -3.693  -15.145 -3.467  1.00 13.23 ? 238 ILE A N   1 
ATOM   1570 C CA  . ILE A 1 216 ? -2.673  -14.514 -4.291  1.00 12.23 ? 238 ILE A CA  1 
ATOM   1571 C C   . ILE A 1 216 ? -1.846  -15.565 -5.044  1.00 12.65 ? 238 ILE A C   1 
ATOM   1572 O O   . ILE A 1 216 ? -1.771  -15.540 -6.273  1.00 12.31 ? 238 ILE A O   1 
ATOM   1573 C CB  . ILE A 1 216 ? -1.738  -13.640 -3.435  1.00 14.18 ? 238 ILE A CB  1 
ATOM   1574 C CG1 . ILE A 1 216 ? -2.529  -12.469 -2.852  1.00 16.31 ? 238 ILE A CG1 1 
ATOM   1575 C CG2 . ILE A 1 216 ? -0.548  -13.125 -4.268  1.00 13.23 ? 238 ILE A CG2 1 
ATOM   1576 C CD1 . ILE A 1 216 ? -1.695  -11.524 -1.996  1.00 16.14 ? 238 ILE A CD1 1 
ATOM   1577 N N   . LYS A 1 217 ? -1.313  -16.538 -4.322  1.00 11.06 ? 239 LYS A N   1 
ATOM   1578 C CA  . LYS A 1 217 ? -0.494  -17.567 -4.945  1.00 14.77 ? 239 LYS A CA  1 
ATOM   1579 C C   . LYS A 1 217 ? -1.266  -18.376 -6.007  1.00 16.48 ? 239 LYS A C   1 
ATOM   1580 O O   . LYS A 1 217 ? -0.761  -18.616 -7.108  1.00 15.87 ? 239 LYS A O   1 
ATOM   1581 C CB  . LYS A 1 217 ? 0.045   -18.485 -3.890  1.00 15.86 ? 239 LYS A CB  1 
ATOM   1582 C CG  . LYS A 1 217 ? 1.011   -17.811 -2.939  1.00 20.28 ? 239 LYS A CG  1 
ATOM   1583 C CD  . LYS A 1 217 ? 1.228   -18.665 -1.703  1.00 29.05 ? 239 LYS A CD  1 
ATOM   1584 C CE  . LYS A 1 217 ? 2.706   -18.812 -1.378  1.00 34.22 ? 239 LYS A CE  1 
ATOM   1585 N NZ  . LYS A 1 217 ? 3.407   -17.491 -1.390  1.00 39.87 ? 239 LYS A NZ  1 
ATOM   1586 N N   . GLN A 1 218 ? -2.524  -18.686 -5.710  1.00 16.70 ? 240 GLN A N   1 
ATOM   1587 C CA  . GLN A 1 218 ? -3.353  -19.481 -6.599  1.00 20.02 ? 240 GLN A CA  1 
ATOM   1588 C C   . GLN A 1 218 ? -3.746  -18.691 -7.845  1.00 17.57 ? 240 GLN A C   1 
ATOM   1589 O O   . GLN A 1 218 ? -3.777  -19.232 -8.952  1.00 18.39 ? 240 GLN A O   1 
ATOM   1590 C CB  . GLN A 1 218 ? -4.579  -20.008 -5.809  1.00 26.07 ? 240 GLN A CB  1 
ATOM   1591 C CG  . GLN A 1 218 ? -5.899  -19.994 -6.566  1.00 36.97 ? 240 GLN A CG  1 
ATOM   1592 C CD  . GLN A 1 218 ? -6.986  -19.875 -5.518  1.00 42.42 ? 240 GLN A CD  1 
ATOM   1593 O OE1 . GLN A 1 218 ? -6.928  -20.530 -4.471  1.00 45.78 ? 240 GLN A OE1 1 
ATOM   1594 N NE2 . GLN A 1 218 ? -7.971  -19.009 -5.773  1.00 44.11 ? 240 GLN A NE2 1 
ATOM   1595 N N   . THR A 1 219 ? -3.993  -17.402 -7.674  1.00 14.26 ? 241 THR A N   1 
ATOM   1596 C CA  . THR A 1 219 ? -4.377  -16.561 -8.792  1.00 14.12 ? 241 THR A CA  1 
ATOM   1597 C C   . THR A 1 219 ? -3.210  -16.351 -9.756  1.00 14.82 ? 241 THR A C   1 
ATOM   1598 O O   . THR A 1 219 ? -3.381  -16.454 -10.972 1.00 13.88 ? 241 THR A O   1 
ATOM   1599 C CB  . THR A 1 219 ? -4.919  -15.203 -8.310  1.00 12.97 ? 241 THR A CB  1 
ATOM   1600 O OG1 . THR A 1 219 ? -6.082  -15.420 -7.500  1.00 11.48 ? 241 THR A OG1 1 
ATOM   1601 C CG2 . THR A 1 219 ? -5.275  -14.307 -9.466  1.00 13.30 ? 241 THR A CG2 1 
ATOM   1602 N N   . ILE A 1 220 ? -2.011  -16.132 -9.235  1.00 13.43 ? 242 ILE A N   1 
ATOM   1603 C CA  . ILE A 1 220 ? -0.910  -15.841 -10.129 1.00 17.02 ? 242 ILE A CA  1 
ATOM   1604 C C   . ILE A 1 220 ? -0.372  -17.103 -10.784 1.00 17.31 ? 242 ILE A C   1 
ATOM   1605 O O   . ILE A 1 220 ? 0.120   -17.050 -11.907 1.00 18.27 ? 242 ILE A O   1 
ATOM   1606 C CB  . ILE A 1 220 ? 0.247   -14.974 -9.422  1.00 20.44 ? 242 ILE A CB  1 
ATOM   1607 C CG1 . ILE A 1 220 ? 0.910   -15.698 -8.316  1.00 24.33 ? 242 ILE A CG1 1 
ATOM   1608 C CG2 . ILE A 1 220 ? -0.361  -13.709 -8.846  1.00 21.34 ? 242 ILE A CG2 1 
ATOM   1609 C CD1 . ILE A 1 220 ? 1.866   -14.763 -7.485  1.00 26.92 ? 242 ILE A CD1 1 
ATOM   1610 N N   . ALA A 1 221 ? -0.727  -18.252 -10.217 1.00 17.76 ? 243 ALA A N   1 
ATOM   1611 C CA  . ALA A 1 221 ? -0.365  -19.548 -10.801 1.00 19.00 ? 243 ALA A CA  1 
ATOM   1612 C C   . ALA A 1 221 ? -1.185  -19.889 -12.039 1.00 19.85 ? 243 ALA A C   1 
ATOM   1613 O O   . ALA A 1 221 ? -0.774  -20.718 -12.852 1.00 21.59 ? 243 ALA A O   1 
ATOM   1614 C CB  . ALA A 1 221 ? -0.513  -20.681 -9.743  1.00 17.63 ? 243 ALA A CB  1 
ATOM   1615 N N   . SER A 1 222 ? -2.360  -19.287 -12.159 1.00 19.32 ? 244 SER A N   1 
ATOM   1616 C CA  . SER A 1 222 ? -3.283  -19.628 -13.234 1.00 19.61 ? 244 SER A CA  1 
ATOM   1617 C C   . SER A 1 222 ? -3.578  -18.473 -14.144 1.00 19.01 ? 244 SER A C   1 
ATOM   1618 O O   . SER A 1 222 ? -4.507  -18.535 -14.944 1.00 20.39 ? 244 SER A O   1 
ATOM   1619 C CB  . SER A 1 222 ? -4.589  -20.095 -12.659 1.00 20.95 ? 244 SER A CB  1 
ATOM   1620 O OG  . SER A 1 222 ? -4.422  -21.291 -11.919 1.00 28.05 ? 244 SER A OG  1 
ATOM   1621 N N   . ASN A 1 223 ? -2.803  -17.401 -14.028 1.00 18.94 ? 245 ASN A N   1 
ATOM   1622 C CA  . ASN A 1 223 ? -3.081  -16.181 -14.776 1.00 19.65 ? 245 ASN A CA  1 
ATOM   1623 C C   . ASN A 1 223 ? -1.804  -15.576 -15.318 1.00 21.24 ? 245 ASN A C   1 
ATOM   1624 O O   . ASN A 1 223 ? -1.885  -14.541 -16.015 1.00 20.98 ? 245 ASN A O   1 
ATOM   1625 C CB  . ASN A 1 223 ? -3.793  -15.156 -13.882 1.00 17.28 ? 245 ASN A CB  1 
ATOM   1626 C CG  . ASN A 1 223 ? -5.218  -15.542 -13.713 1.00 18.81 ? 245 ASN A CG  1 
ATOM   1627 O OD1 . ASN A 1 223 ? -6.050  -15.226 -14.552 1.00 21.02 ? 245 ASN A OD1 1 
ATOM   1628 N ND2 . ASN A 1 223 ? -5.532  -16.213 -12.614 1.00 15.49 ? 245 ASN A ND2 1 
ATOM   1629 O OXT . ASN A 1 223 ? -0.723  -16.175 -15.112 1.00 24.16 ? 245 ASN A OXT 1 
HETATM 1630 C C1  . IN4 B 2 .   ? -5.426  6.149   4.387   1.00 16.42 ? 1   IN4 A C1  1 
HETATM 1631 C C2  . IN4 B 2 .   ? -5.871  6.177   3.071   1.00 18.48 ? 1   IN4 A C2  1 
HETATM 1632 C C3  . IN4 B 2 .   ? -6.974  6.970   2.750   1.00 18.89 ? 1   IN4 A C3  1 
HETATM 1633 C C4  . IN4 B 2 .   ? -7.614  7.725   3.750   1.00 21.94 ? 1   IN4 A C4  1 
HETATM 1634 C C5  . IN4 B 2 .   ? -7.135  7.718   5.045   1.00 17.30 ? 1   IN4 A C5  1 
HETATM 1635 C C6  . IN4 B 2 .   ? -6.043  6.940   5.361   1.00 17.20 ? 1   IN4 A C6  1 
HETATM 1636 C C10 . IN4 B 2 .   ? -8.772  8.583   3.521   1.00 26.82 ? 1   IN4 A C10 1 
HETATM 1637 C C9  . IN4 B 2 .   ? -8.237  9.982   3.283   1.00 28.60 ? 1   IN4 A C9  1 
HETATM 1638 C C11 . IN4 B 2 .   ? -9.310  11.049  3.220   1.00 31.95 ? 1   IN4 A C11 1 
HETATM 1639 C C12 . IN4 B 2 .   ? -8.628  12.398  3.196   1.00 34.09 ? 1   IN4 A C12 1 
HETATM 1640 C C20 . IN4 B 2 .   ? -5.554  6.929   6.771   1.00 16.24 ? 1   IN4 A C20 1 
HETATM 1641 N N3  . IN4 B 2 .   ? -6.071  7.675   7.720   1.00 16.67 ? 1   IN4 A N3  1 
HETATM 1642 N N4  . IN4 B 2 .   ? -4.591  6.109   7.079   1.00 18.28 ? 1   IN4 A N4  1 
HETATM 1643 C C7  . IN4 B 2 .   ? -8.186  12.939  4.399   1.00 34.64 ? 1   IN4 A C7  1 
HETATM 1644 C C13 . IN4 B 2 .   ? -7.503  14.158  4.396   1.00 37.07 ? 1   IN4 A C13 1 
HETATM 1645 C C15 . IN4 B 2 .   ? -7.307  14.887  3.206   1.00 37.86 ? 1   IN4 A C15 1 
HETATM 1646 C C16 . IN4 B 2 .   ? -6.620  16.248  3.265   1.00 38.03 ? 1   IN4 A C16 1 
HETATM 1647 C C17 . IN4 B 2 .   ? -7.784  14.347  2.000   1.00 35.11 ? 1   IN4 A C17 1 
HETATM 1648 C C19 . IN4 B 2 .   ? -8.418  13.101  1.998   1.00 34.20 ? 1   IN4 A C19 1 
HETATM 1649 N N2  . IN4 B 2 .   ? -6.496  16.974  2.171   1.00 38.28 ? 1   IN4 A N2  1 
HETATM 1650 N N1  . IN4 B 2 .   ? -6.143  16.755  4.404   1.00 38.92 ? 1   IN4 A N1  1 
HETATM 1651 C C14 . IN4 B 2 .   ? -9.735  8.091   2.413   1.00 32.09 ? 1   IN4 A C14 1 
HETATM 1652 C C22 . IN4 B 2 .   ? -10.161 6.612   2.476   1.00 35.07 ? 1   IN4 A C22 1 
HETATM 1653 O O3  . IN4 B 2 .   ? -10.472 6.099   3.551   1.00 37.55 ? 1   IN4 A O3  1 
HETATM 1654 O O4  . IN4 B 2 .   ? -10.231 5.910   1.291   1.00 35.70 ? 1   IN4 A O4  1 
HETATM 1655 C C8  . IN4 B 2 .   ? -10.661 4.560   1.154   1.00 33.88 ? 1   IN4 A C8  1 
HETATM 1656 O O   . HOH C 3 .   ? 3.457   11.111  1.141   1.00 9.80  ? 601 HOH A O   1 
HETATM 1657 O O   . HOH C 3 .   ? 1.729   4.213   -1.340  1.00 9.55  ? 602 HOH A O   1 
HETATM 1658 O O   . HOH C 3 .   ? 10.730  9.782   -11.636 1.00 8.00  ? 603 HOH A O   1 
HETATM 1659 O O   . HOH C 3 .   ? 7.951   3.325   -8.213  1.00 12.81 ? 604 HOH A O   1 
HETATM 1660 O O   . HOH C 3 .   ? 12.286  9.772   -1.212  1.00 11.96 ? 605 HOH A O   1 
HETATM 1661 O O   . HOH C 3 .   ? -9.939  -5.774  4.084   1.00 13.65 ? 606 HOH A O   1 
HETATM 1662 O O   . HOH C 3 .   ? 2.897   8.252   -11.422 1.00 15.26 ? 607 HOH A O   1 
HETATM 1663 O O   . HOH C 3 .   ? 5.398   9.190   -12.474 1.00 11.97 ? 608 HOH A O   1 
HETATM 1664 O O   . HOH C 3 .   ? 1.499   6.324   -3.093  1.00 12.82 ? 609 HOH A O   1 
HETATM 1665 O O   . HOH C 3 .   ? -5.290  -3.912  14.612  1.00 15.09 ? 610 HOH A O   1 
HETATM 1666 O O   . HOH C 3 .   ? 1.709   11.657  -14.933 1.00 17.77 ? 611 HOH A O   1 
HETATM 1667 O O   . HOH C 3 .   ? 5.304   13.002  5.658   1.00 18.78 ? 612 HOH A O   1 
HETATM 1668 O O   . HOH C 3 .   ? -15.005 -2.616  14.792  1.00 24.79 ? 613 HOH A O   1 
HETATM 1669 O O   . HOH C 3 .   ? 6.958   0.293   2.613   1.00 11.19 ? 614 HOH A O   1 
HETATM 1670 O O   . HOH C 3 .   ? 9.776   0.208   -7.635  1.00 19.10 ? 615 HOH A O   1 
HETATM 1671 O O   . HOH C 3 .   ? -1.892  6.806   12.899  1.00 16.97 ? 616 HOH A O   1 
HETATM 1672 O O   . HOH C 3 .   ? 12.111  6.330   -4.202  1.00 16.72 ? 617 HOH A O   1 
HETATM 1673 O O   . HOH C 3 .   ? 5.784   -9.449  9.549   1.00 31.46 ? 618 HOH A O   1 
HETATM 1674 O O   . HOH C 3 .   ? -3.979  8.817   12.902  1.00 16.91 ? 619 HOH A O   1 
HETATM 1675 O O   . HOH C 3 .   ? -7.025  9.970   11.079  1.00 18.52 ? 620 HOH A O   1 
HETATM 1676 O O   . HOH C 3 .   ? -0.983  -9.423  7.323   1.00 13.76 ? 621 HOH A O   1 
HETATM 1677 O O   . HOH C 3 .   ? -15.908 -1.749  7.539   1.00 22.31 ? 622 HOH A O   1 
HETATM 1678 O O   . HOH C 3 .   ? 13.875  7.203   -11.010 1.00 15.77 ? 623 HOH A O   1 
HETATM 1679 O O   . HOH C 3 .   ? 10.209  3.256   -5.508  1.00 18.57 ? 624 HOH A O   1 
HETATM 1680 O O   . HOH C 3 .   ? -1.079  4.665   9.972   1.00 12.41 ? 625 HOH A O   1 
HETATM 1681 O O   . HOH C 3 .   ? -9.787  -2.901  4.329   1.00 18.53 ? 626 HOH A O   1 
HETATM 1682 O O   . HOH C 3 .   ? 12.068  3.766   -3.379  1.00 20.09 ? 627 HOH A O   1 
HETATM 1683 O O   . HOH C 3 .   ? 10.219  16.639  -15.330 1.00 21.51 ? 628 HOH A O   1 
HETATM 1684 O O   . HOH C 3 .   ? 14.235  11.717  -2.258  1.00 18.20 ? 629 HOH A O   1 
HETATM 1685 O O   . HOH C 3 .   ? 1.229   12.466  -11.261 1.00 26.99 ? 630 HOH A O   1 
HETATM 1686 O O   . HOH C 3 .   ? 8.944   9.952   -13.372 1.00 13.87 ? 631 HOH A O   1 
HETATM 1687 O O   . HOH C 3 .   ? 11.710  14.712  -16.534 1.00 19.99 ? 632 HOH A O   1 
HETATM 1688 O O   . HOH C 3 .   ? -19.861 1.628   -2.661  1.00 31.09 ? 633 HOH A O   1 
HETATM 1689 O O   . HOH C 3 .   ? 2.786   17.660  -6.327  1.00 21.09 ? 634 HOH A O   1 
HETATM 1690 O O   . HOH C 3 .   ? -6.600  -16.522 0.807   1.00 20.18 ? 635 HOH A O   1 
HETATM 1691 O O   . HOH C 3 .   ? 1.366   3.570   18.595  1.00 20.45 ? 636 HOH A O   1 
HETATM 1692 O O   . HOH C 3 .   ? 3.923   -1.823  -21.332 1.00 24.06 ? 637 HOH A O   1 
HETATM 1693 O O   . HOH C 3 .   ? -4.556  3.247   5.818   1.00 14.84 ? 638 HOH A O   1 
HETATM 1694 O O   . HOH C 3 .   ? 13.305  -12.551 6.180   1.00 20.70 ? 639 HOH A O   1 
HETATM 1695 O O   . HOH C 3 .   ? -22.914 3.263   -1.380  1.00 16.46 ? 640 HOH A O   1 
HETATM 1696 O O   . HOH C 3 .   ? 16.118  -7.250  -7.243  1.00 27.41 ? 641 HOH A O   1 
HETATM 1697 O O   . HOH C 3 .   ? 11.619  -1.471  3.143   1.00 32.44 ? 642 HOH A O   1 
HETATM 1698 O O   . HOH C 3 .   ? 6.677   -12.295 -3.299  1.00 34.00 ? 643 HOH A O   1 
HETATM 1699 O O   . HOH C 3 .   ? 11.734  13.573  -19.161 1.00 19.29 ? 644 HOH A O   1 
HETATM 1700 O O   . HOH C 3 .   ? 0.929   -1.657  19.502  1.00 23.31 ? 645 HOH A O   1 
HETATM 1701 O O   . HOH C 3 .   ? -1.988  -1.408  20.595  1.00 26.36 ? 646 HOH A O   1 
HETATM 1702 O O   . HOH C 3 .   ? 2.164   -17.962 -13.333 1.00 27.41 ? 647 HOH A O   1 
HETATM 1703 O O   . HOH C 3 .   ? 1.560   -15.120 -14.174 1.00 19.52 ? 648 HOH A O   1 
HETATM 1704 O O   . HOH C 3 .   ? 8.150   10.895  -18.602 1.00 27.87 ? 649 HOH A O   1 
HETATM 1705 O O   . HOH C 3 .   ? 12.685  2.298   -6.454  1.00 20.70 ? 650 HOH A O   1 
HETATM 1706 O O   . HOH C 3 .   ? 14.563  14.469  -2.087  1.00 29.03 ? 651 HOH A O   1 
HETATM 1707 O O   . HOH C 3 .   ? 0.202   -16.040 6.053   1.00 36.87 ? 652 HOH A O   1 
HETATM 1708 O O   . HOH C 3 .   ? -9.063  -14.843 0.029   1.00 25.15 ? 653 HOH A O   1 
HETATM 1709 O O   . HOH C 3 .   ? -18.626 -7.784  3.868   1.00 27.52 ? 654 HOH A O   1 
HETATM 1710 O O   . HOH C 3 .   ? 16.006  7.394   -9.122  1.00 24.97 ? 655 HOH A O   1 
HETATM 1711 O O   . HOH C 3 .   ? 14.569  12.572  -6.127  1.00 30.81 ? 656 HOH A O   1 
HETATM 1712 O O   . HOH C 3 .   ? 4.832   -7.742  19.194  1.00 28.62 ? 657 HOH A O   1 
HETATM 1713 O O   . HOH C 3 .   ? 3.384   15.958  7.230   1.00 31.15 ? 658 HOH A O   1 
HETATM 1714 O O   . HOH C 3 .   ? 9.801   -4.513  10.743  1.00 30.35 ? 659 HOH A O   1 
HETATM 1715 O O   . HOH C 3 .   ? 17.532  9.526   -8.332  1.00 40.30 ? 660 HOH A O   1 
HETATM 1716 O O   . HOH C 3 .   ? -3.362  -6.805  16.263  1.00 34.21 ? 661 HOH A O   1 
HETATM 1717 O O   . HOH C 3 .   ? 0.486   -9.991  -19.326 1.00 26.82 ? 662 HOH A O   1 
HETATM 1718 O O   . HOH C 3 .   ? 5.673   11.924  -15.507 1.00 32.72 ? 663 HOH A O   1 
HETATM 1719 O O   . HOH C 3 .   ? -4.031  -17.465 3.032   1.00 35.58 ? 664 HOH A O   1 
HETATM 1720 O O   . HOH C 3 .   ? 13.487  -8.766  -6.389  1.00 25.95 ? 665 HOH A O   1 
HETATM 1721 O O   . HOH C 3 .   ? 13.504  -6.221  7.904   1.00 31.97 ? 666 HOH A O   1 
HETATM 1722 O O   . HOH C 3 .   ? -22.725 -3.244  1.654   1.00 35.89 ? 667 HOH A O   1 
HETATM 1723 O O   . HOH C 3 .   ? -9.925  -7.731  13.448  1.00 33.96 ? 668 HOH A O   1 
HETATM 1724 O O   . HOH C 3 .   ? -17.167 -3.952  7.976   1.00 35.24 ? 669 HOH A O   1 
# 
